data_3ILJ
# 
_entry.id   3ILJ 
# 
_audit_conform.dict_name       mmcif_pdbx.dic 
_audit_conform.dict_version    5.378 
_audit_conform.dict_location   http://mmcif.pdb.org/dictionaries/ascii/mmcif_pdbx.dic 
# 
loop_
_database_2.database_id 
_database_2.database_code 
_database_2.pdbx_database_accession 
_database_2.pdbx_DOI 
PDB   3ILJ         pdb_00003ilj 10.2210/pdb3ilj/pdb 
RCSB  RCSB054561   ?            ?                   
WWPDB D_1000054561 ?            ?                   
# 
loop_
_pdbx_database_related.db_name 
_pdbx_database_related.db_id 
_pdbx_database_related.details 
_pdbx_database_related.content_type 
PDB 1Q0N 'Crystal structure of E. coli HPPK in complex with MgAMPCPP and 6-hydroxymethyl-7,8-dihydropterin' unspecified 
PDB 3ILI .                                                                                                  unspecified 
PDB 3ILL .                                                                                                  unspecified 
PDB 3ILO .                                                                                                  unspecified 
# 
_pdbx_database_status.entry_id                        3ILJ 
_pdbx_database_status.status_code                     REL 
_pdbx_database_status.deposit_site                    RCSB 
_pdbx_database_status.process_site                    RCSB 
_pdbx_database_status.recvd_initial_deposition_date   2009-08-07 
_pdbx_database_status.status_code_sf                  REL 
_pdbx_database_status.status_code_mr                  ? 
_pdbx_database_status.SG_entry                        ? 
_pdbx_database_status.pdb_format_compatible           Y 
_pdbx_database_status.status_code_cs                  ? 
_pdbx_database_status.methods_development_category    ? 
_pdbx_database_status.status_code_nmr_data            ? 
# 
loop_
_audit_author.name 
_audit_author.pdbx_ordinal 
_audit_author.identifier_ORCID 
'Blaszczyk, J.' 1 ?                   
'Li, Y.'        2 ?                   
'Yan, H.'       3 ?                   
'Ji, X.'        4 0000-0001-6942-1514 
# 
loop_
_citation.id 
_citation.title 
_citation.journal_abbrev 
_citation.journal_volume 
_citation.page_first 
_citation.page_last 
_citation.year 
_citation.journal_id_ASTM 
_citation.country 
_citation.journal_id_ISSN 
_citation.journal_id_CSD 
_citation.book_publisher 
_citation.pdbx_database_id_PubMed 
_citation.pdbx_database_id_DOI 
primary 'Structural and functional roles of residues D95 and D97 in E. coli HPPK'                                          
'To be Published' ? ?    ?    ?    ? ? ? 0353 ? ?        ? 
1       'Catalytic center assembly of HPPK as revealed by the crystal structure of a ternary complex at 1.25 A resolution' 
'To Be Published' 8 1049 1058 2000 ? ? ? 0353 ? 11080626 ? 
# 
loop_
_citation_author.citation_id 
_citation_author.name 
_citation_author.ordinal 
_citation_author.identifier_ORCID 
primary 'Li, Y.'        1 ?                   
primary 'Blaszczyk, J.' 2 ?                   
primary 'Ji, X.'        3 0000-0001-6942-1514 
primary 'Yan, H.'       4 ?                   
1       'Blaszczyk, J.' 5 ?                   
1       'Shi, G.'       6 ?                   
1       'Yan, H.'       7 ?                   
1       'Ji, X.'        8 ?                   
# 
_cell.entry_id           3ILJ 
_cell.length_a           53.030 
_cell.length_b           70.210 
_cell.length_c           36.260 
_cell.angle_alpha        90.00 
_cell.angle_beta         90.00 
_cell.angle_gamma        90.00 
_cell.Z_PDB              4 
_cell.pdbx_unique_axis   ? 
_cell.length_a_esd       ? 
_cell.length_b_esd       ? 
_cell.length_c_esd       ? 
_cell.angle_alpha_esd    ? 
_cell.angle_beta_esd     ? 
_cell.angle_gamma_esd    ? 
# 
_symmetry.entry_id                         3ILJ 
_symmetry.space_group_name_H-M             'P 21 21 2' 
_symmetry.pdbx_full_space_group_name_H-M   ? 
_symmetry.cell_setting                     ? 
_symmetry.Int_Tables_number                18 
_symmetry.space_group_name_Hall            ? 
# 
loop_
_entity.id 
_entity.type 
_entity.src_method 
_entity.pdbx_description 
_entity.formula_weight 
_entity.pdbx_number_of_molecules 
_entity.pdbx_ec 
_entity.pdbx_mutation 
_entity.pdbx_fragment 
_entity.details 
1 polymer     man '2-amino-4-hydroxy-6-hydroxymethyldihydropteridine pyrophosphokinase' 17922.523 1   2.7.6.3 D95A ? ? 
2 non-polymer syn 'MAGNESIUM ION'                                                       24.305    1   ?       ?    ? ? 
3 non-polymer syn 'DIPHOSPHOMETHYLPHOSPHONIC ACID ADENOSYL ESTER'                       505.208   1   ?       ?    ? ? 
4 non-polymer syn 'CHLORIDE ION'                                                        35.453    1   ?       ?    ? ? 
5 non-polymer syn 'ACETATE ION'                                                         59.044    1   ?       ?    ? ? 
6 water       nat water                                                                 18.015    207 ?       ?    ? ? 
# 
_entity_name_com.entity_id   1 
_entity_name_com.name        
'7,8-dihydro-6-hydroxymethylpterin-pyrophosphokinase, HPPK, 6-hydroxymethyl-7,8-dihydropterin pyrophosphokinase, PPPK' 
# 
_entity_poly.entity_id                      1 
_entity_poly.type                           'polypeptide(L)' 
_entity_poly.nstd_linkage                   no 
_entity_poly.nstd_monomer                   no 
_entity_poly.pdbx_seq_one_letter_code       
;TVAYIAIGSNLASPLEQVNAALKALGDIPESHILTVSSFYRTPPLGPQDQPDYLNAAVALETSLAPEELLNHTQRIELQQ
GRVRKAERWGPRTLALDIMLFGNEVINTERLTVPHYDMKNRGFMLWPLFEIAPELVFPDGEMLRQILHTRAFDKLNKW
;
_entity_poly.pdbx_seq_one_letter_code_can   
;TVAYIAIGSNLASPLEQVNAALKALGDIPESHILTVSSFYRTPPLGPQDQPDYLNAAVALETSLAPEELLNHTQRIELQQ
GRVRKAERWGPRTLALDIMLFGNEVINTERLTVPHYDMKNRGFMLWPLFEIAPELVFPDGEMLRQILHTRAFDKLNKW
;
_entity_poly.pdbx_strand_id                 A 
_entity_poly.pdbx_target_identifier         ? 
# 
loop_
_entity_poly_seq.entity_id 
_entity_poly_seq.num 
_entity_poly_seq.mon_id 
_entity_poly_seq.hetero 
1 1   THR n 
1 2   VAL n 
1 3   ALA n 
1 4   TYR n 
1 5   ILE n 
1 6   ALA n 
1 7   ILE n 
1 8   GLY n 
1 9   SER n 
1 10  ASN n 
1 11  LEU n 
1 12  ALA n 
1 13  SER n 
1 14  PRO n 
1 15  LEU n 
1 16  GLU n 
1 17  GLN n 
1 18  VAL n 
1 19  ASN n 
1 20  ALA n 
1 21  ALA n 
1 22  LEU n 
1 23  LYS n 
1 24  ALA n 
1 25  LEU n 
1 26  GLY n 
1 27  ASP n 
1 28  ILE n 
1 29  PRO n 
1 30  GLU n 
1 31  SER n 
1 32  HIS n 
1 33  ILE n 
1 34  LEU n 
1 35  THR n 
1 36  VAL n 
1 37  SER n 
1 38  SER n 
1 39  PHE n 
1 40  TYR n 
1 41  ARG n 
1 42  THR n 
1 43  PRO n 
1 44  PRO n 
1 45  LEU n 
1 46  GLY n 
1 47  PRO n 
1 48  GLN n 
1 49  ASP n 
1 50  GLN n 
1 51  PRO n 
1 52  ASP n 
1 53  TYR n 
1 54  LEU n 
1 55  ASN n 
1 56  ALA n 
1 57  ALA n 
1 58  VAL n 
1 59  ALA n 
1 60  LEU n 
1 61  GLU n 
1 62  THR n 
1 63  SER n 
1 64  LEU n 
1 65  ALA n 
1 66  PRO n 
1 67  GLU n 
1 68  GLU n 
1 69  LEU n 
1 70  LEU n 
1 71  ASN n 
1 72  HIS n 
1 73  THR n 
1 74  GLN n 
1 75  ARG n 
1 76  ILE n 
1 77  GLU n 
1 78  LEU n 
1 79  GLN n 
1 80  GLN n 
1 81  GLY n 
1 82  ARG n 
1 83  VAL n 
1 84  ARG n 
1 85  LYS n 
1 86  ALA n 
1 87  GLU n 
1 88  ARG n 
1 89  TRP n 
1 90  GLY n 
1 91  PRO n 
1 92  ARG n 
1 93  THR n 
1 94  LEU n 
1 95  ALA n 
1 96  LEU n 
1 97  ASP n 
1 98  ILE n 
1 99  MET n 
1 100 LEU n 
1 101 PHE n 
1 102 GLY n 
1 103 ASN n 
1 104 GLU n 
1 105 VAL n 
1 106 ILE n 
1 107 ASN n 
1 108 THR n 
1 109 GLU n 
1 110 ARG n 
1 111 LEU n 
1 112 THR n 
1 113 VAL n 
1 114 PRO n 
1 115 HIS n 
1 116 TYR n 
1 117 ASP n 
1 118 MET n 
1 119 LYS n 
1 120 ASN n 
1 121 ARG n 
1 122 GLY n 
1 123 PHE n 
1 124 MET n 
1 125 LEU n 
1 126 TRP n 
1 127 PRO n 
1 128 LEU n 
1 129 PHE n 
1 130 GLU n 
1 131 ILE n 
1 132 ALA n 
1 133 PRO n 
1 134 GLU n 
1 135 LEU n 
1 136 VAL n 
1 137 PHE n 
1 138 PRO n 
1 139 ASP n 
1 140 GLY n 
1 141 GLU n 
1 142 MET n 
1 143 LEU n 
1 144 ARG n 
1 145 GLN n 
1 146 ILE n 
1 147 LEU n 
1 148 HIS n 
1 149 THR n 
1 150 ARG n 
1 151 ALA n 
1 152 PHE n 
1 153 ASP n 
1 154 LYS n 
1 155 LEU n 
1 156 ASN n 
1 157 LYS n 
1 158 TRP n 
# 
_entity_src_gen.entity_id                          1 
_entity_src_gen.pdbx_src_id                        1 
_entity_src_gen.pdbx_alt_source_flag               sample 
_entity_src_gen.pdbx_seq_type                      ? 
_entity_src_gen.pdbx_beg_seq_num                   ? 
_entity_src_gen.pdbx_end_seq_num                   ? 
_entity_src_gen.gene_src_common_name               ? 
_entity_src_gen.gene_src_genus                     ? 
_entity_src_gen.pdbx_gene_src_gene                 'b0142, foIK, folK, JW0138' 
_entity_src_gen.gene_src_species                   ? 
_entity_src_gen.gene_src_strain                    K-12 
_entity_src_gen.gene_src_tissue                    ? 
_entity_src_gen.gene_src_tissue_fraction           ? 
_entity_src_gen.gene_src_details                   ? 
_entity_src_gen.pdbx_gene_src_fragment             ? 
_entity_src_gen.pdbx_gene_src_scientific_name      'Escherichia coli' 
_entity_src_gen.pdbx_gene_src_ncbi_taxonomy_id     83333 
_entity_src_gen.pdbx_gene_src_variant              ? 
_entity_src_gen.pdbx_gene_src_cell_line            ? 
_entity_src_gen.pdbx_gene_src_atcc                 ? 
_entity_src_gen.pdbx_gene_src_organ                ? 
_entity_src_gen.pdbx_gene_src_organelle            ? 
_entity_src_gen.pdbx_gene_src_cell                 ? 
_entity_src_gen.pdbx_gene_src_cellular_location    ? 
_entity_src_gen.host_org_common_name               ? 
_entity_src_gen.pdbx_host_org_scientific_name      'Escherichia coli' 
_entity_src_gen.pdbx_host_org_ncbi_taxonomy_id     562 
_entity_src_gen.host_org_genus                     ? 
_entity_src_gen.pdbx_host_org_gene                 ? 
_entity_src_gen.pdbx_host_org_organ                ? 
_entity_src_gen.host_org_species                   ? 
_entity_src_gen.pdbx_host_org_tissue               ? 
_entity_src_gen.pdbx_host_org_tissue_fraction      ? 
_entity_src_gen.pdbx_host_org_strain               'BL21(DE3)' 
_entity_src_gen.pdbx_host_org_variant              ? 
_entity_src_gen.pdbx_host_org_cell_line            ? 
_entity_src_gen.pdbx_host_org_atcc                 ? 
_entity_src_gen.pdbx_host_org_culture_collection   ? 
_entity_src_gen.pdbx_host_org_cell                 ? 
_entity_src_gen.pdbx_host_org_organelle            ? 
_entity_src_gen.pdbx_host_org_cellular_location    ? 
_entity_src_gen.pdbx_host_org_vector_type          plasmid 
_entity_src_gen.pdbx_host_org_vector               ? 
_entity_src_gen.host_org_details                   ? 
_entity_src_gen.expression_system_id               ? 
_entity_src_gen.plasmid_name                       pET17b 
_entity_src_gen.plasmid_details                    ? 
_entity_src_gen.pdbx_description                   ? 
# 
_struct_ref.id                         1 
_struct_ref.db_name                    UNP 
_struct_ref.db_code                    HPPK_ECOLI 
_struct_ref.pdbx_db_accession          P26281 
_struct_ref.entity_id                  1 
_struct_ref.pdbx_seq_one_letter_code   
;TVAYIAIGSNLASPLEQVNAALKALGDIPESHILTVSSFYRTPPLGPQDQPDYLNAAVALETSLAPEELLNHTQRIELQQ
GRVRKAERWGPRTLDLDIMLFGNEVINTERLTVPHYDMKNRGFMLWPLFEIAPELVFPDGEMLRQILHTRAFDKLNKW
;
_struct_ref.pdbx_align_begin           2 
_struct_ref.pdbx_db_isoform            ? 
# 
_struct_ref_seq.align_id                      1 
_struct_ref_seq.ref_id                        1 
_struct_ref_seq.pdbx_PDB_id_code              3ILJ 
_struct_ref_seq.pdbx_strand_id                A 
_struct_ref_seq.seq_align_beg                 1 
_struct_ref_seq.pdbx_seq_align_beg_ins_code   ? 
_struct_ref_seq.seq_align_end                 158 
_struct_ref_seq.pdbx_seq_align_end_ins_code   ? 
_struct_ref_seq.pdbx_db_accession             P26281 
_struct_ref_seq.db_align_beg                  2 
_struct_ref_seq.pdbx_db_align_beg_ins_code    ? 
_struct_ref_seq.db_align_end                  159 
_struct_ref_seq.pdbx_db_align_end_ins_code    ? 
_struct_ref_seq.pdbx_auth_seq_align_beg       1 
_struct_ref_seq.pdbx_auth_seq_align_end       158 
# 
_struct_ref_seq_dif.align_id                     1 
_struct_ref_seq_dif.pdbx_pdb_id_code             3ILJ 
_struct_ref_seq_dif.mon_id                       ALA 
_struct_ref_seq_dif.pdbx_pdb_strand_id           A 
_struct_ref_seq_dif.seq_num                      95 
_struct_ref_seq_dif.pdbx_pdb_ins_code            ? 
_struct_ref_seq_dif.pdbx_seq_db_name             UNP 
_struct_ref_seq_dif.pdbx_seq_db_accession_code   P26281 
_struct_ref_seq_dif.db_mon_id                    ASP 
_struct_ref_seq_dif.pdbx_seq_db_seq_num          96 
_struct_ref_seq_dif.details                      'engineered mutation' 
_struct_ref_seq_dif.pdbx_auth_seq_num            95 
_struct_ref_seq_dif.pdbx_ordinal                 1 
# 
loop_
_chem_comp.id 
_chem_comp.type 
_chem_comp.mon_nstd_flag 
_chem_comp.name 
_chem_comp.pdbx_synonyms 
_chem_comp.formula 
_chem_comp.formula_weight 
ACT non-polymer         . 'ACETATE ION'                                   ?                                               
'C2 H3 O2 -1'       59.044  
ALA 'L-peptide linking' y ALANINE                                         ?                                               
'C3 H7 N O2'        89.093  
APC non-polymer         . 'DIPHOSPHOMETHYLPHOSPHONIC ACID ADENOSYL ESTER' "ALPHA,BETA-METHYLENEADENOSINE-5'-TRIPHOSPHATE" 
'C11 H18 N5 O12 P3' 505.208 
ARG 'L-peptide linking' y ARGININE                                        ?                                               
'C6 H15 N4 O2 1'    175.209 
ASN 'L-peptide linking' y ASPARAGINE                                      ?                                               
'C4 H8 N2 O3'       132.118 
ASP 'L-peptide linking' y 'ASPARTIC ACID'                                 ?                                               
'C4 H7 N O4'        133.103 
CL  non-polymer         . 'CHLORIDE ION'                                  ?                                               'Cl -1' 
35.453  
GLN 'L-peptide linking' y GLUTAMINE                                       ?                                               
'C5 H10 N2 O3'      146.144 
GLU 'L-peptide linking' y 'GLUTAMIC ACID'                                 ?                                               
'C5 H9 N O4'        147.129 
GLY 'peptide linking'   y GLYCINE                                         ?                                               
'C2 H5 N O2'        75.067  
HIS 'L-peptide linking' y HISTIDINE                                       ?                                               
'C6 H10 N3 O2 1'    156.162 
HOH non-polymer         . WATER                                           ?                                               'H2 O' 
18.015  
ILE 'L-peptide linking' y ISOLEUCINE                                      ?                                               
'C6 H13 N O2'       131.173 
LEU 'L-peptide linking' y LEUCINE                                         ?                                               
'C6 H13 N O2'       131.173 
LYS 'L-peptide linking' y LYSINE                                          ?                                               
'C6 H15 N2 O2 1'    147.195 
MET 'L-peptide linking' y METHIONINE                                      ?                                               
'C5 H11 N O2 S'     149.211 
MG  non-polymer         . 'MAGNESIUM ION'                                 ?                                               'Mg 2' 
24.305  
PHE 'L-peptide linking' y PHENYLALANINE                                   ?                                               
'C9 H11 N O2'       165.189 
PRO 'L-peptide linking' y PROLINE                                         ?                                               
'C5 H9 N O2'        115.130 
SER 'L-peptide linking' y SERINE                                          ?                                               
'C3 H7 N O3'        105.093 
THR 'L-peptide linking' y THREONINE                                       ?                                               
'C4 H9 N O3'        119.119 
TRP 'L-peptide linking' y TRYPTOPHAN                                      ?                                               
'C11 H12 N2 O2'     204.225 
TYR 'L-peptide linking' y TYROSINE                                        ?                                               
'C9 H11 N O3'       181.189 
VAL 'L-peptide linking' y VALINE                                          ?                                               
'C5 H11 N O2'       117.146 
# 
_exptl.crystals_number   1 
_exptl.entry_id          3ILJ 
_exptl.method            'X-RAY DIFFRACTION' 
# 
_exptl_crystal.id                    1 
_exptl_crystal.density_Matthews      1.88 
_exptl_crystal.density_meas          ? 
_exptl_crystal.density_percent_sol   34.68 
_exptl_crystal.description           ? 
_exptl_crystal.F_000                 ? 
_exptl_crystal.preparation           ? 
# 
_exptl_crystal_grow.crystal_id      1 
_exptl_crystal_grow.method          'VAPOR DIFFUSION, HANGING DROP' 
_exptl_crystal_grow.pH              4.6 
_exptl_crystal_grow.temp            292 
_exptl_crystal_grow.pdbx_details    
'PEG 4000, Sodium acetate, Ammonium acetate, glycerol., pH 4.6, VAPOR DIFFUSION, HANGING DROP, temperature 292K' 
_exptl_crystal_grow.temp_details    ? 
_exptl_crystal_grow.pdbx_pH_range   ? 
# 
_diffrn.id                     1 
_diffrn.ambient_temp           100 
_diffrn.ambient_temp_details   ? 
_diffrn.crystal_id             1 
# 
_diffrn_detector.diffrn_id              1 
_diffrn_detector.detector               CCD 
_diffrn_detector.type                   'ADSC QUANTUM 4' 
_diffrn_detector.pdbx_collection_date   2000-10-01 
_diffrn_detector.details                mirrors 
# 
_diffrn_radiation.diffrn_id                        1 
_diffrn_radiation.pdbx_diffrn_protocol             'SINGLE WAVELENGTH' 
_diffrn_radiation.monochromator                    'Silicon 111' 
_diffrn_radiation.wavelength_id                    1 
_diffrn_radiation.pdbx_monochromatic_or_laue_m_l   M 
_diffrn_radiation.pdbx_scattering_type             x-ray 
# 
_diffrn_radiation_wavelength.id           1 
_diffrn_radiation_wavelength.wavelength   0.97793 
_diffrn_radiation_wavelength.wt           1.0 
# 
_diffrn_source.diffrn_id                   1 
_diffrn_source.source                      SYNCHROTRON 
_diffrn_source.type                        'NSLS BEAMLINE X9B' 
_diffrn_source.pdbx_wavelength_list        0.97793 
_diffrn_source.pdbx_wavelength             ? 
_diffrn_source.pdbx_synchrotron_site       NSLS 
_diffrn_source.pdbx_synchrotron_beamline   X9B 
# 
_reflns.entry_id                     3ILJ 
_reflns.d_resolution_high            1.650 
_reflns.d_resolution_low             30.000 
_reflns.number_obs                   16620 
_reflns.pdbx_Rmerge_I_obs            0.129 
_reflns.pdbx_netI_over_sigmaI        5.700 
_reflns.pdbx_chi_squared             0.940 
_reflns.percent_possible_obs         97.700 
_reflns.observed_criterion_sigma_F   -6.0 
_reflns.observed_criterion_sigma_I   -3.0 
_reflns.number_all                   16620 
_reflns.pdbx_Rsym_value              ? 
_reflns.B_iso_Wilson_estimate        14.8 
_reflns.pdbx_redundancy              4.3 
_reflns.R_free_details               ? 
_reflns.limit_h_max                  ? 
_reflns.limit_h_min                  ? 
_reflns.limit_k_max                  ? 
_reflns.limit_k_min                  ? 
_reflns.limit_l_max                  ? 
_reflns.limit_l_min                  ? 
_reflns.observed_criterion_F_max     ? 
_reflns.observed_criterion_F_min     ? 
_reflns.pdbx_scaling_rejects         ? 
_reflns.pdbx_diffrn_id               1 
_reflns.pdbx_ordinal                 1 
# 
_reflns_shell.d_res_high             1.65 
_reflns_shell.d_res_low              1.71 
_reflns_shell.number_measured_obs    ? 
_reflns_shell.number_measured_all    ? 
_reflns_shell.number_unique_obs      ? 
_reflns_shell.Rmerge_I_obs           0.386 
_reflns_shell.meanI_over_sigI_obs    2.2 
_reflns_shell.pdbx_Rsym_value        ? 
_reflns_shell.pdbx_chi_squared       0.696 
_reflns_shell.pdbx_redundancy        3.3 
_reflns_shell.percent_possible_obs   ? 
_reflns_shell.number_unique_all      1504 
_reflns_shell.percent_possible_all   90.90 
_reflns_shell.pdbx_diffrn_id         ? 
_reflns_shell.pdbx_ordinal           1 
# 
_refine.entry_id                                 3ILJ 
_refine.ls_d_res_high                            1.65 
_refine.ls_d_res_low                             29.272 
_refine.pdbx_ls_sigma_F                          1.37 
_refine.pdbx_data_cutoff_high_absF               ? 
_refine.pdbx_data_cutoff_low_absF                ? 
_refine.ls_percent_reflns_obs                    98.030 
_refine.ls_number_reflns_obs                     16596 
_refine.ls_number_reflns_all                     16596 
_refine.pdbx_ls_cross_valid_method               THROUGHOUT 
_refine.pdbx_R_Free_selection_details            Random 
_refine.details                                  
'The structure was refined for a total of 47 cycles, including 7 cycles with CNS, 15 cycles with SHELX, and 25 cycles with PHENIX.' 
_refine.ls_R_factor_all                          ? 
_refine.ls_R_factor_obs                          0.184 
_refine.ls_R_factor_R_work                       0.182 
_refine.ls_wR_factor_R_work                      ? 
_refine.ls_R_factor_R_free                       0.225 
_refine.ls_wR_factor_R_free                      ? 
_refine.ls_percent_reflns_R_free                 6.030 
_refine.ls_number_reflns_R_free                  1000 
_refine.ls_R_factor_R_free_error                 ? 
_refine.B_iso_mean                               17.241 
_refine.solvent_model_param_bsol                 54.646 
_refine.solvent_model_param_ksol                 0.307 
_refine.pdbx_isotropic_thermal_model             Isotropic 
_refine.aniso_B[1][1]                            -0.628 
_refine.aniso_B[2][2]                            1.143 
_refine.aniso_B[3][3]                            -0.515 
_refine.aniso_B[1][2]                            0.000 
_refine.aniso_B[1][3]                            0.000 
_refine.aniso_B[2][3]                            -0.000 
_refine.correlation_coeff_Fo_to_Fc               ? 
_refine.correlation_coeff_Fo_to_Fc_free          ? 
_refine.overall_SU_R_Cruickshank_DPI             ? 
_refine.overall_SU_R_free                        ? 
_refine.pdbx_overall_ESU_R                       ? 
_refine.pdbx_overall_ESU_R_Free                  ? 
_refine.overall_SU_ML                            0.220 
_refine.overall_SU_B                             ? 
_refine.solvent_model_details                    'FLAT BULK SOLVENT MODEL' 
_refine.pdbx_solvent_vdw_probe_radii             1.110 
_refine.pdbx_solvent_ion_probe_radii             ? 
_refine.pdbx_solvent_shrinkage_radii             0.900 
_refine.ls_number_parameters                     ? 
_refine.ls_number_restraints                     ? 
_refine.pdbx_starting_model                      'PDB entry 1Q0N' 
_refine.pdbx_method_to_determine_struct          'MOLECULAR REPLACEMENT' 
_refine.pdbx_stereochemistry_target_values       ML 
_refine.pdbx_stereochem_target_val_spec_case     ? 
_refine.overall_FOM_work_R_set                   ? 
_refine.B_iso_max                                66.16 
_refine.B_iso_min                                3.16 
_refine.occupancy_max                            1.00 
_refine.occupancy_min                            0.24 
_refine.pdbx_ls_sigma_I                          ? 
_refine.ls_redundancy_reflns_obs                 ? 
_refine.ls_R_factor_R_free_error_details         ? 
_refine.pdbx_data_cutoff_high_rms_absF           ? 
_refine.overall_FOM_free_R_set                   ? 
_refine.pdbx_overall_phase_error                 ? 
_refine.pdbx_refine_id                           'X-RAY DIFFRACTION' 
_refine.pdbx_diffrn_id                           1 
_refine.pdbx_TLS_residual_ADP_flag               ? 
_refine.pdbx_overall_SU_R_free_Cruickshank_DPI   ? 
_refine.pdbx_overall_SU_R_Blow_DPI               ? 
_refine.pdbx_overall_SU_R_free_Blow_DPI          ? 
# 
_refine_analyze.entry_id                        3ILJ 
_refine_analyze.Luzzati_coordinate_error_obs    0.22 
_refine_analyze.Luzzati_sigma_a_obs             ? 
_refine_analyze.Luzzati_d_res_low_obs           ? 
_refine_analyze.Luzzati_coordinate_error_free   ? 
_refine_analyze.Luzzati_sigma_a_free            ? 
_refine_analyze.Luzzati_d_res_low_free          ? 
_refine_analyze.number_disordered_residues      ? 
_refine_analyze.occupancy_sum_non_hydrogen      ? 
_refine_analyze.occupancy_sum_hydrogen          ? 
_refine_analyze.pdbx_Luzzati_d_res_high_obs     ? 
_refine_analyze.pdbx_refine_id                  'X-RAY DIFFRACTION' 
# 
_refine_hist.pdbx_refine_id                   'X-RAY DIFFRACTION' 
_refine_hist.cycle_id                         LAST 
_refine_hist.pdbx_number_atoms_protein        1264 
_refine_hist.pdbx_number_atoms_nucleic_acid   0 
_refine_hist.pdbx_number_atoms_ligand         37 
_refine_hist.number_atoms_solvent             207 
_refine_hist.number_atoms_total               1508 
_refine_hist.d_res_high                       1.65 
_refine_hist.d_res_low                        29.272 
# 
loop_
_refine_ls_restr.type 
_refine_ls_restr.number 
_refine_ls_restr.dev_ideal 
_refine_ls_restr.dev_ideal_target 
_refine_ls_restr.weight 
_refine_ls_restr.pdbx_refine_id 
_refine_ls_restr.pdbx_restraint_function 
f_bond_d           1393 0.006  ? ? 'X-RAY DIFFRACTION' ? 
f_angle_d          1915 1.119  ? ? 'X-RAY DIFFRACTION' ? 
f_chiral_restr     213  0.067  ? ? 'X-RAY DIFFRACTION' ? 
f_plane_restr      242  0.005  ? ? 'X-RAY DIFFRACTION' ? 
f_dihedral_angle_d 570  17.333 ? ? 'X-RAY DIFFRACTION' ? 
# 
loop_
_refine_ls_shell.d_res_high 
_refine_ls_shell.d_res_low 
_refine_ls_shell.pdbx_total_number_of_bins_used 
_refine_ls_shell.percent_reflns_obs 
_refine_ls_shell.number_reflns_R_work 
_refine_ls_shell.R_factor_all 
_refine_ls_shell.R_factor_R_work 
_refine_ls_shell.R_factor_R_free 
_refine_ls_shell.percent_reflns_R_free 
_refine_ls_shell.number_reflns_R_free 
_refine_ls_shell.R_factor_R_free_error 
_refine_ls_shell.number_reflns_all 
_refine_ls_shell.number_reflns_obs 
_refine_ls_shell.redundancy_reflns_obs 
_refine_ls_shell.pdbx_refine_id 
1.65  1.735  7 93.000  2072 . 0.215 0.257 . 133 . 2205 2205 . 'X-RAY DIFFRACTION' 
1.735 1.844  7 97.000  2154 . 0.212 0.255 . 138 . 2292 2292 . 'X-RAY DIFFRACTION' 
1.844 1.987  7 99.000  2204 . 0.198 0.276 . 141 . 2345 2345 . 'X-RAY DIFFRACTION' 
1.987 2.186  7 99.000  2222 . 0.170 0.214 . 143 . 2365 2365 . 'X-RAY DIFFRACTION' 
2.186 2.503  7 99.000  2264 . 0.173 0.226 . 145 . 2409 2409 . 'X-RAY DIFFRACTION' 
2.503 3.152  7 99.000  2279 . 0.172 0.256 . 146 . 2425 2425 . 'X-RAY DIFFRACTION' 
3.152 29.276 7 100.000 2401 . 0.173 0.178 . 154 . 2555 2555 . 'X-RAY DIFFRACTION' 
# 
_struct.entry_id                  3ILJ 
_struct.title                     'Crystal structure of E. coli HPPK(D95A) in complex with MgAMPCPP' 
_struct.pdbx_model_details        ? 
_struct.pdbx_CASP_flag            ? 
_struct.pdbx_model_type_details   ? 
# 
_struct_keywords.entry_id        3ILJ 
_struct_keywords.text            'alpha beta, ATP-binding, Folate biosynthesis, Kinase, Nucleotide-binding, Transferase' 
_struct_keywords.pdbx_keywords   TRANSFERASE 
# 
loop_
_struct_asym.id 
_struct_asym.pdbx_blank_PDB_chainid_flag 
_struct_asym.pdbx_modified 
_struct_asym.entity_id 
_struct_asym.details 
A N N 1 ? 
B N N 2 ? 
C N N 3 ? 
D N N 4 ? 
E N N 5 ? 
F N N 6 ? 
# 
_struct_biol.id        1 
_struct_biol.details   ? 
# 
loop_
_struct_conf.conf_type_id 
_struct_conf.id 
_struct_conf.pdbx_PDB_helix_id 
_struct_conf.beg_label_comp_id 
_struct_conf.beg_label_asym_id 
_struct_conf.beg_label_seq_id 
_struct_conf.pdbx_beg_PDB_ins_code 
_struct_conf.end_label_comp_id 
_struct_conf.end_label_asym_id 
_struct_conf.end_label_seq_id 
_struct_conf.pdbx_end_PDB_ins_code 
_struct_conf.beg_auth_comp_id 
_struct_conf.beg_auth_asym_id 
_struct_conf.beg_auth_seq_id 
_struct_conf.end_auth_comp_id 
_struct_conf.end_auth_asym_id 
_struct_conf.end_auth_seq_id 
_struct_conf.pdbx_PDB_helix_class 
_struct_conf.details 
_struct_conf.pdbx_PDB_helix_length 
HELX_P HELX_P1 1 PRO A 14  ? ASP A 27  ? PRO A 14  ASP A 27  1 ? 14 
HELX_P HELX_P2 2 ALA A 65  ? GLY A 81  ? ALA A 65  GLY A 81  1 ? 17 
HELX_P HELX_P3 3 ASP A 117 ? ASN A 120 ? ASP A 117 ASN A 120 5 ? 4  
HELX_P HELX_P4 4 ARG A 121 ? ALA A 132 ? ARG A 121 ALA A 132 1 ? 12 
HELX_P HELX_P5 5 MET A 142 ? ALA A 151 ? MET A 142 ALA A 151 1 ? 10 
# 
_struct_conf_type.id          HELX_P 
_struct_conf_type.criteria    ? 
_struct_conf_type.reference   ? 
# 
loop_
_struct_conn.id 
_struct_conn.conn_type_id 
_struct_conn.pdbx_leaving_atom_flag 
_struct_conn.pdbx_PDB_id 
_struct_conn.ptnr1_label_asym_id 
_struct_conn.ptnr1_label_comp_id 
_struct_conn.ptnr1_label_seq_id 
_struct_conn.ptnr1_label_atom_id 
_struct_conn.pdbx_ptnr1_label_alt_id 
_struct_conn.pdbx_ptnr1_PDB_ins_code 
_struct_conn.pdbx_ptnr1_standard_comp_id 
_struct_conn.ptnr1_symmetry 
_struct_conn.ptnr2_label_asym_id 
_struct_conn.ptnr2_label_comp_id 
_struct_conn.ptnr2_label_seq_id 
_struct_conn.ptnr2_label_atom_id 
_struct_conn.pdbx_ptnr2_label_alt_id 
_struct_conn.pdbx_ptnr2_PDB_ins_code 
_struct_conn.ptnr1_auth_asym_id 
_struct_conn.ptnr1_auth_comp_id 
_struct_conn.ptnr1_auth_seq_id 
_struct_conn.ptnr2_auth_asym_id 
_struct_conn.ptnr2_auth_comp_id 
_struct_conn.ptnr2_auth_seq_id 
_struct_conn.ptnr2_symmetry 
_struct_conn.pdbx_ptnr3_label_atom_id 
_struct_conn.pdbx_ptnr3_label_seq_id 
_struct_conn.pdbx_ptnr3_label_comp_id 
_struct_conn.pdbx_ptnr3_label_asym_id 
_struct_conn.pdbx_ptnr3_label_alt_id 
_struct_conn.pdbx_ptnr3_PDB_ins_code 
_struct_conn.details 
_struct_conn.pdbx_dist_value 
_struct_conn.pdbx_value_order 
_struct_conn.pdbx_role 
metalc1 metalc ? ? A ASP 97 OD1 ? ? ? 1_555 B MG  . MG  ? ? A ASP 97  A MG  161 1_555 ? ? ? ? ? ? ? 2.211 ? ? 
metalc2 metalc ? ? B MG  .  MG  ? ? ? 1_555 C APC . O1G B ? A MG  161 A APC 171 1_555 ? ? ? ? ? ? ? 2.351 ? ? 
metalc3 metalc ? ? B MG  .  MG  ? ? ? 1_555 C APC . O1B B ? A MG  161 A APC 171 1_555 ? ? ? ? ? ? ? 2.344 ? ? 
metalc4 metalc ? ? B MG  .  MG  ? ? ? 1_555 F HOH . O   ? ? A MG  161 A HOH 201 1_555 ? ? ? ? ? ? ? 2.468 ? ? 
metalc5 metalc ? ? B MG  .  MG  ? ? ? 1_555 F HOH . O   ? ? A MG  161 A HOH 202 1_555 ? ? ? ? ? ? ? 2.494 ? ? 
metalc6 metalc ? ? B MG  .  MG  ? ? ? 1_555 F HOH . O   ? ? A MG  161 A HOH 203 1_555 ? ? ? ? ? ? ? 2.398 ? ? 
# 
_struct_conn_type.id          metalc 
_struct_conn_type.criteria    ? 
_struct_conn_type.reference   ? 
# 
_struct_mon_prot_cis.pdbx_id                1 
_struct_mon_prot_cis.label_comp_id          VAL 
_struct_mon_prot_cis.label_seq_id           113 
_struct_mon_prot_cis.label_asym_id          A 
_struct_mon_prot_cis.label_alt_id           . 
_struct_mon_prot_cis.pdbx_PDB_ins_code      ? 
_struct_mon_prot_cis.auth_comp_id           VAL 
_struct_mon_prot_cis.auth_seq_id            113 
_struct_mon_prot_cis.auth_asym_id           A 
_struct_mon_prot_cis.pdbx_label_comp_id_2   PRO 
_struct_mon_prot_cis.pdbx_label_seq_id_2    114 
_struct_mon_prot_cis.pdbx_label_asym_id_2   A 
_struct_mon_prot_cis.pdbx_PDB_ins_code_2    ? 
_struct_mon_prot_cis.pdbx_auth_comp_id_2    PRO 
_struct_mon_prot_cis.pdbx_auth_seq_id_2     114 
_struct_mon_prot_cis.pdbx_auth_asym_id_2    A 
_struct_mon_prot_cis.pdbx_PDB_model_num     1 
_struct_mon_prot_cis.pdbx_omega_angle       -1.62 
# 
loop_
_struct_sheet.id 
_struct_sheet.type 
_struct_sheet.number_strands 
_struct_sheet.details 
A ? 4 ? 
B ? 4 ? 
C ? 2 ? 
# 
loop_
_struct_sheet_order.sheet_id 
_struct_sheet_order.range_id_1 
_struct_sheet_order.range_id_2 
_struct_sheet_order.offset 
_struct_sheet_order.sense 
A 1 2 ? anti-parallel 
A 2 3 ? anti-parallel 
A 3 4 ? anti-parallel 
B 1 2 ? anti-parallel 
B 2 3 ? anti-parallel 
B 3 4 ? anti-parallel 
C 1 2 ? anti-parallel 
# 
loop_
_struct_sheet_range.sheet_id 
_struct_sheet_range.id 
_struct_sheet_range.beg_label_comp_id 
_struct_sheet_range.beg_label_asym_id 
_struct_sheet_range.beg_label_seq_id 
_struct_sheet_range.pdbx_beg_PDB_ins_code 
_struct_sheet_range.end_label_comp_id 
_struct_sheet_range.end_label_asym_id 
_struct_sheet_range.end_label_seq_id 
_struct_sheet_range.pdbx_end_PDB_ins_code 
_struct_sheet_range.beg_auth_comp_id 
_struct_sheet_range.beg_auth_asym_id 
_struct_sheet_range.beg_auth_seq_id 
_struct_sheet_range.end_auth_comp_id 
_struct_sheet_range.end_auth_asym_id 
_struct_sheet_range.end_auth_seq_id 
A 1 SER A 31  ? VAL A 36  ? SER A 31  VAL A 36  
A 2 TYR A 53  ? THR A 62  ? TYR A 53  THR A 62  
A 3 VAL A 2   ? SER A 9   ? VAL A 2   SER A 9   
A 4 LEU A 94  ? PHE A 101 ? LEU A 94  PHE A 101 
B 1 SER A 31  ? VAL A 36  ? SER A 31  VAL A 36  
B 2 TYR A 53  ? THR A 62  ? TYR A 53  THR A 62  
B 3 TYR A 40  ? THR A 42  ? TYR A 40  THR A 42  
B 4 ASN A 156 ? LYS A 157 ? ASN A 156 LYS A 157 
C 1 ILE A 106 ? ASN A 107 ? ILE A 106 ASN A 107 
C 2 THR A 112 ? VAL A 113 ? THR A 112 VAL A 113 
# 
loop_
_pdbx_struct_sheet_hbond.sheet_id 
_pdbx_struct_sheet_hbond.range_id_1 
_pdbx_struct_sheet_hbond.range_id_2 
_pdbx_struct_sheet_hbond.range_1_label_atom_id 
_pdbx_struct_sheet_hbond.range_1_label_comp_id 
_pdbx_struct_sheet_hbond.range_1_label_asym_id 
_pdbx_struct_sheet_hbond.range_1_label_seq_id 
_pdbx_struct_sheet_hbond.range_1_PDB_ins_code 
_pdbx_struct_sheet_hbond.range_1_auth_atom_id 
_pdbx_struct_sheet_hbond.range_1_auth_comp_id 
_pdbx_struct_sheet_hbond.range_1_auth_asym_id 
_pdbx_struct_sheet_hbond.range_1_auth_seq_id 
_pdbx_struct_sheet_hbond.range_2_label_atom_id 
_pdbx_struct_sheet_hbond.range_2_label_comp_id 
_pdbx_struct_sheet_hbond.range_2_label_asym_id 
_pdbx_struct_sheet_hbond.range_2_label_seq_id 
_pdbx_struct_sheet_hbond.range_2_PDB_ins_code 
_pdbx_struct_sheet_hbond.range_2_auth_atom_id 
_pdbx_struct_sheet_hbond.range_2_auth_comp_id 
_pdbx_struct_sheet_hbond.range_2_auth_asym_id 
_pdbx_struct_sheet_hbond.range_2_auth_seq_id 
A 1 2 N LEU A 34  ? N LEU A 34  O ALA A 59  ? O ALA A 59  
A 2 3 O LEU A 60  ? O LEU A 60  N ALA A 3   ? N ALA A 3   
A 3 4 N ALA A 6   ? N ALA A 6   O ASP A 97  ? O ASP A 97  
B 1 2 N LEU A 34  ? N LEU A 34  O ALA A 59  ? O ALA A 59  
B 2 3 O ASN A 55  ? O ASN A 55  N TYR A 40  ? N TYR A 40  
B 3 4 N ARG A 41  ? N ARG A 41  O ASN A 156 ? O ASN A 156 
C 1 2 N ILE A 106 ? N ILE A 106 O VAL A 113 ? O VAL A 113 
# 
loop_
_struct_site.id 
_struct_site.pdbx_evidence_code 
_struct_site.pdbx_auth_asym_id 
_struct_site.pdbx_auth_comp_id 
_struct_site.pdbx_auth_seq_id 
_struct_site.pdbx_auth_ins_code 
_struct_site.pdbx_num_residues 
_struct_site.details 
AC1 Software A MG  161 ? 5  'BINDING SITE FOR RESIDUE MG A 161'  
AC2 Software A APC 171 ? 26 'BINDING SITE FOR RESIDUE APC A 171' 
AC3 Software A CL  191 ? 5  'BINDING SITE FOR RESIDUE CL A 191'  
AC4 Software A ACT 192 ? 4  'BINDING SITE FOR RESIDUE ACT A 192' 
# 
loop_
_struct_site_gen.id 
_struct_site_gen.site_id 
_struct_site_gen.pdbx_num_res 
_struct_site_gen.label_comp_id 
_struct_site_gen.label_asym_id 
_struct_site_gen.label_seq_id 
_struct_site_gen.pdbx_auth_ins_code 
_struct_site_gen.auth_comp_id 
_struct_site_gen.auth_asym_id 
_struct_site_gen.auth_seq_id 
_struct_site_gen.label_atom_id 
_struct_site_gen.label_alt_id 
_struct_site_gen.symmetry 
_struct_site_gen.details 
1  AC1 5  ASP A 97  ? ASP A 97  . ? 1_555 ? 
2  AC1 5  APC C .   ? APC A 171 . ? 1_555 ? 
3  AC1 5  HOH F .   ? HOH A 201 . ? 1_555 ? 
4  AC1 5  HOH F .   ? HOH A 202 . ? 1_555 ? 
5  AC1 5  HOH F .   ? HOH A 203 . ? 1_555 ? 
6  AC2 26 LYS A 23  ? LYS A 23  . ? 4_456 ? 
7  AC2 26 ASP A 27  ? ASP A 27  . ? 4_456 ? 
8  AC2 26 GLN A 74  ? GLN A 74  . ? 1_555 ? 
9  AC2 26 ARG A 88  ? ARG A 88  . ? 1_555 ? 
10 AC2 26 PRO A 91  ? PRO A 91  . ? 1_555 ? 
11 AC2 26 ARG A 92  ? ARG A 92  . ? 1_555 ? 
12 AC2 26 ASP A 97  ? ASP A 97  . ? 1_555 ? 
13 AC2 26 ILE A 98  ? ILE A 98  . ? 1_555 ? 
14 AC2 26 ARG A 110 ? ARG A 110 . ? 1_555 ? 
15 AC2 26 LEU A 111 ? LEU A 111 . ? 1_555 ? 
16 AC2 26 THR A 112 ? THR A 112 . ? 1_555 ? 
17 AC2 26 HIS A 115 ? HIS A 115 . ? 1_555 ? 
18 AC2 26 TYR A 116 ? TYR A 116 . ? 1_555 ? 
19 AC2 26 ARG A 121 ? ARG A 121 . ? 1_555 ? 
20 AC2 26 HIS A 148 ? HIS A 148 . ? 1_556 ? 
21 AC2 26 MG  B .   ? MG  A 161 . ? 1_555 ? 
22 AC2 26 HOH F .   ? HOH A 201 . ? 1_555 ? 
23 AC2 26 HOH F .   ? HOH A 202 . ? 1_555 ? 
24 AC2 26 HOH F .   ? HOH A 203 . ? 1_555 ? 
25 AC2 26 HOH F .   ? HOH A 205 . ? 1_555 ? 
26 AC2 26 HOH F .   ? HOH A 257 . ? 1_555 ? 
27 AC2 26 HOH F .   ? HOH A 280 . ? 1_555 ? 
28 AC2 26 HOH F .   ? HOH A 334 . ? 1_555 ? 
29 AC2 26 HOH F .   ? HOH A 339 . ? 1_555 ? 
30 AC2 26 HOH F .   ? HOH A 362 . ? 1_555 ? 
31 AC2 26 HOH F .   ? HOH A 365 . ? 1_555 ? 
32 AC3 5  LEU A 100 ? LEU A 100 . ? 1_555 ? 
33 AC3 5  PHE A 101 ? PHE A 101 . ? 1_555 ? 
34 AC3 5  GLY A 102 ? GLY A 102 . ? 1_555 ? 
35 AC3 5  GLU A 104 ? GLU A 104 . ? 1_555 ? 
36 AC3 5  VAL A 113 ? VAL A 113 . ? 1_555 ? 
37 AC4 4  THR A 42  ? THR A 42  . ? 1_555 ? 
38 AC4 4  TYR A 53  ? TYR A 53  . ? 1_555 ? 
39 AC4 4  ASN A 55  ? ASN A 55  . ? 1_555 ? 
40 AC4 4  PHE A 123 ? PHE A 123 . ? 1_555 ? 
# 
_atom_sites.entry_id                    3ILJ 
_atom_sites.fract_transf_matrix[1][1]   0.00629442 
_atom_sites.fract_transf_matrix[1][2]   -0.01525565 
_atom_sites.fract_transf_matrix[1][3]   0.00912314 
_atom_sites.fract_transf_matrix[2][1]   0.01317289 
_atom_sites.fract_transf_matrix[2][2]   0.00541636 
_atom_sites.fract_transf_matrix[2][3]   -0.00003132 
_atom_sites.fract_transf_matrix[3][1]   -0.00502501 
_atom_sites.fract_transf_matrix[3][2]   0.01236067 
_atom_sites.fract_transf_matrix[3][3]   0.02413637 
_atom_sites.fract_transf_vector[1]      0.215841 
_atom_sites.fract_transf_vector[2]      0.249536 
_atom_sites.fract_transf_vector[3]      0.180830 
# 
loop_
_atom_type.symbol 
C  
CL 
MG 
N  
O  
P  
S  
# 
loop_
_atom_site.group_PDB 
_atom_site.id 
_atom_site.type_symbol 
_atom_site.label_atom_id 
_atom_site.label_alt_id 
_atom_site.label_comp_id 
_atom_site.label_asym_id 
_atom_site.label_entity_id 
_atom_site.label_seq_id 
_atom_site.pdbx_PDB_ins_code 
_atom_site.Cartn_x 
_atom_site.Cartn_y 
_atom_site.Cartn_z 
_atom_site.occupancy 
_atom_site.B_iso_or_equiv 
_atom_site.pdbx_formal_charge 
_atom_site.auth_seq_id 
_atom_site.auth_comp_id 
_atom_site.auth_asym_id 
_atom_site.auth_atom_id 
_atom_site.pdbx_PDB_model_num 
ATOM   1    N  N     . THR A 1 1   ? -14.657 -9.478  2.481   1.00 15.29 ? 1   THR A N     1 
ATOM   2    C  CA    . THR A 1 1   ? -14.142 -8.639  1.406   1.00 18.47 ? 1   THR A CA    1 
ATOM   3    C  C     . THR A 1 1   ? -12.632 -8.739  1.400   1.00 10.22 ? 1   THR A C     1 
ATOM   4    O  O     . THR A 1 1   ? -12.016 -8.701  2.462   1.00 11.15 ? 1   THR A O     1 
ATOM   5    C  CB    . THR A 1 1   ? -14.506 -7.168  1.635   1.00 22.88 ? 1   THR A CB    1 
ATOM   6    O  OG1   . THR A 1 1   ? -15.922 -7.048  1.803   1.00 23.81 ? 1   THR A OG1   1 
ATOM   7    C  CG2   . THR A 1 1   ? -14.057 -6.306  0.461   1.00 13.25 ? 1   THR A CG2   1 
ATOM   8    N  N     . VAL A 1 2   ? -12.031 -8.876  0.222   1.00 10.58 ? 2   VAL A N     1 
ATOM   9    C  CA    . VAL A 1 2   ? -10.573 -8.811  0.140   1.00 10.31 ? 2   VAL A CA    1 
ATOM   10   C  C     . VAL A 1 2   ? -10.150 -7.382  -0.178  1.00 11.75 ? 2   VAL A C     1 
ATOM   11   O  O     . VAL A 1 2   ? -10.524 -6.832  -1.221  1.00 10.15 ? 2   VAL A O     1 
ATOM   12   C  CB    . VAL A 1 2   ? -9.995  -9.784  -0.907  1.00 7.15  ? 2   VAL A CB    1 
ATOM   13   C  CG1   . VAL A 1 2   ? -8.495  -9.588  -1.047  1.00 10.74 ? 2   VAL A CG1   1 
ATOM   14   C  CG2   . VAL A 1 2   ? -10.324 -11.240 -0.521  1.00 11.90 ? 2   VAL A CG2   1 
ATOM   15   N  N     . ALA A 1 3   ? -9.402  -6.779  0.744   1.00 7.07  ? 3   ALA A N     1 
ATOM   16   C  CA    . ALA A 1 3   ? -8.872  -5.435  0.559   1.00 6.42  ? 3   ALA A CA    1 
ATOM   17   C  C     . ALA A 1 3   ? -7.391  -5.540  0.293   1.00 10.04 ? 3   ALA A C     1 
ATOM   18   O  O     . ALA A 1 3   ? -6.704  -6.388  0.863   1.00 8.94  ? 3   ALA A O     1 
ATOM   19   C  CB    . ALA A 1 3   ? -9.129  -4.580  1.785   1.00 9.16  ? 3   ALA A CB    1 
ATOM   20   N  N     . TYR A 1 4   ? -6.893  -4.688  -0.589  1.00 4.60  ? 4   TYR A N     1 
ATOM   21   C  CA    . TYR A 1 4   ? -5.472  -4.668  -0.846  1.00 7.58  ? 4   TYR A CA    1 
ATOM   22   C  C     . TYR A 1 4   ? -4.897  -3.388  -0.294  1.00 5.61  ? 4   TYR A C     1 
ATOM   23   O  O     . TYR A 1 4   ? -5.337  -2.298  -0.636  1.00 6.83  ? 4   TYR A O     1 
ATOM   24   C  CB    . TYR A 1 4   ? -5.196  -4.812  -2.338  1.00 6.30  ? 4   TYR A CB    1 
ATOM   25   C  CG    . TYR A 1 4   ? -5.465  -6.219  -2.839  1.00 4.57  ? 4   TYR A CG    1 
ATOM   26   C  CD1   . TYR A 1 4   ? -4.574  -7.249  -2.594  1.00 4.70  ? 4   TYR A CD1   1 
ATOM   27   C  CD2   . TYR A 1 4   ? -6.607  -6.504  -3.567  1.00 5.50  ? 4   TYR A CD2   1 
ATOM   28   C  CE1   . TYR A 1 4   ? -4.821  -8.533  -3.051  1.00 8.59  ? 4   TYR A CE1   1 
ATOM   29   C  CE2   . TYR A 1 4   ? -6.865  -7.782  -4.036  1.00 12.77 ? 4   TYR A CE2   1 
ATOM   30   C  CZ    . TYR A 1 4   ? -5.970  -8.792  -3.774  1.00 9.59  ? 4   TYR A CZ    1 
ATOM   31   O  OH    . TYR A 1 4   ? -6.230  -10.069 -4.246  1.00 12.24 ? 4   TYR A OH    1 
ATOM   32   N  N     . ILE A 1 5   ? -3.909  -3.545  0.574   1.00 4.89  ? 5   ILE A N     1 
ATOM   33   C  CA    . ILE A 1 5   ? -3.332  -2.429  1.294   1.00 5.99  ? 5   ILE A CA    1 
ATOM   34   C  C     . ILE A 1 5   ? -1.862  -2.304  0.909   1.00 5.90  ? 5   ILE A C     1 
ATOM   35   O  O     . ILE A 1 5   ? -1.133  -3.294  0.871   1.00 6.16  ? 5   ILE A O     1 
ATOM   36   C  CB    . ILE A 1 5   ? -3.479  -2.646  2.811   1.00 8.56  ? 5   ILE A CB    1 
ATOM   37   C  CG1   . ILE A 1 5   ? -4.962  -2.640  3.192   1.00 5.93  ? 5   ILE A CG1   1 
ATOM   38   C  CG2   . ILE A 1 5   ? -2.749  -1.583  3.594   1.00 5.26  ? 5   ILE A CG2   1 
ATOM   39   C  CD1   . ILE A 1 5   ? -5.229  -3.116  4.598   1.00 12.08 ? 5   ILE A CD1   1 
ATOM   40   N  N     . ALA A 1 6   ? -1.432  -1.086  0.601   1.00 7.32  ? 6   ALA A N     1 
ATOM   41   C  CA    . ALA A 1 6   ? -0.021  -0.830  0.341   1.00 4.50  ? 6   ALA A CA    1 
ATOM   42   C  C     . ALA A 1 6   ? 0.631   -0.315  1.619   1.00 11.32 ? 6   ALA A C     1 
ATOM   43   O  O     . ALA A 1 6   ? 0.034   0.486   2.353   1.00 7.49  ? 6   ALA A O     1 
ATOM   44   C  CB    . ALA A 1 6   ? 0.138   0.189   -0.776  1.00 6.94  ? 6   ALA A CB    1 
ATOM   45   N  N     . ILE A 1 7   ? 1.847   -0.796  1.887   1.00 5.48  ? 7   ILE A N     1 
ATOM   46   C  CA    . ILE A 1 7   ? 2.648   -0.326  3.010   1.00 5.17  ? 7   ILE A CA    1 
ATOM   47   C  C     . ILE A 1 7   ? 3.908   0.328   2.480   1.00 9.08  ? 7   ILE A C     1 
ATOM   48   O  O     . ILE A 1 7   ? 4.563   -0.214  1.595   1.00 7.26  ? 7   ILE A O     1 
ATOM   49   C  CB    . ILE A 1 7   ? 3.108   -1.486  3.886   1.00 9.85  ? 7   ILE A CB    1 
ATOM   50   C  CG1   . ILE A 1 7   ? 1.920   -2.247  4.455   1.00 15.87 ? 7   ILE A CG1   1 
ATOM   51   C  CG2   . ILE A 1 7   ? 4.014   -0.980  4.992   1.00 9.48  ? 7   ILE A CG2   1 
ATOM   52   C  CD1   . ILE A 1 7   ? 2.337   -3.500  5.179   1.00 17.03 ? 7   ILE A CD1   1 
ATOM   53   N  N     . GLY A 1 8   ? 4.254   1.494   3.014   1.00 7.56  ? 8   GLY A N     1 
ATOM   54   C  CA    . GLY A 1 8   ? 5.506   2.126   2.663   1.00 10.00 ? 8   GLY A CA    1 
ATOM   55   C  C     . GLY A 1 8   ? 6.189   2.642   3.912   1.00 9.26  ? 8   GLY A C     1 
ATOM   56   O  O     . GLY A 1 8   ? 5.531   3.214   4.774   1.00 10.73 ? 8   GLY A O     1 
ATOM   57   N  N     . SER A 1 9   ? 7.495   2.424   4.019   1.00 10.92 ? 9   SER A N     1 
ATOM   58   C  CA    . SER A 1 9   ? 8.270   2.997   5.116   1.00 11.71 ? 9   SER A CA    1 
ATOM   59   C  C     . SER A 1 9   ? 9.542   3.630   4.590   1.00 9.80  ? 9   SER A C     1 
ATOM   60   O  O     . SER A 1 9   ? 10.236  3.039   3.771   1.00 10.82 ? 9   SER A O     1 
ATOM   61   C  CB    . SER A 1 9   ? 8.635   1.924   6.135   1.00 10.14 ? 9   SER A CB    1 
ATOM   62   O  OG    . SER A 1 9   ? 9.468   2.470   7.155   1.00 10.05 ? 9   SER A OG    1 
ATOM   63   N  N     . ASN A 1 10  ? 9.855   4.828   5.069   1.00 11.73 ? 10  ASN A N     1 
ATOM   64   C  CA    . ASN A 1 10  ? 11.062  5.511   4.636   1.00 15.09 ? 10  ASN A CA    1 
ATOM   65   C  C     . ASN A 1 10  ? 12.136  5.587   5.721   1.00 18.88 ? 10  ASN A C     1 
ATOM   66   O  O     . ASN A 1 10  ? 13.068  6.384   5.632   1.00 19.97 ? 10  ASN A O     1 
ATOM   67   C  CB    . ASN A 1 10  ? 10.727  6.904   4.084   1.00 18.26 ? 10  ASN A CB    1 
ATOM   68   C  CG    . ASN A 1 10  ? 9.988   7.772   5.088   1.00 20.06 ? 10  ASN A CG    1 
ATOM   69   O  OD1   . ASN A 1 10  ? 10.151  7.621   6.300   1.00 21.02 ? 10  ASN A OD1   1 
ATOM   70   N  ND2   . ASN A 1 10  ? 9.171   8.697   4.583   1.00 29.35 ? 10  ASN A ND2   1 
ATOM   71   N  N     . LEU A 1 11  ? 12.006  4.746   6.744   1.00 11.30 ? 11  LEU A N     1 
ATOM   72   C  CA    . LEU A 1 11  ? 13.037  4.640   7.770   1.00 17.75 ? 11  LEU A CA    1 
ATOM   73   C  C     . LEU A 1 11  ? 14.316  4.063   7.185   1.00 13.82 ? 11  LEU A C     1 
ATOM   74   O  O     . LEU A 1 11  ? 14.271  3.283   6.234   1.00 9.21  ? 11  LEU A O     1 
ATOM   75   C  CB    . LEU A 1 11  ? 12.571  3.743   8.910   1.00 14.71 ? 11  LEU A CB    1 
ATOM   76   C  CG    . LEU A 1 11  ? 11.452  4.297   9.782   1.00 12.29 ? 11  LEU A CG    1 
ATOM   77   C  CD1   . LEU A 1 11  ? 11.166  3.325   10.897  1.00 12.30 ? 11  LEU A CD1   1 
ATOM   78   C  CD2   . LEU A 1 11  ? 11.852  5.657   10.340  1.00 18.77 ? 11  LEU A CD2   1 
ATOM   79   N  N     . ALA A 1 12  ? 15.456  4.438   7.759   1.00 14.02 ? 12  ALA A N     1 
ATOM   80   C  CA    . ALA A 1 12  ? 16.733  3.872   7.338   1.00 10.85 ? 12  ALA A CA    1 
ATOM   81   C  C     . ALA A 1 12  ? 16.761  2.359   7.565   1.00 13.79 ? 12  ALA A C     1 
ATOM   82   O  O     . ALA A 1 12  ? 17.290  1.600   6.747   1.00 16.56 ? 12  ALA A O     1 
ATOM   83   C  CB    . ALA A 1 12  ? 17.885  4.556   8.077   1.00 18.49 ? 12  ALA A CB    1 
ATOM   84   N  N     . SER A 1 13  ? 16.179  1.926   8.680   1.00 9.45  ? 13  SER A N     1 
ATOM   85   C  CA    . SER A 1 13  ? 16.099  0.509   9.020   1.00 14.76 ? 13  SER A CA    1 
ATOM   86   C  C     . SER A 1 13  ? 14.641  0.232   9.323   1.00 11.19 ? 13  SER A C     1 
ATOM   87   O  O     . SER A 1 13  ? 14.225  0.266   10.483  1.00 14.40 ? 13  SER A O     1 
ATOM   88   C  CB    . SER A 1 13  ? 16.951  0.196   10.250  1.00 21.82 ? 13  SER A CB    1 
ATOM   89   O  OG    A SER A 1 13  ? 18.291  0.609   10.069  0.57 14.00 ? 13  SER A OG    1 
ATOM   90   O  OG    B SER A 1 13  ? 17.140  -1.203  10.404  0.43 9.64  ? 13  SER A OG    1 
ATOM   91   N  N     . PRO A 1 14  ? 13.860  -0.026  8.268   1.00 8.39  ? 14  PRO A N     1 
ATOM   92   C  CA    . PRO A 1 14  ? 12.396  -0.059  8.310   1.00 10.34 ? 14  PRO A CA    1 
ATOM   93   C  C     . PRO A 1 14  ? 11.807  -1.404  8.692   1.00 10.91 ? 14  PRO A C     1 
ATOM   94   O  O     . PRO A 1 14  ? 10.596  -1.466  8.890   1.00 8.86  ? 14  PRO A O     1 
ATOM   95   C  CB    . PRO A 1 14  ? 11.996  0.228   6.859   1.00 7.16  ? 14  PRO A CB    1 
ATOM   96   C  CG    . PRO A 1 14  ? 13.229  0.014   6.034   1.00 14.82 ? 14  PRO A CG    1 
ATOM   97   C  CD    . PRO A 1 14  ? 14.381  -0.305  6.921   1.00 10.98 ? 14  PRO A CD    1 
ATOM   98   N  N     . LEU A 1 15  ? 12.619  -2.455  8.775   1.00 10.32 ? 15  LEU A N     1 
ATOM   99   C  CA    . LEU A 1 15  ? 12.071  -3.805  8.927   1.00 9.48  ? 15  LEU A CA    1 
ATOM   100  C  C     . LEU A 1 15  ? 11.205  -3.969  10.173  1.00 11.09 ? 15  LEU A C     1 
ATOM   101  O  O     . LEU A 1 15  ? 10.145  -4.597  10.124  1.00 10.34 ? 15  LEU A O     1 
ATOM   102  C  CB    . LEU A 1 15  ? 13.189  -4.846  8.915   1.00 10.19 ? 15  LEU A CB    1 
ATOM   103  C  CG    . LEU A 1 15  ? 13.828  -5.025  7.542   1.00 8.00  ? 15  LEU A CG    1 
ATOM   104  C  CD1   . LEU A 1 15  ? 14.911  -6.086  7.611   1.00 8.38  ? 15  LEU A CD1   1 
ATOM   105  C  CD2   . LEU A 1 15  ? 12.770  -5.390  6.531   1.00 11.13 ? 15  LEU A CD2   1 
ATOM   106  N  N     . GLU A 1 16  ? 11.641  -3.399  11.289  1.00 10.72 ? 16  GLU A N     1 
ATOM   107  C  CA    . GLU A 1 16  ? 10.922  -3.588  12.537  1.00 8.81  ? 16  GLU A CA    1 
ATOM   108  C  C     . GLU A 1 16  ? 9.608   -2.817  12.529  1.00 7.26  ? 16  GLU A C     1 
ATOM   109  O  O     . GLU A 1 16  ? 8.595   -3.289  13.061  1.00 9.72  ? 16  GLU A O     1 
ATOM   110  C  CB    . GLU A 1 16  ? 11.798  -3.210  13.733  1.00 15.34 ? 16  GLU A CB    1 
ATOM   111  C  CG    . GLU A 1 16  ? 12.876  -4.259  13.998  1.00 13.55 ? 16  GLU A CG    1 
ATOM   112  C  CD    . GLU A 1 16  ? 13.806  -3.901  15.143  1.00 32.41 ? 16  GLU A CD    1 
ATOM   113  O  OE1   . GLU A 1 16  ? 13.468  -2.999  15.934  1.00 31.44 ? 16  GLU A OE1   1 
ATOM   114  O  OE2   . GLU A 1 16  ? 14.880  -4.533  15.251  1.00 36.93 ? 16  GLU A OE2   1 
ATOM   115  N  N     . GLN A 1 17  ? 9.617   -1.637  11.922  1.00 8.92  ? 17  GLN A N     1 
ATOM   116  C  CA    . GLN A 1 17  ? 8.391   -0.862  11.795  1.00 6.93  ? 17  GLN A CA    1 
ATOM   117  C  C     . GLN A 1 17  ? 7.404   -1.570  10.881  1.00 7.55  ? 17  GLN A C     1 
ATOM   118  O  O     . GLN A 1 17  ? 6.227   -1.657  11.192  1.00 7.51  ? 17  GLN A O     1 
ATOM   119  C  CB    . GLN A 1 17  ? 8.661   0.538   11.245  1.00 8.80  ? 17  GLN A CB    1 
ATOM   120  C  CG    . GLN A 1 17  ? 7.417   1.427   11.277  1.00 9.59  ? 17  GLN A CG    1 
ATOM   121  C  CD    . GLN A 1 17  ? 7.619   2.734   10.553  1.00 14.89 ? 17  GLN A CD    1 
ATOM   122  O  OE1   . GLN A 1 17  ? 7.474   3.810   11.134  1.00 18.61 ? 17  GLN A OE1   1 
ATOM   123  N  NE2   . GLN A 1 17  ? 7.970   2.652   9.277   1.00 12.45 ? 17  GLN A NE2   1 
ATOM   124  N  N     . VAL A 1 18  ? 7.889   -2.060  9.746   1.00 7.22  ? 18  VAL A N     1 
ATOM   125  C  CA    . VAL A 1 18  ? 7.018   -2.757  8.814   1.00 4.73  ? 18  VAL A CA    1 
ATOM   126  C  C     . VAL A 1 18  ? 6.401   -3.975  9.475   1.00 8.11  ? 18  VAL A C     1 
ATOM   127  O  O     . VAL A 1 18  ? 5.218   -4.265  9.280   1.00 7.45  ? 18  VAL A O     1 
ATOM   128  C  CB    . VAL A 1 18  ? 7.762   -3.116  7.509   1.00 8.28  ? 18  VAL A CB    1 
ATOM   129  C  CG1   . VAL A 1 18  ? 6.948   -4.090  6.655   1.00 12.58 ? 18  VAL A CG1   1 
ATOM   130  C  CG2   . VAL A 1 18  ? 8.058   -1.843  6.743   1.00 9.67  ? 18  VAL A CG2   1 
ATOM   131  N  N     . ASN A 1 19  ? 7.192   -4.697  10.262  1.00 7.57  ? 19  ASN A N     1 
ATOM   132  C  CA    . ASN A 1 19  ? 6.656   -5.867  10.963  1.00 7.25  ? 19  ASN A CA    1 
ATOM   133  C  C     . ASN A 1 19  ? 5.609   -5.503  12.008  1.00 6.92  ? 19  ASN A C     1 
ATOM   134  O  O     . ASN A 1 19  ? 4.571   -6.148  12.118  1.00 10.42 ? 19  ASN A O     1 
ATOM   135  C  CB    . ASN A 1 19  ? 7.786   -6.701  11.561  1.00 10.02 ? 19  ASN A CB    1 
ATOM   136  C  CG    . ASN A 1 19  ? 8.254   -7.782  10.616  1.00 17.43 ? 19  ASN A CG    1 
ATOM   137  O  OD1   . ASN A 1 19  ? 7.580   -8.801  10.447  1.00 25.75 ? 19  ASN A OD1   1 
ATOM   138  N  ND2   . ASN A 1 19  ? 9.399   -7.564  9.979   1.00 16.41 ? 19  ASN A ND2   1 
ATOM   139  N  N     . ALA A 1 20  ? 5.880   -4.460  12.773  1.00 7.29  ? 20  ALA A N     1 
ATOM   140  C  CA    . ALA A 1 20  ? 4.887   -3.941  13.710  1.00 7.54  ? 20  ALA A CA    1 
ATOM   141  C  C     . ALA A 1 20  ? 3.594   -3.556  12.998  1.00 11.34 ? 20  ALA A C     1 
ATOM   142  O  O     . ALA A 1 20  ? 2.495   -3.773  13.524  1.00 12.13 ? 20  ALA A O     1 
ATOM   143  C  CB    . ALA A 1 20  ? 5.466   -2.749  14.455  1.00 11.71 ? 20  ALA A CB    1 
ATOM   144  N  N     . ALA A 1 21  ? 3.721   -2.973  11.806  1.00 5.24  ? 21  ALA A N     1 
ATOM   145  C  CA    . ALA A 1 21  ? 2.549   -2.570  11.031  1.00 9.35  ? 21  ALA A CA    1 
ATOM   146  C  C     . ALA A 1 21  ? 1.788   -3.794  10.538  1.00 9.47  ? 21  ALA A C     1 
ATOM   147  O  O     . ALA A 1 21  ? 0.555   -3.854  10.623  1.00 10.42 ? 21  ALA A O     1 
ATOM   148  C  CB    . ALA A 1 21  ? 2.958   -1.677  9.850   1.00 10.26 ? 21  ALA A CB    1 
ATOM   149  N  N     . LEU A 1 22  ? 2.526   -4.775  10.020  1.00 8.82  ? 22  LEU A N     1 
ATOM   150  C  CA    . LEU A 1 22  ? 1.899   -6.007  9.549   1.00 8.39  ? 22  LEU A CA    1 
ATOM   151  C  C     . LEU A 1 22  ? 1.144   -6.694  10.686  1.00 7.95  ? 22  LEU A C     1 
ATOM   152  O  O     . LEU A 1 22  ? 0.024   -7.161  10.504  1.00 8.97  ? 22  LEU A O     1 
ATOM   153  C  CB    . LEU A 1 22  ? 2.941   -6.952  8.956   1.00 8.53  ? 22  LEU A CB    1 
ATOM   154  C  CG    . LEU A 1 22  ? 3.493   -6.532  7.603   1.00 10.56 ? 22  LEU A CG    1 
ATOM   155  C  CD1   . LEU A 1 22  ? 4.605   -7.485  7.178   1.00 16.67 ? 22  LEU A CD1   1 
ATOM   156  C  CD2   . LEU A 1 22  ? 2.397   -6.499  6.557   1.00 16.29 ? 22  LEU A CD2   1 
ATOM   157  N  N     . LYS A 1 23  ? 1.761   -6.770  11.858  1.00 7.22  ? 23  LYS A N     1 
ATOM   158  C  CA    . LYS A 1 23  ? 1.105   -7.444  12.963  1.00 7.76  ? 23  LYS A CA    1 
ATOM   159  C  C     . LYS A 1 23  ? -0.166  -6.689  13.307  1.00 9.53  ? 23  LYS A C     1 
ATOM   160  O  O     . LYS A 1 23  ? -1.215  -7.286  13.545  1.00 9.51  ? 23  LYS A O     1 
ATOM   161  C  CB    . LYS A 1 23  ? 2.013   -7.540  14.186  1.00 16.26 ? 23  LYS A CB    1 
ATOM   162  C  CG    . LYS A 1 23  ? 1.316   -8.226  15.357  1.00 18.17 ? 23  LYS A CG    1 
ATOM   163  C  CD    . LYS A 1 23  ? 2.264   -8.522  16.490  1.00 18.50 ? 23  LYS A CD    1 
ATOM   164  C  CE    . LYS A 1 23  ? 1.645   -9.550  17.430  1.00 29.36 ? 23  LYS A CE    1 
ATOM   165  N  NZ    . LYS A 1 23  ? 0.186   -9.299  17.650  1.00 27.64 ? 23  LYS A NZ    1 
ATOM   166  N  N     . ALA A 1 24  ? -0.068  -5.364  13.304  1.00 8.36  ? 24  ALA A N     1 
ATOM   167  C  CA    . ALA A 1 24  ? -1.224  -4.521  13.584  1.00 12.33 ? 24  ALA A CA    1 
ATOM   168  C  C     . ALA A 1 24  ? -2.352  -4.734  12.575  1.00 9.35  ? 24  ALA A C     1 
ATOM   169  O  O     . ALA A 1 24  ? -3.517  -4.727  12.943  1.00 8.17  ? 24  ALA A O     1 
ATOM   170  C  CB    . ALA A 1 24  ? -0.821  -3.060  13.630  1.00 11.01 ? 24  ALA A CB    1 
ATOM   171  N  N     . LEU A 1 25  ? -2.007  -4.895  11.301  1.00 7.85  ? 25  LEU A N     1 
ATOM   172  C  CA    . LEU A 1 25  ? -3.040  -5.114  10.289  1.00 11.19 ? 25  LEU A CA    1 
ATOM   173  C  C     . LEU A 1 25  ? -3.774  -6.419  10.553  1.00 6.76  ? 25  LEU A C     1 
ATOM   174  O  O     . LEU A 1 25  ? -4.989  -6.495  10.393  1.00 10.01 ? 25  LEU A O     1 
ATOM   175  C  CB    . LEU A 1 25  ? -2.447  -5.122  8.881   1.00 8.83  ? 25  LEU A CB    1 
ATOM   176  C  CG    . LEU A 1 25  ? -1.914  -3.797  8.331   1.00 4.87  ? 25  LEU A CG    1 
ATOM   177  C  CD1   . LEU A 1 25  ? -1.245  -4.035  6.982   1.00 10.56 ? 25  LEU A CD1   1 
ATOM   178  C  CD2   . LEU A 1 25  ? -3.028  -2.770  8.205   1.00 12.34 ? 25  LEU A CD2   1 
ATOM   179  N  N     . GLY A 1 26  ? -3.034  -7.447  10.965  1.00 8.87  ? 26  GLY A N     1 
ATOM   180  C  CA    . GLY A 1 26  ? -3.623  -8.749  11.229  1.00 14.20 ? 26  GLY A CA    1 
ATOM   181  C  C     . GLY A 1 26  ? -4.435  -8.764  12.507  1.00 16.23 ? 26  GLY A C     1 
ATOM   182  O  O     . GLY A 1 26  ? -5.228  -9.676  12.733  1.00 15.58 ? 26  GLY A O     1 
ATOM   183  N  N     . ASP A 1 27  ? -4.227  -7.749  13.345  1.00 12.27 ? 27  ASP A N     1 
ATOM   184  C  CA    . ASP A 1 27  ? -4.939  -7.619  14.617  1.00 11.58 ? 27  ASP A CA    1 
ATOM   185  C  C     . ASP A 1 27  ? -6.231  -6.817  14.466  1.00 14.62 ? 27  ASP A C     1 
ATOM   186  O  O     . ASP A 1 27  ? -7.025  -6.737  15.403  1.00 14.61 ? 27  ASP A O     1 
ATOM   187  C  CB    . ASP A 1 27  ? -4.049  -6.949  15.676  1.00 11.71 ? 27  ASP A CB    1 
ATOM   188  C  CG    . ASP A 1 27  ? -3.002  -7.898  16.263  1.00 17.92 ? 27  ASP A CG    1 
ATOM   189  O  OD1   . ASP A 1 27  ? -3.118  -9.129  16.091  1.00 16.83 ? 27  ASP A OD1   1 
ATOM   190  O  OD2   . ASP A 1 27  ? -2.055  -7.398  16.906  1.00 22.25 ? 27  ASP A OD2   1 
ATOM   191  N  N     . ILE A 1 28  ? -6.438  -6.210  13.298  1.00 7.76  ? 28  ILE A N     1 
ATOM   192  C  CA    . ILE A 1 28  ? -7.654  -5.436  13.067  1.00 11.83 ? 28  ILE A CA    1 
ATOM   193  C  C     . ILE A 1 28  ? -8.880  -6.322  13.277  1.00 17.98 ? 28  ILE A C     1 
ATOM   194  O  O     . ILE A 1 28  ? -8.911  -7.455  12.801  1.00 12.75 ? 28  ILE A O     1 
ATOM   195  C  CB    . ILE A 1 28  ? -7.665  -4.832  11.652  1.00 5.35  ? 28  ILE A CB    1 
ATOM   196  C  CG1   . ILE A 1 28  ? -6.574  -3.766  11.547  1.00 8.32  ? 28  ILE A CG1   1 
ATOM   197  C  CG2   . ILE A 1 28  ? -9.042  -4.243  11.316  1.00 9.68  ? 28  ILE A CG2   1 
ATOM   198  C  CD1   . ILE A 1 28  ? -6.419  -3.176  10.161  1.00 9.90  ? 28  ILE A CD1   1 
ATOM   199  N  N     . PRO A 1 29  ? -9.894  -5.810  13.999  1.00 12.02 ? 29  PRO A N     1 
ATOM   200  C  CA    . PRO A 1 29  ? -11.105 -6.603  14.235  1.00 11.09 ? 29  PRO A CA    1 
ATOM   201  C  C     . PRO A 1 29  ? -11.728 -7.118  12.940  1.00 10.42 ? 29  PRO A C     1 
ATOM   202  O  O     . PRO A 1 29  ? -11.729 -6.410  11.928  1.00 8.22  ? 29  PRO A O     1 
ATOM   203  C  CB    . PRO A 1 29  ? -12.052 -5.602  14.911  1.00 12.34 ? 29  PRO A CB    1 
ATOM   204  C  CG    . PRO A 1 29  ? -11.155 -4.604  15.537  1.00 18.22 ? 29  PRO A CG    1 
ATOM   205  C  CD    . PRO A 1 29  ? -9.975  -4.478  14.619  1.00 13.94 ? 29  PRO A CD    1 
ATOM   206  N  N     . GLU A 1 30  ? -12.237 -8.346  12.985  1.00 12.56 ? 30  GLU A N     1 
ATOM   207  C  CA    . GLU A 1 30  ? -12.978 -8.951  11.871  1.00 13.05 ? 30  GLU A CA    1 
ATOM   208  C  C     . GLU A 1 30  ? -12.155 -9.070  10.592  1.00 11.78 ? 30  GLU A C     1 
ATOM   209  O  O     . GLU A 1 30  ? -12.711 -9.131  9.490   1.00 10.17 ? 30  GLU A O     1 
ATOM   210  C  CB    . GLU A 1 30  ? -14.267 -8.169  11.591  1.00 15.66 ? 30  GLU A CB    1 
ATOM   211  C  CG    . GLU A 1 30  ? -15.141 -7.962  12.805  1.00 16.42 ? 30  GLU A CG    1 
ATOM   212  C  CD    . GLU A 1 30  ? -16.524 -7.472  12.433  1.00 24.86 ? 30  GLU A CD    1 
ATOM   213  O  OE1   . GLU A 1 30  ? -17.290 -8.255  11.835  1.00 29.95 ? 30  GLU A OE1   1 
ATOM   214  O  OE2   . GLU A 1 30  ? -16.846 -6.307  12.737  1.00 26.41 ? 30  GLU A OE2   1 
ATOM   215  N  N     . SER A 1 31  ? -10.835 -9.110  10.747  1.00 12.92 ? 31  SER A N     1 
ATOM   216  C  CA    . SER A 1 31  ? -9.928  -9.086  9.605   1.00 10.72 ? 31  SER A CA    1 
ATOM   217  C  C     . SER A 1 31  ? -8.749  -10.019 9.828   1.00 13.67 ? 31  SER A C     1 
ATOM   218  O  O     . SER A 1 31  ? -8.373  -10.301 10.962  1.00 13.77 ? 31  SER A O     1 
ATOM   219  C  CB    . SER A 1 31  ? -9.404  -7.667  9.387   1.00 9.09  ? 31  SER A CB    1 
ATOM   220  O  OG    . SER A 1 31  ? -10.467 -6.716  9.443   1.00 9.66  ? 31  SER A OG    1 
ATOM   221  N  N     . HIS A 1 32  ? -8.160  -10.496 8.740   1.00 8.37  ? 32  HIS A N     1 
ATOM   222  C  CA    . HIS A 1 32  ? -6.910  -11.234 8.859   1.00 10.06 ? 32  HIS A CA    1 
ATOM   223  C  C     . HIS A 1 32  ? -6.134  -11.184 7.566   1.00 12.57 ? 32  HIS A C     1 
ATOM   224  O  O     . HIS A 1 32  ? -6.711  -10.989 6.498   1.00 13.72 ? 32  HIS A O     1 
ATOM   225  C  CB    . HIS A 1 32  ? -7.143  -12.677 9.299   1.00 19.05 ? 32  HIS A CB    1 
ATOM   226  C  CG    . HIS A 1 32  ? -7.838  -13.521 8.280   1.00 15.89 ? 32  HIS A CG    1 
ATOM   227  N  ND1   . HIS A 1 32  ? -7.179  -14.473 7.532   1.00 23.78 ? 32  HIS A ND1   1 
ATOM   228  C  CD2   . HIS A 1 32  ? -9.135  -13.574 7.897   1.00 22.87 ? 32  HIS A CD2   1 
ATOM   229  C  CE1   . HIS A 1 32  ? -8.037  -15.067 6.724   1.00 19.55 ? 32  HIS A CE1   1 
ATOM   230  N  NE2   . HIS A 1 32  ? -9.232  -14.541 6.927   1.00 26.07 ? 32  HIS A NE2   1 
ATOM   231  N  N     . ILE A 1 33  ? -4.820  -11.335 7.673   1.00 10.20 ? 33  ILE A N     1 
ATOM   232  C  CA    . ILE A 1 33  ? -3.952  -11.268 6.496   1.00 9.25  ? 33  ILE A CA    1 
ATOM   233  C  C     . ILE A 1 33  ? -4.050  -12.563 5.687   1.00 14.14 ? 33  ILE A C     1 
ATOM   234  O  O     . ILE A 1 33  ? -3.917  -13.659 6.246   1.00 11.38 ? 33  ILE A O     1 
ATOM   235  C  CB    . ILE A 1 33  ? -2.483  -11.028 6.893   1.00 12.44 ? 33  ILE A CB    1 
ATOM   236  C  CG1   . ILE A 1 33  ? -2.301  -9.636  7.494   1.00 12.71 ? 33  ILE A CG1   1 
ATOM   237  C  CG2   . ILE A 1 33  ? -1.568  -11.179 5.696   1.00 8.28  ? 33  ILE A CG2   1 
ATOM   238  C  CD1   . ILE A 1 33  ? -0.881  -9.373  7.948   1.00 16.38 ? 33  ILE A CD1   1 
ATOM   239  N  N     . LEU A 1 34  ? -4.297  -12.436 4.382   1.00 10.66 ? 34  LEU A N     1 
ATOM   240  C  CA    . LEU A 1 34  ? -4.310  -13.585 3.481   1.00 10.06 ? 34  LEU A CA    1 
ATOM   241  C  C     . LEU A 1 34  ? -2.929  -13.816 2.890   1.00 10.77 ? 34  LEU A C     1 
ATOM   242  O  O     . LEU A 1 34  ? -2.449  -14.951 2.808   1.00 13.84 ? 34  LEU A O     1 
ATOM   243  C  CB    . LEU A 1 34  ? -5.318  -13.384 2.344   1.00 8.30  ? 34  LEU A CB    1 
ATOM   244  C  CG    . LEU A 1 34  ? -6.756  -13.159 2.796   1.00 8.08  ? 34  LEU A CG    1 
ATOM   245  C  CD1   . LEU A 1 34  ? -7.638  -12.674 1.650   1.00 15.19 ? 34  LEU A CD1   1 
ATOM   246  C  CD2   . LEU A 1 34  ? -7.308  -14.433 3.412   1.00 16.06 ? 34  LEU A CD2   1 
ATOM   247  N  N     A THR A 1 35  ? -2.287  -12.722 2.495   0.53 10.50 ? 35  THR A N     1 
ATOM   248  N  N     B THR A 1 35  ? -2.287  -12.741 2.457   0.47 10.49 ? 35  THR A N     1 
ATOM   249  C  CA    A THR A 1 35  ? -1.023  -12.779 1.774   0.53 8.66  ? 35  THR A CA    1 
ATOM   250  C  CA    B THR A 1 35  ? -0.949  -12.857 1.903   0.47 8.70  ? 35  THR A CA    1 
ATOM   251  C  C     A THR A 1 35  ? -0.241  -11.485 1.965   0.53 8.97  ? 35  THR A C     1 
ATOM   252  C  C     B THR A 1 35  ? -0.237  -11.519 1.958   0.47 8.96  ? 35  THR A C     1 
ATOM   253  O  O     A THR A 1 35  ? -0.836  -10.413 2.064   0.53 8.39  ? 35  THR A O     1 
ATOM   254  O  O     B THR A 1 35  ? -0.868  -10.465 1.956   0.47 8.37  ? 35  THR A O     1 
ATOM   255  C  CB    A THR A 1 35  ? -1.278  -12.972 0.268   0.53 8.00  ? 35  THR A CB    1 
ATOM   256  C  CB    B THR A 1 35  ? -0.973  -13.374 0.452   0.47 8.91  ? 35  THR A CB    1 
ATOM   257  O  OG1   A THR A 1 35  ? -1.990  -14.198 0.053   0.53 11.55 ? 35  THR A OG1   1 
ATOM   258  O  OG1   B THR A 1 35  ? 0.294   -13.965 0.126   0.47 8.87  ? 35  THR A OG1   1 
ATOM   259  C  CG2   A THR A 1 35  ? 0.033   -12.997 -0.494  0.53 9.58  ? 35  THR A CG2   1 
ATOM   260  C  CG2   B THR A 1 35  ? -1.275  -12.243 -0.514  0.47 9.97  ? 35  THR A CG2   1 
ATOM   261  N  N     . VAL A 1 36  ? 1.087   -11.581 2.027   1.00 5.78  ? 36  VAL A N     1 
ATOM   262  C  CA    . VAL A 1 36  ? 1.936   -10.398 2.016   1.00 8.21  ? 36  VAL A CA    1 
ATOM   263  C  C     . VAL A 1 36  ? 2.960   -10.526 0.889   1.00 8.65  ? 36  VAL A C     1 
ATOM   264  O  O     . VAL A 1 36  ? 3.606   -11.574 0.740   1.00 7.62  ? 36  VAL A O     1 
ATOM   265  C  CB    . VAL A 1 36  ? 2.685   -10.233 3.353   1.00 11.01 ? 36  VAL A CB    1 
ATOM   266  C  CG1   . VAL A 1 36  ? 3.560   -8.994  3.315   1.00 9.88  ? 36  VAL A CG1   1 
ATOM   267  C  CG2   . VAL A 1 36  ? 1.700   -10.161 4.501   1.00 8.73  ? 36  VAL A CG2   1 
ATOM   268  N  N     . SER A 1 37  ? 3.109   -9.473  0.087   1.00 4.86  ? 37  SER A N     1 
ATOM   269  C  CA    . SER A 1 37  ? 4.111   -9.481  -0.977  1.00 6.82  ? 37  SER A CA    1 
ATOM   270  C  C     . SER A 1 37  ? 5.522   -9.513  -0.401  1.00 3.52  ? 37  SER A C     1 
ATOM   271  O  O     . SER A 1 37  ? 5.728   -9.326  0.802   1.00 8.60  ? 37  SER A O     1 
ATOM   272  C  CB    . SER A 1 37  ? 3.961   -8.258  -1.896  1.00 4.52  ? 37  SER A CB    1 
ATOM   273  O  OG    . SER A 1 37  ? 4.516   -7.099  -1.290  1.00 7.87  ? 37  SER A OG    1 
ATOM   274  N  N     . SER A 1 38  ? 6.505   -9.772  -1.252  1.00 5.24  ? 38  SER A N     1 
ATOM   275  C  CA    . SER A 1 38  ? 7.893   -9.553  -0.847  1.00 6.22  ? 38  SER A CA    1 
ATOM   276  C  C     . SER A 1 38  ? 8.060   -8.093  -0.450  1.00 8.93  ? 38  SER A C     1 
ATOM   277  O  O     . SER A 1 38  ? 7.246   -7.247  -0.821  1.00 7.37  ? 38  SER A O     1 
ATOM   278  C  CB    . SER A 1 38  ? 8.848   -9.894  -1.992  1.00 11.14 ? 38  SER A CB    1 
ATOM   279  O  OG    . SER A 1 38  ? 8.770   -11.272 -2.310  1.00 15.73 ? 38  SER A OG    1 
ATOM   280  N  N     . PHE A 1 39  ? 9.119   -7.793  0.302   1.00 6.66  ? 39  PHE A N     1 
ATOM   281  C  CA    . PHE A 1 39  ? 9.470   -6.407  0.583   1.00 8.25  ? 39  PHE A CA    1 
ATOM   282  C  C     . PHE A 1 39  ? 10.335  -5.896  -0.550  1.00 7.44  ? 39  PHE A C     1 
ATOM   283  O  O     . PHE A 1 39  ? 11.282  -6.560  -0.964  1.00 11.38 ? 39  PHE A O     1 
ATOM   284  C  CB    . PHE A 1 39  ? 10.235  -6.285  1.905   1.00 5.40  ? 39  PHE A CB    1 
ATOM   285  C  CG    . PHE A 1 39  ? 9.469   -6.775  3.109   1.00 5.94  ? 39  PHE A CG    1 
ATOM   286  C  CD1   . PHE A 1 39  ? 8.090   -6.922  3.071   1.00 4.35  ? 39  PHE A CD1   1 
ATOM   287  C  CD2   . PHE A 1 39  ? 10.132  -7.046  4.292   1.00 7.91  ? 39  PHE A CD2   1 
ATOM   288  C  CE1   . PHE A 1 39  ? 7.390   -7.363  4.180   1.00 8.30  ? 39  PHE A CE1   1 
ATOM   289  C  CE2   . PHE A 1 39  ? 9.447   -7.493  5.403   1.00 11.67 ? 39  PHE A CE2   1 
ATOM   290  C  CZ    . PHE A 1 39  ? 8.062   -7.640  5.356   1.00 6.24  ? 39  PHE A CZ    1 
ATOM   291  N  N     . TYR A 1 40  ? 10.002  -4.717  -1.058  1.00 9.34  ? 40  TYR A N     1 
ATOM   292  C  CA    . TYR A 1 40  ? 10.715  -4.138  -2.189  1.00 14.75 ? 40  TYR A CA    1 
ATOM   293  C  C     . TYR A 1 40  ? 11.402  -2.837  -1.819  1.00 13.48 ? 40  TYR A C     1 
ATOM   294  O  O     . TYR A 1 40  ? 10.943  -2.086  -0.966  1.00 11.61 ? 40  TYR A O     1 
ATOM   295  C  CB    . TYR A 1 40  ? 9.761   -3.867  -3.354  1.00 9.67  ? 40  TYR A CB    1 
ATOM   296  C  CG    . TYR A 1 40  ? 9.192   -5.102  -3.985  1.00 9.22  ? 40  TYR A CG    1 
ATOM   297  C  CD1   . TYR A 1 40  ? 9.850   -5.733  -5.027  1.00 11.04 ? 40  TYR A CD1   1 
ATOM   298  C  CD2   . TYR A 1 40  ? 7.993   -5.644  -3.537  1.00 7.87  ? 40  TYR A CD2   1 
ATOM   299  C  CE1   . TYR A 1 40  ? 9.337   -6.878  -5.612  1.00 17.39 ? 40  TYR A CE1   1 
ATOM   300  C  CE2   . TYR A 1 40  ? 7.472   -6.785  -4.113  1.00 9.74  ? 40  TYR A CE2   1 
ATOM   301  C  CZ    . TYR A 1 40  ? 8.147   -7.395  -5.156  1.00 12.39 ? 40  TYR A CZ    1 
ATOM   302  O  OH    . TYR A 1 40  ? 7.628   -8.532  -5.735  1.00 13.64 ? 40  TYR A OH    1 
ATOM   303  N  N     . ARG A 1 41  ? 12.500  -2.572  -2.502  1.00 14.16 ? 41  ARG A N     1 
ATOM   304  C  CA    . ARG A 1 41  ? 13.289  -1.386  -2.259  1.00 14.12 ? 41  ARG A CA    1 
ATOM   305  C  C     . ARG A 1 41  ? 12.995  -0.434  -3.403  1.00 20.12 ? 41  ARG A C     1 
ATOM   306  O  O     . ARG A 1 41  ? 13.144  -0.799  -4.570  1.00 18.57 ? 41  ARG A O     1 
ATOM   307  C  CB    . ARG A 1 41  ? 14.765  -1.761  -2.257  1.00 17.49 ? 41  ARG A CB    1 
ATOM   308  C  CG    . ARG A 1 41  ? 15.717  -0.612  -2.045  1.00 15.59 ? 41  ARG A CG    1 
ATOM   309  C  CD    . ARG A 1 41  ? 17.142  -1.119  -2.114  1.00 19.46 ? 41  ARG A CD    1 
ATOM   310  N  NE    . ARG A 1 41  ? 17.382  -2.081  -1.046  1.00 17.89 ? 41  ARG A NE    1 
ATOM   311  C  CZ    . ARG A 1 41  ? 17.707  -1.733  0.193   1.00 16.67 ? 41  ARG A CZ    1 
ATOM   312  N  NH1   . ARG A 1 41  ? 17.845  -0.455  0.502   1.00 17.74 ? 41  ARG A NH1   1 
ATOM   313  N  NH2   . ARG A 1 41  ? 17.904  -2.662  1.119   1.00 18.92 ? 41  ARG A NH2   1 
ATOM   314  N  N     . THR A 1 42  ? 12.557  0.775   -3.077  1.00 16.82 ? 42  THR A N     1 
ATOM   315  C  CA    . THR A 1 42  ? 12.211  1.747   -4.107  1.00 16.46 ? 42  THR A CA    1 
ATOM   316  C  C     . THR A 1 42  ? 13.016  3.032   -3.966  1.00 14.13 ? 42  THR A C     1 
ATOM   317  O  O     . THR A 1 42  ? 13.047  3.642   -2.900  1.00 14.45 ? 42  THR A O     1 
ATOM   318  C  CB    . THR A 1 42  ? 10.704  2.059   -4.125  1.00 20.42 ? 42  THR A CB    1 
ATOM   319  O  OG1   . THR A 1 42  ? 10.303  2.571   -2.853  1.00 29.98 ? 42  THR A OG1   1 
ATOM   320  C  CG2   . THR A 1 42  ? 9.912   0.797   -4.422  1.00 16.17 ? 42  THR A CG2   1 
ATOM   321  N  N     . PRO A 1 43  ? 13.657  3.441   -5.066  1.00 30.47 ? 43  PRO A N     1 
ATOM   322  C  CA    . PRO A 1 43  ? 14.616  4.541   -5.184  1.00 34.31 ? 43  PRO A CA    1 
ATOM   323  C  C     . PRO A 1 43  ? 14.105  5.890   -4.713  1.00 33.21 ? 43  PRO A C     1 
ATOM   324  O  O     . PRO A 1 43  ? 12.902  6.083   -4.526  1.00 34.29 ? 43  PRO A O     1 
ATOM   325  C  CB    . PRO A 1 43  ? 14.881  4.610   -6.693  1.00 46.74 ? 43  PRO A CB    1 
ATOM   326  C  CG    . PRO A 1 43  ? 14.570  3.256   -7.195  1.00 41.65 ? 43  PRO A CG    1 
ATOM   327  C  CD    . PRO A 1 43  ? 13.425  2.777   -6.361  1.00 40.57 ? 43  PRO A CD    1 
ATOM   328  N  N     . PRO A 1 44  ? 15.040  6.819   -4.490  0.50 21.74 ? 44  PRO A N     1 
ATOM   329  C  CA    . PRO A 1 44  ? 14.816  8.254   -4.319  0.50 33.15 ? 44  PRO A CA    1 
ATOM   330  C  C     . PRO A 1 44  ? 15.088  8.687   -5.749  0.50 38.22 ? 44  PRO A C     1 
ATOM   331  O  O     . PRO A 1 44  ? 16.218  8.548   -6.218  0.50 34.97 ? 44  PRO A O     1 
ATOM   332  C  CB    . PRO A 1 44  ? 15.890  8.652   -3.296  0.50 29.54 ? 44  PRO A CB    1 
ATOM   333  C  CG    . PRO A 1 44  ? 16.630  7.373   -2.942  0.50 23.76 ? 44  PRO A CG    1 
ATOM   334  C  CD    . PRO A 1 44  ? 16.398  6.446   -4.075  0.50 26.42 ? 44  PRO A CD    1 
ATOM   335  N  N     . LEU A 1 45  ? 14.103  9.260   -6.420  0.50 40.19 ? 45  LEU A N     1 
ATOM   336  C  CA    . LEU A 1 45  ? 14.289  9.743   -7.783  0.50 46.52 ? 45  LEU A CA    1 
ATOM   337  C  C     . LEU A 1 45  ? 14.807  11.176  -7.682  0.50 46.85 ? 45  LEU A C     1 
ATOM   338  O  O     . LEU A 1 45  ? 14.462  11.904  -6.751  0.50 42.61 ? 45  LEU A O     1 
ATOM   339  C  CB    . LEU A 1 45  ? 12.991  9.702   -8.587  0.50 47.07 ? 45  LEU A CB    1 
ATOM   340  C  CG    . LEU A 1 45  ? 12.393  8.305   -8.755  0.50 48.59 ? 45  LEU A CG    1 
ATOM   341  C  CD1   . LEU A 1 45  ? 11.128  8.359   -9.600  0.50 49.34 ? 45  LEU A CD1   1 
ATOM   342  C  CD2   . LEU A 1 45  ? 13.419  7.356   -9.362  0.50 41.88 ? 45  LEU A CD2   1 
ATOM   343  N  N     . GLY A 1 46  ? 15.635  11.569  -8.645  0.50 49.54 ? 46  GLY A N     1 
ATOM   344  C  CA    . GLY A 1 46  ? 16.220  12.897  -8.659  0.50 48.77 ? 46  GLY A CA    1 
ATOM   345  C  C     . GLY A 1 46  ? 17.134  13.112  -7.469  0.50 48.84 ? 46  GLY A C     1 
ATOM   346  O  O     . GLY A 1 46  ? 18.187  12.481  -7.373  0.50 45.32 ? 46  GLY A O     1 
ATOM   347  N  N     . PRO A 1 47  ? 16.737  14.009  -6.554  0.50 50.72 ? 47  PRO A N     1 
ATOM   348  C  CA    . PRO A 1 47  ? 17.482  14.217  -5.310  0.50 50.40 ? 47  PRO A CA    1 
ATOM   349  C  C     . PRO A 1 47  ? 17.836  12.877  -4.683  0.50 44.55 ? 47  PRO A C     1 
ATOM   350  O  O     . PRO A 1 47  ? 16.947  12.083  -4.378  0.50 39.18 ? 47  PRO A O     1 
ATOM   351  C  CB    . PRO A 1 47  ? 16.481  14.969  -4.434  0.50 48.26 ? 47  PRO A CB    1 
ATOM   352  C  CG    . PRO A 1 47  ? 15.659  15.743  -5.409  0.50 54.41 ? 47  PRO A CG    1 
ATOM   353  C  CD    . PRO A 1 47  ? 15.555  14.885  -6.647  0.50 56.07 ? 47  PRO A CD    1 
ATOM   354  N  N     . GLN A 1 48  ? 19.128  12.633  -4.501  0.50 42.81 ? 48  GLN A N     1 
ATOM   355  C  CA    . GLN A 1 48  ? 19.615  11.336  -4.050  0.50 39.82 ? 48  GLN A CA    1 
ATOM   356  C  C     . GLN A 1 48  ? 19.606  11.201  -2.533  0.50 38.76 ? 48  GLN A C     1 
ATOM   357  O  O     . GLN A 1 48  ? 19.397  10.109  -2.005  0.50 42.05 ? 48  GLN A O     1 
ATOM   358  C  CB    . GLN A 1 48  ? 21.039  11.120  -4.547  0.50 41.34 ? 48  GLN A CB    1 
ATOM   359  C  CG    . GLN A 1 48  ? 21.968  12.255  -4.168  0.50 39.79 ? 48  GLN A CG    1 
ATOM   360  C  CD    . GLN A 1 48  ? 23.175  11.777  -3.395  0.50 34.82 ? 48  GLN A CD    1 
ATOM   361  O  OE1   . GLN A 1 48  ? 24.068  12.559  -3.068  0.50 27.85 ? 48  GLN A OE1   1 
ATOM   362  N  NE2   . GLN A 1 48  ? 23.203  10.485  -3.088  0.50 22.09 ? 48  GLN A NE2   1 
ATOM   363  N  N     . ASP A 1 49  ? 19.849  12.307  -1.836  0.50 37.98 ? 49  ASP A N     1 
ATOM   364  C  CA    . ASP A 1 49  ? 19.971  12.280  -0.380  0.50 32.16 ? 49  ASP A CA    1 
ATOM   365  C  C     . ASP A 1 49  ? 18.727  11.706  0.300   0.50 30.04 ? 49  ASP A C     1 
ATOM   366  O  O     . ASP A 1 49  ? 18.735  11.446  1.502   0.50 28.59 ? 49  ASP A O     1 
ATOM   367  C  CB    . ASP A 1 49  ? 20.314  13.671  0.172   0.50 31.28 ? 49  ASP A CB    1 
ATOM   368  C  CG    . ASP A 1 49  ? 21.763  14.065  -0.091  0.50 40.23 ? 49  ASP A CG    1 
ATOM   369  O  OD1   . ASP A 1 49  ? 22.444  13.363  -0.870  0.50 34.84 ? 49  ASP A OD1   1 
ATOM   370  O  OD2   . ASP A 1 49  ? 22.225  15.075  0.482   0.50 28.05 ? 49  ASP A OD2   1 
ATOM   371  N  N     . GLN A 1 50  ? 17.663  11.507  -0.472  0.50 31.07 ? 50  GLN A N     1 
ATOM   372  C  CA    . GLN A 1 50  ? 16.473  10.835  0.037   0.50 29.42 ? 50  GLN A CA    1 
ATOM   373  C  C     . GLN A 1 50  ? 16.794  9.359   0.260   0.50 25.12 ? 50  GLN A C     1 
ATOM   374  O  O     . GLN A 1 50  ? 17.532  8.760   -0.518  0.50 23.71 ? 50  GLN A O     1 
ATOM   375  C  CB    . GLN A 1 50  ? 15.314  10.955  -0.951  0.50 31.05 ? 50  GLN A CB    1 
ATOM   376  C  CG    . GLN A 1 50  ? 15.236  12.269  -1.707  0.50 33.89 ? 50  GLN A CG    1 
ATOM   377  C  CD    . GLN A 1 50  ? 14.160  12.249  -2.780  0.50 39.12 ? 50  GLN A CD    1 
ATOM   378  O  OE1   . GLN A 1 50  ? 14.269  12.927  -3.801  0.50 35.81 ? 50  GLN A OE1   1 
ATOM   379  N  NE2   . GLN A 1 50  ? 13.115  11.459  -2.554  0.50 38.35 ? 50  GLN A NE2   1 
ATOM   380  N  N     . PRO A 1 51  ? 16.242  8.769   1.330   0.50 23.34 ? 51  PRO A N     1 
ATOM   381  C  CA    . PRO A 1 51  ? 16.463  7.352   1.640   0.50 24.47 ? 51  PRO A CA    1 
ATOM   382  C  C     . PRO A 1 51  ? 15.557  6.435   0.821   0.50 20.91 ? 51  PRO A C     1 
ATOM   383  O  O     . PRO A 1 51  ? 14.512  6.876   0.344   0.50 10.69 ? 51  PRO A O     1 
ATOM   384  C  CB    . PRO A 1 51  ? 16.088  7.255   3.126   0.50 27.40 ? 51  PRO A CB    1 
ATOM   385  C  CG    . PRO A 1 51  ? 15.970  8.686   3.609   0.50 21.94 ? 51  PRO A CG    1 
ATOM   386  C  CD    . PRO A 1 51  ? 15.539  9.461   2.418   0.50 19.99 ? 51  PRO A CD    1 
ATOM   387  N  N     . ASP A 1 52  ? 15.961  5.178   0.670   1.00 27.48 ? 52  ASP A N     1 
ATOM   388  C  CA    . ASP A 1 52  ? 15.147  4.178   -0.017  1.00 24.19 ? 52  ASP A CA    1 
ATOM   389  C  C     . ASP A 1 52  ? 13.871  3.913   0.767   1.00 18.91 ? 52  ASP A C     1 
ATOM   390  O  O     . ASP A 1 52  ? 13.886  3.887   1.993   1.00 22.24 ? 52  ASP A O     1 
ATOM   391  C  CB    . ASP A 1 52  ? 15.906  2.856   -0.145  1.00 16.85 ? 52  ASP A CB    1 
ATOM   392  C  CG    . ASP A 1 52  ? 17.037  2.913   -1.144  1.00 34.94 ? 52  ASP A CG    1 
ATOM   393  O  OD1   . ASP A 1 52  ? 17.023  3.790   -2.026  1.00 28.34 ? 52  ASP A OD1   1 
ATOM   394  O  OD2   . ASP A 1 52  ? 17.942  2.057   -1.050  1.00 38.41 ? 52  ASP A OD2   1 
ATOM   395  N  N     . TYR A 1 53  ? 12.770  3.697   0.056   1.00 12.79 ? 53  TYR A N     1 
ATOM   396  C  CA    . TYR A 1 53  ? 11.539  3.249   0.693   1.00 14.90 ? 53  TYR A CA    1 
ATOM   397  C  C     . TYR A 1 53  ? 11.492  1.724   0.706   1.00 13.60 ? 53  TYR A C     1 
ATOM   398  O  O     . TYR A 1 53  ? 11.997  1.067   -0.212  1.00 10.76 ? 53  TYR A O     1 
ATOM   399  C  CB    . TYR A 1 53  ? 10.315  3.771   -0.070  1.00 18.34 ? 53  TYR A CB    1 
ATOM   400  C  CG    . TYR A 1 53  ? 9.706   5.051   0.455   1.00 16.41 ? 53  TYR A CG    1 
ATOM   401  C  CD1   . TYR A 1 53  ? 10.183  6.290   0.049   1.00 22.23 ? 53  TYR A CD1   1 
ATOM   402  C  CD2   . TYR A 1 53  ? 8.632   5.017   1.345   1.00 16.07 ? 53  TYR A CD2   1 
ATOM   403  C  CE1   . TYR A 1 53  ? 9.616   7.465   0.525   1.00 31.99 ? 53  TYR A CE1   1 
ATOM   404  C  CE2   . TYR A 1 53  ? 8.064   6.180   1.828   1.00 21.80 ? 53  TYR A CE2   1 
ATOM   405  C  CZ    . TYR A 1 53  ? 8.555   7.402   1.414   1.00 23.02 ? 53  TYR A CZ    1 
ATOM   406  O  OH    . TYR A 1 53  ? 7.983   8.561   1.892   1.00 30.02 ? 53  TYR A OH    1 
ATOM   407  N  N     . LEU A 1 54  ? 10.894  1.159   1.753   1.00 11.17 ? 54  LEU A N     1 
ATOM   408  C  CA    . LEU A 1 54  ? 10.467  -0.229  1.696   1.00 10.65 ? 54  LEU A CA    1 
ATOM   409  C  C     . LEU A 1 54  ? 8.986   -0.199  1.347   1.00 13.22 ? 54  LEU A C     1 
ATOM   410  O  O     . LEU A 1 54  ? 8.203   0.466   2.014   1.00 8.91  ? 54  LEU A O     1 
ATOM   411  C  CB    . LEU A 1 54  ? 10.700  -0.958  3.029   1.00 14.28 ? 54  LEU A CB    1 
ATOM   412  C  CG    . LEU A 1 54  ? 10.441  -2.474  3.064   1.00 5.27  ? 54  LEU A CG    1 
ATOM   413  C  CD1   . LEU A 1 54  ? 11.151  -3.116  4.245   1.00 8.41  ? 54  LEU A CD1   1 
ATOM   414  C  CD2   . LEU A 1 54  ? 8.927   -2.787  3.117   1.00 6.27  ? 54  LEU A CD2   1 
ATOM   415  N  N     . ASN A 1 55  ? 8.617   -0.893  0.276   1.00 9.71  ? 55  ASN A N     1 
ATOM   416  C  CA    . ASN A 1 55  ? 7.223   -0.985  -0.142  1.00 9.58  ? 55  ASN A CA    1 
ATOM   417  C  C     . ASN A 1 55  ? 6.760   -2.450  -0.188  1.00 7.19  ? 55  ASN A C     1 
ATOM   418  O  O     . ASN A 1 55  ? 7.528   -3.355  -0.536  1.00 8.07  ? 55  ASN A O     1 
ATOM   419  C  CB    . ASN A 1 55  ? 7.014   -0.321  -1.516  1.00 8.80  ? 55  ASN A CB    1 
ATOM   420  C  CG    . ASN A 1 55  ? 7.018   1.203   -1.454  1.00 8.39  ? 55  ASN A CG    1 
ATOM   421  O  OD1   . ASN A 1 55  ? 7.916   1.845   -1.983  1.00 15.12 ? 55  ASN A OD1   1 
ATOM   422  N  ND2   . ASN A 1 55  ? 6.015   1.781   -0.812  1.00 13.07 ? 55  ASN A ND2   1 
ATOM   423  N  N     . ALA A 1 56  ? 5.509   -2.683  0.185   1.00 6.94  ? 56  ALA A N     1 
ATOM   424  C  CA    . ALA A 1 56  ? 4.911   -3.998  0.049   1.00 4.24  ? 56  ALA A CA    1 
ATOM   425  C  C     . ALA A 1 56  ? 3.400   -3.887  -0.115  1.00 6.70  ? 56  ALA A C     1 
ATOM   426  O  O     . ALA A 1 56  ? 2.804   -2.824  0.099   1.00 11.82 ? 56  ALA A O     1 
ATOM   427  C  CB    . ALA A 1 56  ? 5.247   -4.874  1.245   1.00 5.58  ? 56  ALA A CB    1 
ATOM   428  N  N     . ALA A 1 57  ? 2.782   -4.990  -0.503  1.00 8.11  ? 57  ALA A N     1 
ATOM   429  C  CA    . ALA A 1 57  ? 1.336   -5.031  -0.619  1.00 4.53  ? 57  ALA A CA    1 
ATOM   430  C  C     . ALA A 1 57  ? 0.821   -6.140  0.275   1.00 7.13  ? 57  ALA A C     1 
ATOM   431  O  O     . ALA A 1 57  ? 1.483   -7.155  0.457   1.00 7.85  ? 57  ALA A O     1 
ATOM   432  C  CB    . ALA A 1 57  ? 0.913   -5.275  -2.067  1.00 7.86  ? 57  ALA A CB    1 
ATOM   433  N  N     . VAL A 1 58  ? -0.360  -5.928  0.842   1.00 6.08  ? 58  VAL A N     1 
ATOM   434  C  CA    . VAL A 1 58  ? -0.991  -6.910  1.706   1.00 5.61  ? 58  VAL A CA    1 
ATOM   435  C  C     . VAL A 1 58  ? -2.407  -7.182  1.219   1.00 7.42  ? 58  VAL A C     1 
ATOM   436  O  O     . VAL A 1 58  ? -3.145  -6.256  0.895   1.00 9.16  ? 58  VAL A O     1 
ATOM   437  C  CB    . VAL A 1 58  ? -1.058  -6.394  3.150   1.00 9.43  ? 58  VAL A CB    1 
ATOM   438  C  CG1   . VAL A 1 58  ? -1.775  -7.408  4.047   1.00 7.38  ? 58  VAL A CG1   1 
ATOM   439  C  CG2   . VAL A 1 58  ? 0.354   -6.073  3.661   1.00 8.42  ? 58  VAL A CG2   1 
ATOM   440  N  N     . ALA A 1 59  ? -2.779  -8.455  1.153   1.00 4.65  ? 59  ALA A N     1 
ATOM   441  C  CA    . ALA A 1 59  ? -4.167  -8.825  0.925   1.00 5.62  ? 59  ALA A CA    1 
ATOM   442  C  C     . ALA A 1 59  ? -4.777  -9.099  2.289   1.00 7.76  ? 59  ALA A C     1 
ATOM   443  O  O     . ALA A 1 59  ? -4.333  -10.004 2.999   1.00 9.96  ? 59  ALA A O     1 
ATOM   444  C  CB    . ALA A 1 59  ? -4.260  -10.070 0.045   1.00 8.14  ? 59  ALA A CB    1 
ATOM   445  N  N     . LEU A 1 60  ? -5.766  -8.300  2.666   1.00 8.08  ? 60  LEU A N     1 
ATOM   446  C  CA    . LEU A 1 60  ? -6.435  -8.445  3.955   1.00 10.36 ? 60  LEU A CA    1 
ATOM   447  C  C     . LEU A 1 60  ? -7.892  -8.838  3.769   1.00 8.33  ? 60  LEU A C     1 
ATOM   448  O  O     . LEU A 1 60  ? -8.652  -8.139  3.101   1.00 10.29 ? 60  LEU A O     1 
ATOM   449  C  CB    . LEU A 1 60  ? -6.366  -7.127  4.721   1.00 10.96 ? 60  LEU A CB    1 
ATOM   450  C  CG    . LEU A 1 60  ? -6.880  -7.111  6.164   1.00 10.22 ? 60  LEU A CG    1 
ATOM   451  C  CD1   . LEU A 1 60  ? -5.848  -7.717  7.120   1.00 10.95 ? 60  LEU A CD1   1 
ATOM   452  C  CD2   . LEU A 1 60  ? -7.206  -5.683  6.566   1.00 8.16  ? 60  LEU A CD2   1 
ATOM   453  N  N     . GLU A 1 61  ? -8.285  -9.966  4.349   1.00 12.11 ? 61  GLU A N     1 
ATOM   454  C  CA    . GLU A 1 61  ? -9.696  -10.324 4.373   1.00 12.12 ? 61  GLU A CA    1 
ATOM   455  C  C     . GLU A 1 61  ? -10.333 -9.551  5.519   1.00 13.10 ? 61  GLU A C     1 
ATOM   456  O  O     . GLU A 1 61  ? -9.782  -9.500  6.617   1.00 10.72 ? 61  GLU A O     1 
ATOM   457  C  CB    . GLU A 1 61  ? -9.881  -11.828 4.577   1.00 14.12 ? 61  GLU A CB    1 
ATOM   458  C  CG    . GLU A 1 61  ? -11.342 -12.245 4.683   1.00 17.74 ? 61  GLU A CG    1 
ATOM   459  C  CD    . GLU A 1 61  ? -12.123 -11.975 3.407   1.00 24.09 ? 61  GLU A CD    1 
ATOM   460  O  OE1   . GLU A 1 61  ? -11.562 -12.165 2.310   1.00 28.17 ? 61  GLU A OE1   1 
ATOM   461  O  OE2   . GLU A 1 61  ? -13.306 -11.584 3.496   1.00 33.27 ? 61  GLU A OE2   1 
ATOM   462  N  N     . THR A 1 62  ? -11.478 -8.925  5.268   1.00 14.54 ? 62  THR A N     1 
ATOM   463  C  CA    . THR A 1 62  ? -12.124 -8.146  6.317   1.00 11.34 ? 62  THR A CA    1 
ATOM   464  C  C     . THR A 1 62  ? -13.633 -8.064  6.117   1.00 11.30 ? 62  THR A C     1 
ATOM   465  O  O     . THR A 1 62  ? -14.107 -8.005  4.984   1.00 11.98 ? 62  THR A O     1 
ATOM   466  C  CB    . THR A 1 62  ? -11.559 -6.724  6.384   1.00 11.26 ? 62  THR A CB    1 
ATOM   467  O  OG1   . THR A 1 62  ? -12.134 -6.033  7.504   1.00 9.88  ? 62  THR A OG1   1 
ATOM   468  C  CG2   . THR A 1 62  ? -11.877 -5.967  5.093   1.00 11.36 ? 62  THR A CG2   1 
ATOM   469  N  N     . SER A 1 63  ? -14.379 -8.066  7.224   1.00 13.52 ? 63  SER A N     1 
ATOM   470  C  CA    . SER A 1 63  ? -15.826 -7.878  7.185   1.00 9.22  ? 63  SER A CA    1 
ATOM   471  C  C     . SER A 1 63  ? -16.216 -6.452  7.548   1.00 11.09 ? 63  SER A C     1 
ATOM   472  O  O     . SER A 1 63  ? -17.403 -6.110  7.574   1.00 12.75 ? 63  SER A O     1 
ATOM   473  C  CB    . SER A 1 63  ? -16.540 -8.855  8.136   1.00 14.04 ? 63  SER A CB    1 
ATOM   474  O  OG    . SER A 1 63  ? -16.442 -10.187 7.666   1.00 31.07 ? 63  SER A OG    1 
ATOM   475  N  N     . LEU A 1 64  ? -15.221 -5.618  7.826   1.00 12.27 ? 64  LEU A N     1 
ATOM   476  C  CA    . LEU A 1 64  ? -15.463 -4.221  8.177   1.00 8.58  ? 64  LEU A CA    1 
ATOM   477  C  C     . LEU A 1 64  ? -15.924 -3.407  6.984   1.00 9.85  ? 64  LEU A C     1 
ATOM   478  O  O     . LEU A 1 64  ? -15.610 -3.737  5.840   1.00 11.19 ? 64  LEU A O     1 
ATOM   479  C  CB    . LEU A 1 64  ? -14.179 -3.573  8.697   1.00 8.24  ? 64  LEU A CB    1 
ATOM   480  C  CG    . LEU A 1 64  ? -13.543 -4.108  9.974   1.00 9.04  ? 64  LEU A CG    1 
ATOM   481  C  CD1   . LEU A 1 64  ? -12.224 -3.384  10.224  1.00 7.37  ? 64  LEU A CD1   1 
ATOM   482  C  CD2   . LEU A 1 64  ? -14.485 -3.931  11.151  1.00 13.58 ? 64  LEU A CD2   1 
ATOM   483  N  N     . ALA A 1 65  ? -16.650 -2.325  7.259   1.00 6.98  ? 65  ALA A N     1 
ATOM   484  C  CA    . ALA A 1 65  ? -16.974 -1.347  6.230   1.00 9.24  ? 65  ALA A CA    1 
ATOM   485  C  C     . ALA A 1 65  ? -15.675 -0.667  5.829   1.00 10.67 ? 65  ALA A C     1 
ATOM   486  O  O     . ALA A 1 65  ? -14.744 -0.597  6.630   1.00 8.94  ? 65  ALA A O     1 
ATOM   487  C  CB    . ALA A 1 65  ? -17.961 -0.321  6.762   1.00 13.26 ? 65  ALA A CB    1 
ATOM   488  N  N     . PRO A 1 66  ? -15.601 -0.168  4.589   1.00 9.27  ? 66  PRO A N     1 
ATOM   489  C  CA    . PRO A 1 66  ? -14.363 0.457   4.105   1.00 6.98  ? 66  PRO A CA    1 
ATOM   490  C  C     . PRO A 1 66  ? -13.911 1.614   5.000   1.00 10.23 ? 66  PRO A C     1 
ATOM   491  O  O     . PRO A 1 66  ? -12.712 1.788   5.231   1.00 9.75  ? 66  PRO A O     1 
ATOM   492  C  CB    . PRO A 1 66  ? -14.740 1.007   2.725   1.00 12.60 ? 66  PRO A CB    1 
ATOM   493  C  CG    . PRO A 1 66  ? -16.079 0.444   2.383   1.00 9.21  ? 66  PRO A CG    1 
ATOM   494  C  CD    . PRO A 1 66  ? -16.701 -0.133  3.607   1.00 11.26 ? 66  PRO A CD    1 
ATOM   495  N  N     . GLU A 1 67  ? -14.850 2.415   5.487   1.00 10.43 ? 67  GLU A N     1 
ATOM   496  C  CA    . GLU A 1 67  ? -14.459 3.555   6.310   1.00 11.61 ? 67  GLU A CA    1 
ATOM   497  C  C     . GLU A 1 67  ? -13.943 3.109   7.674   1.00 9.89  ? 67  GLU A C     1 
ATOM   498  O  O     . GLU A 1 67  ? -13.085 3.770   8.258   1.00 10.97 ? 67  GLU A O     1 
ATOM   499  C  CB    . GLU A 1 67  ? -15.588 4.587   6.439   1.00 13.70 ? 67  GLU A CB    1 
ATOM   500  C  CG    . GLU A 1 67  ? -16.804 4.127   7.232   1.00 17.27 ? 67  GLU A CG    1 
ATOM   501  C  CD    . GLU A 1 67  ? -17.801 3.343   6.400   1.00 23.28 ? 67  GLU A CD    1 
ATOM   502  O  OE1   . GLU A 1 67  ? -17.501 3.030   5.223   1.00 18.60 ? 67  GLU A OE1   1 
ATOM   503  O  OE2   . GLU A 1 67  ? -18.892 3.037   6.932   1.00 19.06 ? 67  GLU A OE2   1 
ATOM   504  N  N     . GLU A 1 68  ? -14.457 1.988   8.173   1.00 9.52  ? 68  GLU A N     1 
ATOM   505  C  CA    . GLU A 1 68  ? -13.962 1.393   9.414   1.00 7.80  ? 68  GLU A CA    1 
ATOM   506  C  C     . GLU A 1 68  ? -12.526 0.900   9.219   1.00 12.22 ? 68  GLU A C     1 
ATOM   507  O  O     . GLU A 1 68  ? -11.678 1.040   10.106  1.00 10.02 ? 68  GLU A O     1 
ATOM   508  C  CB    . GLU A 1 68  ? -14.839 0.216   9.842   1.00 15.44 ? 68  GLU A CB    1 
ATOM   509  C  CG    . GLU A 1 68  ? -16.253 0.573   10.268  1.00 18.73 ? 68  GLU A CG    1 
ATOM   510  C  CD    . GLU A 1 68  ? -17.023 -0.638  10.785  1.00 33.64 ? 68  GLU A CD    1 
ATOM   511  O  OE1   . GLU A 1 68  ? -17.322 -1.564  9.991   1.00 21.08 ? 68  GLU A OE1   1 
ATOM   512  O  OE2   . GLU A 1 68  ? -17.332 -0.664  11.996  1.00 54.41 ? 68  GLU A OE2   1 
ATOM   513  N  N     . LEU A 1 69  ? -12.255 0.315   8.056   1.00 8.12  ? 69  LEU A N     1 
ATOM   514  C  CA    . LEU A 1 69  ? -10.902 -0.142  7.757   1.00 10.90 ? 69  LEU A CA    1 
ATOM   515  C  C     . LEU A 1 69  ? -9.942  1.037   7.730   1.00 9.83  ? 69  LEU A C     1 
ATOM   516  O  O     . LEU A 1 69  ? -8.842  0.972   8.287   1.00 9.82  ? 69  LEU A O     1 
ATOM   517  C  CB    . LEU A 1 69  ? -10.860 -0.892  6.421   1.00 9.33  ? 69  LEU A CB    1 
ATOM   518  C  CG    . LEU A 1 69  ? -9.468  -1.406  6.053   1.00 9.81  ? 69  LEU A CG    1 
ATOM   519  C  CD1   . LEU A 1 69  ? -8.941  -2.332  7.146   1.00 8.93  ? 69  LEU A CD1   1 
ATOM   520  C  CD2   . LEU A 1 69  ? -9.492  -2.110  4.701   1.00 9.91  ? 69  LEU A CD2   1 
ATOM   521  N  N     . LEU A 1 70  ? -10.369 2.123   7.089   1.00 6.49  ? 70  LEU A N     1 
ATOM   522  C  CA    . LEU A 1 70  ? -9.571  3.339   7.027   1.00 8.17  ? 70  LEU A CA    1 
ATOM   523  C  C     . LEU A 1 70  ? -9.263  3.864   8.426   1.00 7.99  ? 70  LEU A C     1 
ATOM   524  O  O     . LEU A 1 70  ? -8.153  4.339   8.692   1.00 10.41 ? 70  LEU A O     1 
ATOM   525  C  CB    . LEU A 1 70  ? -10.296 4.415   6.213   1.00 10.44 ? 70  LEU A CB    1 
ATOM   526  C  CG    . LEU A 1 70  ? -9.559  5.744   6.072   1.00 9.23  ? 70  LEU A CG    1 
ATOM   527  C  CD1   . LEU A 1 70  ? -8.219  5.543   5.348   1.00 9.04  ? 70  LEU A CD1   1 
ATOM   528  C  CD2   . LEU A 1 70  ? -10.423 6.762   5.333   1.00 11.39 ? 70  LEU A CD2   1 
ATOM   529  N  N     . ASN A 1 71  ? -10.248 3.777   9.314   1.00 9.79  ? 71  ASN A N     1 
ATOM   530  C  CA    . ASN A 1 71  ? -10.061 4.198   10.701  1.00 7.78  ? 71  ASN A CA    1 
ATOM   531  C  C     . ASN A 1 71  ? -8.882  3.461   11.296  1.00 11.63 ? 71  ASN A C     1 
ATOM   532  O  O     . ASN A 1 71  ? -7.986  4.067   11.878  1.00 11.95 ? 71  ASN A O     1 
ATOM   533  C  CB    . ASN A 1 71  ? -11.318 3.929   11.532  1.00 9.93  ? 71  ASN A CB    1 
ATOM   534  C  CG    . ASN A 1 71  ? -12.428 4.918   11.246  1.00 8.45  ? 71  ASN A CG    1 
ATOM   535  O  OD1   . ASN A 1 71  ? -12.214 5.932   10.581  1.00 11.97 ? 71  ASN A OD1   1 
ATOM   536  N  ND2   . ASN A 1 71  ? -13.622 4.621   11.735  1.00 14.28 ? 71  ASN A ND2   1 
ATOM   537  N  N     . HIS A 1 72  ? -8.873  2.145   11.120  1.00 6.29  ? 72  HIS A N     1 
ATOM   538  C  CA    . HIS A 1 72  ? -7.788  1.332   11.653  1.00 10.01 ? 72  HIS A CA    1 
ATOM   539  C  C     . HIS A 1 72  ? -6.426  1.591   11.019  1.00 9.87  ? 72  HIS A C     1 
ATOM   540  O  O     . HIS A 1 72  ? -5.431  1.629   11.729  1.00 6.70  ? 72  HIS A O     1 
ATOM   541  C  CB    . HIS A 1 72  ? -8.134  -0.151  11.594  1.00 7.13  ? 72  HIS A CB    1 
ATOM   542  C  CG    . HIS A 1 72  ? -9.205  -0.542  12.564  1.00 7.61  ? 72  HIS A CG    1 
ATOM   543  N  ND1   . HIS A 1 72  ? -8.945  -0.838  13.885  1.00 12.76 ? 72  HIS A ND1   1 
ATOM   544  C  CD2   . HIS A 1 72  ? -10.546 -0.649  12.413  1.00 7.47  ? 72  HIS A CD2   1 
ATOM   545  C  CE1   . HIS A 1 72  ? -10.075 -1.135  14.500  1.00 18.27 ? 72  HIS A CE1   1 
ATOM   546  N  NE2   . HIS A 1 72  ? -11.063 -1.029  13.629  1.00 9.71  ? 72  HIS A NE2   1 
ATOM   547  N  N     . THR A 1 73  ? -6.365  1.744   9.699   1.00 6.77  ? 73  THR A N     1 
ATOM   548  C  CA    . THR A 1 73  ? -5.076  2.019   9.067   1.00 8.85  ? 73  THR A CA    1 
ATOM   549  C  C     . THR A 1 73  ? -4.534  3.371   9.525   1.00 6.86  ? 73  THR A C     1 
ATOM   550  O  O     . THR A 1 73  ? -3.332  3.518   9.729   1.00 9.29  ? 73  THR A O     1 
ATOM   551  C  CB    . THR A 1 73  ? -5.114  1.945   7.517   1.00 9.40  ? 73  THR A CB    1 
ATOM   552  O  OG1   . THR A 1 73  ? -6.030  2.919   6.997   1.00 10.78 ? 73  THR A OG1   1 
ATOM   553  C  CG2   . THR A 1 73  ? -5.517  0.556   7.050   1.00 7.66  ? 73  THR A CG2   1 
ATOM   554  N  N     . GLN A 1 74  ? -5.425  4.352   9.681   1.00 7.80  ? 74  GLN A N     1 
ATOM   555  C  CA    . GLN A 1 74  ? -5.011  5.668   10.163  1.00 7.30  ? 74  GLN A CA    1 
ATOM   556  C  C     . GLN A 1 74  ? -4.556  5.599   11.613  1.00 11.38 ? 74  GLN A C     1 
ATOM   557  O  O     . GLN A 1 74  ? -3.612  6.280   11.988  1.00 6.77  ? 74  GLN A O     1 
ATOM   558  C  CB    . GLN A 1 74  ? -6.123  6.709   9.982   1.00 7.81  ? 74  GLN A CB    1 
ATOM   559  C  CG    . GLN A 1 74  ? -6.354  7.068   8.509   1.00 11.12 ? 74  GLN A CG    1 
ATOM   560  C  CD    . GLN A 1 74  ? -7.409  8.135   8.322   1.00 14.32 ? 74  GLN A CD    1 
ATOM   561  O  OE1   . GLN A 1 74  ? -8.178  8.436   9.235   1.00 13.56 ? 74  GLN A OE1   1 
ATOM   562  N  NE2   . GLN A 1 74  ? -7.447  8.723   7.131   1.00 13.05 ? 74  GLN A NE2   1 
ATOM   563  N  N     . ARG A 1 75  ? -5.220  4.779   12.423  1.00 5.88  ? 75  ARG A N     1 
ATOM   564  C  CA    . ARG A 1 75  ? -4.795  4.574   13.813  1.00 6.08  ? 75  ARG A CA    1 
ATOM   565  C  C     . ARG A 1 75  ? -3.392  3.958   13.842  1.00 9.29  ? 75  ARG A C     1 
ATOM   566  O  O     . ARG A 1 75  ? -2.521  4.356   14.634  1.00 11.02 ? 75  ARG A O     1 
ATOM   567  C  CB    . ARG A 1 75  ? -5.782  3.657   14.554  1.00 10.41 ? 75  ARG A CB    1 
ATOM   568  C  CG    . ARG A 1 75  ? -5.226  3.067   15.843  1.00 6.98  ? 75  ARG A CG    1 
ATOM   569  C  CD    . ARG A 1 75  ? -6.190  2.119   16.551  1.00 10.74 ? 75  ARG A CD    1 
ATOM   570  N  NE    . ARG A 1 75  ? -6.537  0.954   15.731  1.00 10.43 ? 75  ARG A NE    1 
ATOM   571  C  CZ    . ARG A 1 75  ? -5.761  -0.111  15.542  1.00 11.94 ? 75  ARG A CZ    1 
ATOM   572  N  NH1   . ARG A 1 75  ? -4.562  -0.185  16.100  1.00 8.29  ? 75  ARG A NH1   1 
ATOM   573  N  NH2   . ARG A 1 75  ? -6.189  -1.115  14.782  1.00 10.73 ? 75  ARG A NH2   1 
ATOM   574  N  N     . ILE A 1 76  ? -3.178  2.967   12.982  1.00 7.37  ? 76  ILE A N     1 
ATOM   575  C  CA    . ILE A 1 76  ? -1.896  2.268   12.952  1.00 7.35  ? 76  ILE A CA    1 
ATOM   576  C  C     . ILE A 1 76  ? -0.782  3.214   12.507  1.00 9.92  ? 76  ILE A C     1 
ATOM   577  O  O     . ILE A 1 76  ? 0.321   3.167   13.047  1.00 9.81  ? 76  ILE A O     1 
ATOM   578  C  CB    . ILE A 1 76  ? -1.948  0.993   12.066  1.00 9.55  ? 76  ILE A CB    1 
ATOM   579  C  CG1   . ILE A 1 76  ? -2.945  -0.018  12.642  1.00 9.96  ? 76  ILE A CG1   1 
ATOM   580  C  CG2   . ILE A 1 76  ? -0.586  0.338   11.959  1.00 11.29 ? 76  ILE A CG2   1 
ATOM   581  C  CD1   . ILE A 1 76  ? -3.215  -1.186  11.710  1.00 9.38  ? 76  ILE A CD1   1 
ATOM   582  N  N     . GLU A 1 77  ? -1.070  4.086   11.544  1.00 7.50  ? 77  GLU A N     1 
ATOM   583  C  CA    . GLU A 1 77  ? -0.104  5.118   11.155  1.00 7.87  ? 77  GLU A CA    1 
ATOM   584  C  C     . GLU A 1 77  ? 0.296   6.002   12.334  1.00 9.47  ? 77  GLU A C     1 
ATOM   585  O  O     . GLU A 1 77  ? 1.477   6.312   12.517  1.00 9.57  ? 77  GLU A O     1 
ATOM   586  C  CB    . GLU A 1 77  ? -0.649  5.999   10.028  1.00 8.43  ? 77  GLU A CB    1 
ATOM   587  C  CG    . GLU A 1 77  ? -0.616  5.350   8.662   1.00 7.86  ? 77  GLU A CG    1 
ATOM   588  C  CD    . GLU A 1 77  ? -1.210  6.234   7.592   1.00 15.15 ? 77  GLU A CD    1 
ATOM   589  O  OE1   . GLU A 1 77  ? -2.016  7.126   7.932   1.00 15.20 ? 77  GLU A OE1   1 
ATOM   590  O  OE2   . GLU A 1 77  ? -0.866  6.040   6.413   1.00 11.66 ? 77  GLU A OE2   1 
ATOM   591  N  N     . LEU A 1 78  ? -0.695  6.422   13.113  1.00 8.14  ? 78  LEU A N     1 
ATOM   592  C  CA    . LEU A 1 78  ? -0.460  7.318   14.240  1.00 7.15  ? 78  LEU A CA    1 
ATOM   593  C  C     . LEU A 1 78  ? 0.330   6.592   15.332  1.00 11.43 ? 78  LEU A C     1 
ATOM   594  O  O     . LEU A 1 78  ? 1.208   7.167   15.965  1.00 16.03 ? 78  LEU A O     1 
ATOM   595  C  CB    . LEU A 1 78  ? -1.789  7.822   14.815  1.00 10.85 ? 78  LEU A CB    1 
ATOM   596  C  CG    . LEU A 1 78  ? -2.615  8.802   13.981  1.00 12.07 ? 78  LEU A CG    1 
ATOM   597  C  CD1   . LEU A 1 78  ? -4.039  8.908   14.530  1.00 10.45 ? 78  LEU A CD1   1 
ATOM   598  C  CD2   . LEU A 1 78  ? -1.949  10.184  13.891  1.00 14.26 ? 78  LEU A CD2   1 
ATOM   599  N  N     . GLN A 1 79  ? 0.007   5.321   15.544  1.00 11.30 ? 79  GLN A N     1 
ATOM   600  C  CA    . GLN A 1 79  ? 0.645   4.528   16.596  1.00 9.74  ? 79  GLN A CA    1 
ATOM   601  C  C     . GLN A 1 79  ? 2.062   4.053   16.236  1.00 17.20 ? 79  GLN A C     1 
ATOM   602  O  O     . GLN A 1 79  ? 2.955   4.009   17.095  1.00 15.71 ? 79  GLN A O     1 
ATOM   603  C  CB    . GLN A 1 79  ? -0.237  3.331   16.966  1.00 11.05 ? 79  GLN A CB    1 
ATOM   604  C  CG    . GLN A 1 79  ? -1.534  3.716   17.675  1.00 8.60  ? 79  GLN A CG    1 
ATOM   605  C  CD    . GLN A 1 79  ? -2.450  2.533   17.904  1.00 9.35  ? 79  GLN A CD    1 
ATOM   606  O  OE1   . GLN A 1 79  ? -2.427  1.572   17.142  1.00 9.45  ? 79  GLN A OE1   1 
ATOM   607  N  NE2   . GLN A 1 79  ? -3.277  2.604   18.952  1.00 10.62 ? 79  GLN A NE2   1 
ATOM   608  N  N     . GLN A 1 80  ? 2.273   3.710   14.969  1.00 12.60 ? 80  GLN A N     1 
ATOM   609  C  CA    . GLN A 1 80  ? 3.526   3.068   14.553  1.00 17.81 ? 80  GLN A CA    1 
ATOM   610  C  C     . GLN A 1 80  ? 4.515   3.978   13.827  1.00 16.32 ? 80  GLN A C     1 
ATOM   611  O  O     . GLN A 1 80  ? 5.655   3.585   13.582  1.00 17.14 ? 80  GLN A O     1 
ATOM   612  C  CB    . GLN A 1 80  ? 3.247   1.838   13.681  1.00 15.63 ? 80  GLN A CB    1 
ATOM   613  C  CG    . GLN A 1 80  ? 2.366   0.770   14.326  1.00 16.60 ? 80  GLN A CG    1 
ATOM   614  C  CD    . GLN A 1 80  ? 2.903   0.275   15.656  1.00 21.30 ? 80  GLN A CD    1 
ATOM   615  O  OE1   . GLN A 1 80  ? 2.136   -0.046  16.564  1.00 18.99 ? 80  GLN A OE1   1 
ATOM   616  N  NE2   . GLN A 1 80  ? 4.224   0.217   15.782  1.00 18.00 ? 80  GLN A NE2   1 
ATOM   617  N  N     . GLY A 1 81  ? 4.094   5.186   13.474  1.00 16.96 ? 81  GLY A N     1 
ATOM   618  C  CA    . GLY A 1 81  ? 4.980   6.096   12.774  1.00 14.62 ? 81  GLY A CA    1 
ATOM   619  C  C     . GLY A 1 81  ? 4.816   7.535   13.227  1.00 13.87 ? 81  GLY A C     1 
ATOM   620  O  O     . GLY A 1 81  ? 4.101   7.814   14.186  1.00 19.67 ? 81  GLY A O     1 
ATOM   621  N  N     . ARG A 1 82  ? 5.482   8.448   12.526  1.00 17.75 ? 82  ARG A N     1 
ATOM   622  C  CA    . ARG A 1 82  ? 5.434   9.865   12.856  1.00 15.94 ? 82  ARG A CA    1 
ATOM   623  C  C     . ARG A 1 82  ? 5.402   10.699  11.574  1.00 28.56 ? 82  ARG A C     1 
ATOM   624  O  O     . ARG A 1 82  ? 5.709   10.201  10.491  1.00 16.09 ? 82  ARG A O     1 
ATOM   625  C  CB    . ARG A 1 82  ? 6.658   10.249  13.686  1.00 23.63 ? 82  ARG A CB    1 
ATOM   626  C  CG    . ARG A 1 82  ? 7.974   10.092  12.933  1.00 26.69 ? 82  ARG A CG    1 
ATOM   627  C  CD    . ARG A 1 82  ? 9.149   10.671  13.712  1.00 17.97 ? 82  ARG A CD    1 
ATOM   628  N  NE    . ARG A 1 82  ? 10.372  10.712  12.913  1.00 24.20 ? 82  ARG A NE    1 
ATOM   629  C  CZ    . ARG A 1 82  ? 10.674  11.691  12.062  1.00 27.29 ? 82  ARG A CZ    1 
ATOM   630  N  NH1   . ARG A 1 82  ? 9.839   12.707  11.895  1.00 23.76 ? 82  ARG A NH1   1 
ATOM   631  N  NH2   . ARG A 1 82  ? 11.808  11.657  11.375  1.00 25.58 ? 82  ARG A NH2   1 
ATOM   632  N  N     . VAL A 1 83  ? 5.035   11.971  11.694  1.00 26.03 ? 83  VAL A N     1 
ATOM   633  C  CA    . VAL A 1 83  ? 5.023   12.858  10.537  1.00 32.53 ? 83  VAL A CA    1 
ATOM   634  C  C     . VAL A 1 83  ? 6.336   13.627  10.443  1.00 33.79 ? 83  VAL A C     1 
ATOM   635  O  O     . VAL A 1 83  ? 6.664   14.412  11.333  1.00 36.85 ? 83  VAL A O     1 
ATOM   636  C  CB    . VAL A 1 83  ? 3.857   13.863  10.597  1.00 30.03 ? 83  VAL A CB    1 
ATOM   637  C  CG1   A VAL A 1 83  ? 3.637   14.502  9.233   0.60 29.81 ? 83  VAL A CG1   1 
ATOM   638  C  CG1   B VAL A 1 83  ? 2.537   13.165  10.304  0.40 30.29 ? 83  VAL A CG1   1 
ATOM   639  C  CG2   A VAL A 1 83  ? 2.590   13.175  11.070  0.60 27.98 ? 83  VAL A CG2   1 
ATOM   640  C  CG2   B VAL A 1 83  ? 3.817   14.552  11.947  0.40 27.81 ? 83  VAL A CG2   1 
ATOM   641  N  N     . ARG A 1 84  ? 7.086   13.396  9.367   1.00 26.17 ? 84  ARG A N     1 
ATOM   642  C  CA    . ARG A 1 84  ? 8.339   14.110  9.146   1.00 29.48 ? 84  ARG A CA    1 
ATOM   643  C  C     . ARG A 1 84  ? 8.088   15.608  8.986   1.00 37.36 ? 84  ARG A C     1 
ATOM   644  O  O     . ARG A 1 84  ? 7.297   16.027  8.138   1.00 33.16 ? 84  ARG A O     1 
ATOM   645  C  CB    . ARG A 1 84  ? 9.086   13.554  7.928   1.00 22.52 ? 84  ARG A CB    1 
ATOM   646  C  CG    . ARG A 1 84  ? 9.709   12.180  8.168   1.00 25.08 ? 84  ARG A CG    1 
ATOM   647  C  CD    . ARG A 1 84  ? 10.673  11.787  7.062   1.00 22.40 ? 84  ARG A CD    1 
ATOM   648  N  NE    . ARG A 1 84  ? 11.017  10.367  7.125   1.00 28.71 ? 84  ARG A NE    1 
ATOM   649  C  CZ    . ARG A 1 84  ? 12.043  9.871   7.813   1.00 27.04 ? 84  ARG A CZ    1 
ATOM   650  N  NH1   . ARG A 1 84  ? 12.839  10.683  8.496   1.00 33.39 ? 84  ARG A NH1   1 
ATOM   651  N  NH2   . ARG A 1 84  ? 12.278  8.564   7.815   1.00 24.25 ? 84  ARG A NH2   1 
ATOM   652  N  N     . LYS A 1 85  ? 8.768   16.403  9.809   0.50 35.86 ? 85  LYS A N     1 
ATOM   653  C  CA    . LYS A 1 85  ? 8.605   17.855  9.804   0.50 37.68 ? 85  LYS A CA    1 
ATOM   654  C  C     . LYS A 1 85  ? 9.321   18.514  8.630   0.50 38.65 ? 85  LYS A C     1 
ATOM   655  O  O     . LYS A 1 85  ? 9.383   19.740  8.538   0.50 47.15 ? 85  LYS A O     1 
ATOM   656  C  CB    . LYS A 1 85  ? 9.110   18.457  11.116  0.50 34.31 ? 85  LYS A CB    1 
ATOM   657  C  CG    . LYS A 1 85  ? 8.116   18.387  12.259  0.50 37.45 ? 85  LYS A CG    1 
ATOM   658  C  CD    . LYS A 1 85  ? 8.560   19.263  13.415  0.50 33.52 ? 85  LYS A CD    1 
ATOM   659  C  CE    . LYS A 1 85  ? 7.435   19.488  14.407  0.50 33.07 ? 85  LYS A CE    1 
ATOM   660  N  NZ    . LYS A 1 85  ? 7.857   20.375  15.526  0.50 41.01 ? 85  LYS A NZ    1 
ATOM   661  N  N     . ALA A 1 86  ? 9.859   17.696  7.734   0.50 43.51 ? 86  ALA A N     1 
ATOM   662  C  CA    . ALA A 1 86  ? 10.610  18.208  6.596   0.50 47.34 ? 86  ALA A CA    1 
ATOM   663  C  C     . ALA A 1 86  ? 9.703   18.864  5.558   0.50 55.97 ? 86  ALA A C     1 
ATOM   664  O  O     . ALA A 1 86  ? 9.532   20.083  5.549   0.50 54.72 ? 86  ALA A O     1 
ATOM   665  C  CB    . ALA A 1 86  ? 11.430  17.095  5.961   0.50 45.99 ? 86  ALA A CB    1 
ATOM   666  N  N     . GLU A 1 87  ? 9.123   18.044  4.687   0.50 60.18 ? 87  GLU A N     1 
ATOM   667  C  CA    . GLU A 1 87  ? 8.357   18.547  3.554   0.50 56.83 ? 87  GLU A CA    1 
ATOM   668  C  C     . GLU A 1 87  ? 7.118   17.692  3.310   0.50 59.10 ? 87  GLU A C     1 
ATOM   669  O  O     . GLU A 1 87  ? 6.619   17.029  4.220   0.50 54.61 ? 87  GLU A O     1 
ATOM   670  C  CB    . GLU A 1 87  ? 9.237   18.553  2.300   0.50 60.31 ? 87  GLU A CB    1 
ATOM   671  C  CG    . GLU A 1 87  ? 8.761   19.461  1.180   0.50 57.79 ? 87  GLU A CG    1 
ATOM   672  C  CD    . GLU A 1 87  ? 9.119   20.911  1.419   0.50 60.97 ? 87  GLU A CD    1 
ATOM   673  O  OE1   . GLU A 1 87  ? 9.594   21.231  2.527   0.50 59.64 ? 87  GLU A OE1   1 
ATOM   674  O  OE2   . GLU A 1 87  ? 8.927   21.731  0.497   0.50 63.31 ? 87  GLU A OE2   1 
ATOM   675  N  N     . ARG A 1 88  ? 6.629   17.719  2.073   0.50 59.48 ? 88  ARG A N     1 
ATOM   676  C  CA    . ARG A 1 88  ? 5.519   16.875  1.654   0.50 52.76 ? 88  ARG A CA    1 
ATOM   677  C  C     . ARG A 1 88  ? 6.080   15.652  0.944   0.50 52.90 ? 88  ARG A C     1 
ATOM   678  O  O     . ARG A 1 88  ? 5.384   14.652  0.761   0.50 55.14 ? 88  ARG A O     1 
ATOM   679  C  CB    . ARG A 1 88  ? 4.593   17.644  0.712   0.50 55.71 ? 88  ARG A CB    1 
ATOM   680  C  CG    . ARG A 1 88  ? 3.263   16.960  0.415   0.50 52.19 ? 88  ARG A CG    1 
ATOM   681  C  CD    . ARG A 1 88  ? 2.195   17.342  1.431   0.50 42.45 ? 88  ARG A CD    1 
ATOM   682  N  NE    . ARG A 1 88  ? 2.193   16.473  2.605   0.50 38.55 ? 88  ARG A NE    1 
ATOM   683  C  CZ    . ARG A 1 88  ? 1.275   15.540  2.841   0.50 35.65 ? 88  ARG A CZ    1 
ATOM   684  N  NH1   . ARG A 1 88  ? 0.280   15.356  1.984   0.50 33.74 ? 88  ARG A NH1   1 
ATOM   685  N  NH2   . ARG A 1 88  ? 1.346   14.794  3.935   0.50 35.07 ? 88  ARG A NH2   1 
ATOM   686  N  N     . TRP A 1 89  ? 7.345   15.747  0.540   0.50 53.09 ? 89  TRP A N     1 
ATOM   687  C  CA    . TRP A 1 89  ? 8.049   14.640  -0.103  0.50 56.83 ? 89  TRP A CA    1 
ATOM   688  C  C     . TRP A 1 89  ? 7.755   13.327  0.616   0.50 53.96 ? 89  TRP A C     1 
ATOM   689  O  O     . TRP A 1 89  ? 6.993   12.494  0.123   0.50 48.99 ? 89  TRP A O     1 
ATOM   690  C  CB    . TRP A 1 89  ? 9.558   14.919  -0.135  0.50 55.49 ? 89  TRP A CB    1 
ATOM   691  C  CG    . TRP A 1 89  ? 10.184  15.066  1.229   0.50 58.84 ? 89  TRP A CG    1 
ATOM   692  C  CD1   . TRP A 1 89  ? 9.567   15.479  2.375   0.50 57.73 ? 89  TRP A CD1   1 
ATOM   693  C  CD2   . TRP A 1 89  ? 11.551  14.820  1.576   0.50 58.55 ? 89  TRP A CD2   1 
ATOM   694  N  NE1   . TRP A 1 89  ? 10.461  15.492  3.417   0.50 51.89 ? 89  TRP A NE1   1 
ATOM   695  C  CE2   . TRP A 1 89  ? 11.688  15.094  2.952   0.50 55.88 ? 89  TRP A CE2   1 
ATOM   696  C  CE3   . TRP A 1 89  ? 12.672  14.391  0.861   0.50 61.97 ? 89  TRP A CE3   1 
ATOM   697  C  CZ2   . TRP A 1 89  ? 12.899  14.953  3.625   0.50 61.39 ? 89  TRP A CZ2   1 
ATOM   698  C  CZ3   . TRP A 1 89  ? 13.874  14.252  1.531   0.50 60.44 ? 89  TRP A CZ3   1 
ATOM   699  C  CH2   . TRP A 1 89  ? 13.977  14.532  2.898   0.50 66.16 ? 89  TRP A CH2   1 
ATOM   700  N  N     . GLY A 1 90  ? 8.365   13.152  1.783   0.50 52.04 ? 90  GLY A N     1 
ATOM   701  C  CA    . GLY A 1 90  ? 8.057   12.042  2.661   0.50 45.16 ? 90  GLY A CA    1 
ATOM   702  C  C     . GLY A 1 90  ? 7.212   12.547  3.813   0.50 38.68 ? 90  GLY A C     1 
ATOM   703  O  O     . GLY A 1 90  ? 7.736   13.100  4.778   0.50 45.52 ? 90  GLY A O     1 
ATOM   704  N  N     . PRO A 1 91  ? 5.890   12.376  3.706   0.50 37.82 ? 91  PRO A N     1 
ATOM   705  C  CA    . PRO A 1 91  ? 4.931   12.849  4.707   0.50 38.08 ? 91  PRO A CA    1 
ATOM   706  C  C     . PRO A 1 91  ? 5.085   12.126  6.041   0.50 32.52 ? 91  PRO A C     1 
ATOM   707  O  O     . PRO A 1 91  ? 5.375   12.762  7.052   0.50 36.95 ? 91  PRO A O     1 
ATOM   708  C  CB    . PRO A 1 91  ? 3.579   12.495  4.076   0.50 37.18 ? 91  PRO A CB    1 
ATOM   709  C  CG    . PRO A 1 91  ? 3.904   11.385  3.111   0.50 42.38 ? 91  PRO A CG    1 
ATOM   710  C  CD    . PRO A 1 91  ? 5.203   11.815  2.532   0.50 36.84 ? 91  PRO A CD    1 
ATOM   711  N  N     . ARG A 1 92  ? 4.885   10.812  6.036   1.00 32.55 ? 92  ARG A N     1 
ATOM   712  C  CA    . ARG A 1 92  ? 4.938   10.015  7.255   1.00 31.38 ? 92  ARG A CA    1 
ATOM   713  C  C     . ARG A 1 92  ? 5.998   8.938   7.107   1.00 20.20 ? 92  ARG A C     1 
ATOM   714  O  O     . ARG A 1 92  ? 6.320   8.535   5.990   1.00 22.49 ? 92  ARG A O     1 
ATOM   715  C  CB    . ARG A 1 92  ? 3.580   9.359   7.523   1.00 24.52 ? 92  ARG A CB    1 
ATOM   716  C  CG    . ARG A 1 92  ? 2.414   10.324  7.517   1.00 34.54 ? 92  ARG A CG    1 
ATOM   717  C  CD    . ARG A 1 92  ? 1.111   9.624   7.871   1.00 32.74 ? 92  ARG A CD    1 
ATOM   718  N  NE    . ARG A 1 92  ? -0.027  10.538  7.817   1.00 45.53 ? 92  ARG A NE    1 
ATOM   719  C  CZ    . ARG A 1 92  ? -0.494  11.216  8.863   1.00 46.97 ? 92  ARG A CZ    1 
ATOM   720  N  NH1   . ARG A 1 92  ? 0.076   11.080  10.054  1.00 35.14 ? 92  ARG A NH1   1 
ATOM   721  N  NH2   . ARG A 1 92  ? -1.534  12.028  8.717   1.00 35.38 ? 92  ARG A NH2   1 
ATOM   722  N  N     . THR A 1 93  ? 6.543   8.473   8.229   1.00 24.09 ? 93  THR A N     1 
ATOM   723  C  CA    . THR A 1 93  ? 7.521   7.400   8.178   1.00 11.36 ? 93  THR A CA    1 
ATOM   724  C  C     . THR A 1 93  ? 6.848   6.101   7.766   1.00 15.24 ? 93  THR A C     1 
ATOM   725  O  O     . THR A 1 93  ? 7.448   5.292   7.077   1.00 14.68 ? 93  THR A O     1 
ATOM   726  C  CB    . THR A 1 93  ? 8.267   7.182   9.519   1.00 16.17 ? 93  THR A CB    1 
ATOM   727  O  OG1   . THR A 1 93  ? 7.325   6.989   10.582  1.00 10.24 ? 93  THR A OG1   1 
ATOM   728  C  CG2   . THR A 1 93  ? 9.149   8.374   9.843   1.00 24.18 ? 93  THR A CG2   1 
ATOM   729  N  N     . LEU A 1 94  ? 5.603   5.907   8.198   1.00 9.00  ? 94  LEU A N     1 
ATOM   730  C  CA    . LEU A 1 94  ? 4.823   4.738   7.806   1.00 9.15  ? 94  LEU A CA    1 
ATOM   731  C  C     . LEU A 1 94  ? 3.547   5.160   7.098   1.00 11.82 ? 94  LEU A C     1 
ATOM   732  O  O     . LEU A 1 94  ? 2.753   5.933   7.637   1.00 11.86 ? 94  LEU A O     1 
ATOM   733  C  CB    . LEU A 1 94  ? 4.461   3.894   9.029   1.00 10.69 ? 94  LEU A CB    1 
ATOM   734  C  CG    . LEU A 1 94  ? 3.583   2.671   8.749   1.00 11.05 ? 94  LEU A CG    1 
ATOM   735  C  CD1   . LEU A 1 94  ? 4.365   1.572   8.027   1.00 11.57 ? 94  LEU A CD1   1 
ATOM   736  C  CD2   . LEU A 1 94  ? 2.983   2.141   10.037  1.00 19.35 ? 94  LEU A CD2   1 
ATOM   737  N  N     . ALA A 1 95  ? 3.347   4.655   5.883   1.00 6.64  ? 95  ALA A N     1 
ATOM   738  C  CA    . ALA A 1 95  ? 2.147   4.986   5.128   1.00 11.51 ? 95  ALA A CA    1 
ATOM   739  C  C     . ALA A 1 95  ? 1.387   3.721   4.828   1.00 8.05  ? 95  ALA A C     1 
ATOM   740  O  O     . ALA A 1 95  ? 1.969   2.755   4.338   1.00 9.26  ? 95  ALA A O     1 
ATOM   741  C  CB    . ALA A 1 95  ? 2.507   5.694   3.829   1.00 9.42  ? 95  ALA A CB    1 
ATOM   742  N  N     . LEU A 1 96  ? 0.093   3.737   5.139   1.00 5.97  ? 96  LEU A N     1 
ATOM   743  C  CA    . LEU A 1 96  ? -0.814  2.646   4.816   1.00 6.50  ? 96  LEU A CA    1 
ATOM   744  C  C     . LEU A 1 96  ? -1.868  3.200   3.876   1.00 9.92  ? 96  LEU A C     1 
ATOM   745  O  O     . LEU A 1 96  ? -2.503  4.212   4.179   1.00 11.56 ? 96  LEU A O     1 
ATOM   746  C  CB    . LEU A 1 96  ? -1.477  2.127   6.088   1.00 8.48  ? 96  LEU A CB    1 
ATOM   747  C  CG    . LEU A 1 96  ? -0.501  1.544   7.106   1.00 8.07  ? 96  LEU A CG    1 
ATOM   748  C  CD1   . LEU A 1 96  ? -1.216  1.226   8.410   1.00 10.33 ? 96  LEU A CD1   1 
ATOM   749  C  CD2   . LEU A 1 96  ? 0.182   0.306   6.536   1.00 11.40 ? 96  LEU A CD2   1 
ATOM   750  N  N     . ASP A 1 97  ? -2.034  2.560   2.723   1.00 7.68  ? 97  ASP A N     1 
ATOM   751  C  CA    . ASP A 1 97  ? -2.990  3.032   1.732   1.00 8.33  ? 97  ASP A CA    1 
ATOM   752  C  C     . ASP A 1 97  ? -3.904  1.921   1.307   1.00 6.99  ? 97  ASP A C     1 
ATOM   753  O  O     . ASP A 1 97  ? -3.445  0.819   1.023   1.00 6.05  ? 97  ASP A O     1 
ATOM   754  C  CB    . ASP A 1 97  ? -2.243  3.543   0.502   1.00 9.00  ? 97  ASP A CB    1 
ATOM   755  C  CG    . ASP A 1 97  ? -1.593  4.865   0.753   1.00 14.51 ? 97  ASP A CG    1 
ATOM   756  O  OD1   . ASP A 1 97  ? -2.339  5.812   1.024   1.00 16.21 ? 97  ASP A OD1   1 
ATOM   757  O  OD2   . ASP A 1 97  ? -0.355  4.951   0.692   1.00 12.92 ? 97  ASP A OD2   1 
ATOM   758  N  N     . ILE A 1 98  ? -5.200  2.199   1.244   1.00 7.67  ? 98  ILE A N     1 
ATOM   759  C  CA    . ILE A 1 98  ? -6.137  1.204   0.745   1.00 4.85  ? 98  ILE A CA    1 
ATOM   760  C  C     . ILE A 1 98  ? -6.168  1.317   -0.775  1.00 10.16 ? 98  ILE A C     1 
ATOM   761  O  O     . ILE A 1 98  ? -6.661  2.300   -1.311  1.00 9.85  ? 98  ILE A O     1 
ATOM   762  C  CB    . ILE A 1 98  ? -7.551  1.406   1.339   1.00 5.53  ? 98  ILE A CB    1 
ATOM   763  C  CG1   . ILE A 1 98  ? -7.513  1.250   2.869   1.00 8.75  ? 98  ILE A CG1   1 
ATOM   764  C  CG2   . ILE A 1 98  ? -8.567  0.441   0.693   1.00 4.35  ? 98  ILE A CG2   1 
ATOM   765  C  CD1   . ILE A 1 98  ? -8.776  1.723   3.595   1.00 9.26  ? 98  ILE A CD1   1 
ATOM   766  N  N     . MET A 1 99  ? -5.610  0.327   -1.466  1.00 3.80  ? 99  MET A N     1 
ATOM   767  C  CA    . MET A 1 99  ? -5.565  0.361   -2.927  1.00 4.68  ? 99  MET A CA    1 
ATOM   768  C  C     . MET A 1 99  ? -6.895  -0.071  -3.533  1.00 8.02  ? 99  MET A C     1 
ATOM   769  O  O     . MET A 1 99  ? -7.470  0.626   -4.368  1.00 7.31  ? 99  MET A O     1 
ATOM   770  C  CB    . MET A 1 99  ? -4.416  -0.501  -3.459  1.00 6.85  ? 99  MET A CB    1 
ATOM   771  C  CG    . MET A 1 99  ? -3.047  0.033   -3.092  1.00 6.74  ? 99  MET A CG    1 
ATOM   772  S  SD    . MET A 1 99  ? -1.687  -0.854  -3.894  1.00 6.59  ? 99  MET A SD    1 
ATOM   773  C  CE    . MET A 1 99  ? -1.674  -2.369  -2.935  1.00 8.05  ? 99  MET A CE    1 
ATOM   774  N  N     A LEU A 1 100 ? -7.369  -1.235  -3.108  0.33 6.55  ? 100 LEU A N     1 
ATOM   775  N  N     B LEU A 1 100 ? -7.369  -1.237  -3.111  0.67 6.50  ? 100 LEU A N     1 
ATOM   776  C  CA    A LEU A 1 100 ? -8.646  -1.761  -3.563  0.33 6.94  ? 100 LEU A CA    1 
ATOM   777  C  CA    B LEU A 1 100 ? -8.636  -1.781  -3.577  0.67 6.92  ? 100 LEU A CA    1 
ATOM   778  C  C     A LEU A 1 100 ? -9.419  -2.324  -2.383  0.33 7.22  ? 100 LEU A C     1 
ATOM   779  C  C     B LEU A 1 100 ? -9.417  -2.281  -2.370  0.67 7.21  ? 100 LEU A C     1 
ATOM   780  O  O     A LEU A 1 100 ? -8.829  -2.798  -1.416  0.33 6.84  ? 100 LEU A O     1 
ATOM   781  O  O     B LEU A 1 100 ? -8.827  -2.675  -1.371  0.67 6.83  ? 100 LEU A O     1 
ATOM   782  C  CB    A LEU A 1 100 ? -8.448  -2.854  -4.616  0.33 7.56  ? 100 LEU A CB    1 
ATOM   783  C  CB    B LEU A 1 100 ? -8.422  -2.953  -4.545  0.67 7.51  ? 100 LEU A CB    1 
ATOM   784  C  CG    A LEU A 1 100 ? -8.358  -2.422  -6.080  0.33 10.72 ? 100 LEU A CG    1 
ATOM   785  C  CG    B LEU A 1 100 ? -7.967  -2.778  -6.000  0.67 10.70 ? 100 LEU A CG    1 
ATOM   786  C  CD1   A LEU A 1 100 ? -6.935  -2.059  -6.449  0.33 9.99  ? 100 LEU A CD1   1 
ATOM   787  C  CD1   B LEU A 1 100 ? -8.638  -1.592  -6.689  0.67 8.29  ? 100 LEU A CD1   1 
ATOM   788  C  CD2   A LEU A 1 100 ? -8.868  -3.530  -6.980  0.33 10.53 ? 100 LEU A CD2   1 
ATOM   789  C  CD2   B LEU A 1 100 ? -6.460  -2.671  -6.090  0.67 12.76 ? 100 LEU A CD2   1 
ATOM   790  N  N     . PHE A 1 101 ? -10.743 -2.266  -2.470  1.00 6.85  ? 101 PHE A N     1 
ATOM   791  C  CA    . PHE A 1 101 ? -11.590 -2.814  -1.426  1.00 6.61  ? 101 PHE A CA    1 
ATOM   792  C  C     . PHE A 1 101 ? -12.660 -3.654  -2.105  1.00 10.40 ? 101 PHE A C     1 
ATOM   793  O  O     . PHE A 1 101 ? -13.662 -3.133  -2.591  1.00 7.96  ? 101 PHE A O     1 
ATOM   794  C  CB    . PHE A 1 101 ? -12.215 -1.693  -0.597  1.00 4.33  ? 101 PHE A CB    1 
ATOM   795  C  CG    . PHE A 1 101 ? -12.928 -2.182  0.632   1.00 6.91  ? 101 PHE A CG    1 
ATOM   796  C  CD1   . PHE A 1 101 ? -14.268 -2.541  0.578   1.00 7.39  ? 101 PHE A CD1   1 
ATOM   797  C  CD2   . PHE A 1 101 ? -12.255 -2.292  1.840   1.00 8.11  ? 101 PHE A CD2   1 
ATOM   798  C  CE1   . PHE A 1 101 ? -14.924 -2.996  1.714   1.00 11.12 ? 101 PHE A CE1   1 
ATOM   799  C  CE2   . PHE A 1 101 ? -12.909 -2.737  2.972   1.00 10.58 ? 101 PHE A CE2   1 
ATOM   800  C  CZ    . PHE A 1 101 ? -14.239 -3.091  2.910   1.00 17.89 ? 101 PHE A CZ    1 
ATOM   801  N  N     . GLY A 1 102 ? -12.427 -4.957  -2.170  1.00 12.60 ? 102 GLY A N     1 
ATOM   802  C  CA    . GLY A 1 102 ? -13.272 -5.808  -2.981  1.00 14.21 ? 102 GLY A CA    1 
ATOM   803  C  C     . GLY A 1 102 ? -13.411 -5.223  -4.372  1.00 14.78 ? 102 GLY A C     1 
ATOM   804  O  O     . GLY A 1 102 ? -12.446 -4.760  -4.971  1.00 11.64 ? 102 GLY A O     1 
ATOM   805  N  N     . ASN A 1 103 ? -14.626 -5.230  -4.896  1.00 9.98  ? 103 ASN A N     1 
ATOM   806  C  CA    . ASN A 1 103 ? -14.881 -4.632  -6.190  1.00 7.91  ? 103 ASN A CA    1 
ATOM   807  C  C     . ASN A 1 103 ? -15.557 -3.279  -6.019  1.00 13.44 ? 103 ASN A C     1 
ATOM   808  O  O     . ASN A 1 103 ? -16.178 -2.776  -6.949  1.00 12.43 ? 103 ASN A O     1 
ATOM   809  C  CB    . ASN A 1 103 ? -15.773 -5.549  -7.029  1.00 18.78 ? 103 ASN A CB    1 
ATOM   810  C  CG    . ASN A 1 103 ? -15.751 -5.193  -8.504  1.00 20.15 ? 103 ASN A CG    1 
ATOM   811  O  OD1   . ASN A 1 103 ? -14.686 -5.115  -9.128  1.00 17.31 ? 103 ASN A OD1   1 
ATOM   812  N  ND2   . ASN A 1 103 ? -16.926 -4.965  -9.067  1.00 20.89 ? 103 ASN A ND2   1 
ATOM   813  N  N     . GLU A 1 104 ? -15.432 -2.682  -4.832  1.00 7.43  ? 104 GLU A N     1 
ATOM   814  C  CA    . GLU A 1 104 ? -16.127 -1.419  -4.560  1.00 7.78  ? 104 GLU A CA    1 
ATOM   815  C  C     . GLU A 1 104 ? -15.437 -0.196  -5.126  1.00 10.05 ? 104 GLU A C     1 
ATOM   816  O  O     . GLU A 1 104 ? -14.203 -0.097  -5.134  1.00 8.19  ? 104 GLU A O     1 
ATOM   817  C  CB    . GLU A 1 104 ? -16.348 -1.195  -3.061  1.00 8.89  ? 104 GLU A CB    1 
ATOM   818  C  CG    . GLU A 1 104 ? -17.214 -2.242  -2.384  1.00 13.75 ? 104 GLU A CG    1 
ATOM   819  C  CD    . GLU A 1 104 ? -17.609 -1.852  -0.963  1.00 16.13 ? 104 GLU A CD    1 
ATOM   820  O  OE1   . GLU A 1 104 ? -17.600 -0.643  -0.642  1.00 15.79 ? 104 GLU A OE1   1 
ATOM   821  O  OE2   . GLU A 1 104 ? -17.925 -2.762  -0.170  1.00 27.78 ? 104 GLU A OE2   1 
ATOM   822  N  N     . VAL A 1 105 ? -16.265 0.735   -5.583  1.00 7.60  ? 105 VAL A N     1 
ATOM   823  C  CA    . VAL A 1 105 ? -15.827 2.062   -5.964  1.00 6.93  ? 105 VAL A CA    1 
ATOM   824  C  C     . VAL A 1 105 ? -16.236 2.997   -4.842  1.00 10.67 ? 105 VAL A C     1 
ATOM   825  O  O     . VAL A 1 105 ? -17.389 2.997   -4.409  1.00 14.02 ? 105 VAL A O     1 
ATOM   826  C  CB    . VAL A 1 105 ? -16.532 2.518   -7.254  1.00 13.29 ? 105 VAL A CB    1 
ATOM   827  C  CG1   . VAL A 1 105 ? -16.197 3.964   -7.551  1.00 13.29 ? 105 VAL A CG1   1 
ATOM   828  C  CG2   . VAL A 1 105 ? -16.145 1.617   -8.414  1.00 12.13 ? 105 VAL A CG2   1 
ATOM   829  N  N     . ILE A 1 106 ? -15.294 3.783   -4.346  1.00 9.04  ? 106 ILE A N     1 
ATOM   830  C  CA    . ILE A 1 106 ? -15.600 4.719   -3.272  1.00 11.41 ? 106 ILE A CA    1 
ATOM   831  C  C     . ILE A 1 106 ? -15.052 6.091   -3.623  1.00 14.79 ? 106 ILE A C     1 
ATOM   832  O  O     . ILE A 1 106 ? -13.913 6.211   -4.059  1.00 11.86 ? 106 ILE A O     1 
ATOM   833  C  CB    . ILE A 1 106 ? -15.019 4.247   -1.932  1.00 8.63  ? 106 ILE A CB    1 
ATOM   834  C  CG1   . ILE A 1 106 ? -15.499 2.829   -1.628  1.00 9.27  ? 106 ILE A CG1   1 
ATOM   835  C  CG2   . ILE A 1 106 ? -15.419 5.197   -0.819  1.00 8.05  ? 106 ILE A CG2   1 
ATOM   836  C  CD1   . ILE A 1 106 ? -14.755 2.147   -0.507  1.00 13.45 ? 106 ILE A CD1   1 
ATOM   837  N  N     . ASN A 1 107 ? -15.872 7.122   -3.442  1.00 8.93  ? 107 ASN A N     1 
ATOM   838  C  CA    . ASN A 1 107 ? -15.476 8.483   -3.755  1.00 14.74 ? 107 ASN A CA    1 
ATOM   839  C  C     . ASN A 1 107 ? -16.098 9.401   -2.727  1.00 16.85 ? 107 ASN A C     1 
ATOM   840  O  O     . ASN A 1 107 ? -17.084 10.085  -3.011  1.00 21.78 ? 107 ASN A O     1 
ATOM   841  C  CB    . ASN A 1 107 ? -15.966 8.889   -5.143  1.00 13.88 ? 107 ASN A CB    1 
ATOM   842  C  CG    . ASN A 1 107 ? -15.386 8.034   -6.249  1.00 19.52 ? 107 ASN A CG    1 
ATOM   843  O  OD1   . ASN A 1 107 ? -16.095 7.245   -6.869  1.00 22.45 ? 107 ASN A OD1   1 
ATOM   844  N  ND2   . ASN A 1 107 ? -14.097 8.192   -6.511  1.00 17.87 ? 107 ASN A ND2   1 
ATOM   845  N  N     . THR A 1 108 ? -15.548 9.383   -1.520  1.00 9.95  ? 108 THR A N     1 
ATOM   846  C  CA    . THR A 1 108 ? -16.042 10.248  -0.455  1.00 12.07 ? 108 THR A CA    1 
ATOM   847  C  C     . THR A 1 108 ? -14.983 11.260  -0.046  1.00 13.47 ? 108 THR A C     1 
ATOM   848  O  O     . THR A 1 108 ? -13.886 11.295  -0.605  1.00 14.34 ? 108 THR A O     1 
ATOM   849  C  CB    . THR A 1 108 ? -16.460 9.448   0.793   1.00 13.08 ? 108 THR A CB    1 
ATOM   850  O  OG1   . THR A 1 108 ? -15.294 8.918   1.437   1.00 14.63 ? 108 THR A OG1   1 
ATOM   851  C  CG2   . THR A 1 108 ? -17.401 8.298   0.425   1.00 18.71 ? 108 THR A CG2   1 
ATOM   852  N  N     . GLU A 1 109 ? -15.326 12.090  0.933   1.00 16.25 ? 109 GLU A N     1 
ATOM   853  C  CA    . GLU A 1 109 ? -14.398 13.074  1.462   1.00 12.96 ? 109 GLU A CA    1 
ATOM   854  C  C     . GLU A 1 109 ? -13.175 12.401  2.087   1.00 19.62 ? 109 GLU A C     1 
ATOM   855  O  O     . GLU A 1 109 ? -12.088 12.971  2.120   1.00 21.57 ? 109 GLU A O     1 
ATOM   856  C  CB    . GLU A 1 109 ? -15.093 13.938  2.518   1.00 14.03 ? 109 GLU A CB    1 
ATOM   857  C  CG    . GLU A 1 109 ? -16.273 14.760  1.997   1.00 20.87 ? 109 GLU A CG    1 
ATOM   858  C  CD    . GLU A 1 109 ? -17.630 14.101  2.232   1.00 33.02 ? 109 GLU A CD    1 
ATOM   859  O  OE1   . GLU A 1 109 ? -17.686 12.870  2.464   1.00 21.79 ? 109 GLU A OE1   1 
ATOM   860  O  OE2   . GLU A 1 109 ? -18.649 14.829  2.187   1.00 26.96 ? 109 GLU A OE2   1 
ATOM   861  N  N     . ARG A 1 110 ? -13.358 11.186  2.588   1.00 14.33 ? 110 ARG A N     1 
ATOM   862  C  CA    . ARG A 1 110 ? -12.288 10.493  3.299   1.00 15.08 ? 110 ARG A CA    1 
ATOM   863  C  C     . ARG A 1 110 ? -11.579 9.478   2.426   1.00 18.10 ? 110 ARG A C     1 
ATOM   864  O  O     . ARG A 1 110 ? -10.411 9.167   2.642   1.00 12.89 ? 110 ARG A O     1 
ATOM   865  C  CB    . ARG A 1 110 ? -12.845 9.735   4.501   1.00 12.66 ? 110 ARG A CB    1 
ATOM   866  C  CG    . ARG A 1 110 ? -13.527 10.573  5.561   1.00 17.92 ? 110 ARG A CG    1 
ATOM   867  C  CD    . ARG A 1 110 ? -13.752 9.723   6.790   1.00 16.87 ? 110 ARG A CD    1 
ATOM   868  N  NE    . ARG A 1 110 ? -12.477 9.224   7.296   1.00 14.31 ? 110 ARG A NE    1 
ATOM   869  C  CZ    . ARG A 1 110 ? -12.345 8.208   8.142   1.00 13.42 ? 110 ARG A CZ    1 
ATOM   870  N  NH1   . ARG A 1 110 ? -13.415 7.569   8.590   1.00 15.17 ? 110 ARG A NH1   1 
ATOM   871  N  NH2   . ARG A 1 110 ? -11.139 7.826   8.537   1.00 14.76 ? 110 ARG A NH2   1 
ATOM   872  N  N     . LEU A 1 111 ? -12.295 8.941   1.450   1.00 11.23 ? 111 LEU A N     1 
ATOM   873  C  CA    . LEU A 1 111 ? -11.832 7.726   0.808   1.00 10.90 ? 111 LEU A CA    1 
ATOM   874  C  C     . LEU A 1 111 ? -12.040 7.747   -0.692  1.00 11.78 ? 111 LEU A C     1 
ATOM   875  O  O     . LEU A 1 111 ? -13.158 7.930   -1.160  1.00 13.24 ? 111 LEU A O     1 
ATOM   876  C  CB    . LEU A 1 111 ? -12.581 6.542   1.425   1.00 13.19 ? 111 LEU A CB    1 
ATOM   877  C  CG    . LEU A 1 111 ? -11.958 5.152   1.508   1.00 16.88 ? 111 LEU A CG    1 
ATOM   878  C  CD1   . LEU A 1 111 ? -10.484 5.212   1.874   1.00 19.30 ? 111 LEU A CD1   1 
ATOM   879  C  CD2   . LEU A 1 111 ? -12.744 4.317   2.514   1.00 11.98 ? 111 LEU A CD2   1 
ATOM   880  N  N     . THR A 1 112 ? -10.951 7.574   -1.436  1.00 8.00  ? 112 THR A N     1 
ATOM   881  C  CA    . THR A 1 112 ? -11.027 7.324   -2.867  1.00 10.18 ? 112 THR A CA    1 
ATOM   882  C  C     . THR A 1 112 ? -10.445 5.949   -3.141  1.00 13.19 ? 112 THR A C     1 
ATOM   883  O  O     . THR A 1 112 ? -9.257  5.709   -2.895  1.00 8.34  ? 112 THR A O     1 
ATOM   884  C  CB    . THR A 1 112 ? -10.251 8.358   -3.687  1.00 13.93 ? 112 THR A CB    1 
ATOM   885  O  OG1   . THR A 1 112 ? -10.888 9.635   -3.556  1.00 13.70 ? 112 THR A OG1   1 
ATOM   886  C  CG2   . THR A 1 112 ? -10.225 7.960   -5.149  1.00 13.14 ? 112 THR A CG2   1 
ATOM   887  N  N     . VAL A 1 113 ? -11.300 5.055   -3.633  1.00 9.83  ? 113 VAL A N     1 
ATOM   888  C  CA    . VAL A 1 113 ? -10.925 3.686   -3.972  1.00 15.37 ? 113 VAL A CA    1 
ATOM   889  C  C     . VAL A 1 113 ? -11.512 3.362   -5.338  1.00 13.35 ? 113 VAL A C     1 
ATOM   890  O  O     . VAL A 1 113 ? -12.686 3.630   -5.579  1.00 9.65  ? 113 VAL A O     1 
ATOM   891  C  CB    . VAL A 1 113 ? -11.500 2.692   -2.950  1.00 8.99  ? 113 VAL A CB    1 
ATOM   892  C  CG1   . VAL A 1 113 ? -11.201 1.240   -3.365  1.00 9.22  ? 113 VAL A CG1   1 
ATOM   893  C  CG2   . VAL A 1 113 ? -10.963 2.985   -1.566  1.00 9.05  ? 113 VAL A CG2   1 
ATOM   894  N  N     . PRO A 1 114 ? -10.708 2.797   -6.253  1.00 9.51  ? 114 PRO A N     1 
ATOM   895  C  CA    . PRO A 1 114 ? -9.284  2.460   -6.138  1.00 6.35  ? 114 PRO A CA    1 
ATOM   896  C  C     . PRO A 1 114 ? -8.476  3.702   -5.813  1.00 6.53  ? 114 PRO A C     1 
ATOM   897  O  O     . PRO A 1 114 ? -8.890  4.807   -6.159  1.00 9.29  ? 114 PRO A O     1 
ATOM   898  C  CB    . PRO A 1 114 ? -8.933  1.965   -7.542  1.00 10.34 ? 114 PRO A CB    1 
ATOM   899  C  CG    . PRO A 1 114 ? -10.221 1.425   -8.081  1.00 12.21 ? 114 PRO A CG    1 
ATOM   900  C  CD    . PRO A 1 114 ? -11.279 2.342   -7.533  1.00 7.72  ? 114 PRO A CD    1 
ATOM   901  N  N     . HIS A 1 115 ? -7.348  3.521   -5.145  1.00 5.86  ? 115 HIS A N     1 
ATOM   902  C  CA    . HIS A 1 115 ? -6.517  4.635   -4.711  1.00 7.48  ? 115 HIS A CA    1 
ATOM   903  C  C     . HIS A 1 115 ? -6.245  5.575   -5.876  1.00 8.70  ? 115 HIS A C     1 
ATOM   904  O  O     . HIS A 1 115 ? -5.899  5.137   -6.971  1.00 7.99  ? 115 HIS A O     1 
ATOM   905  C  CB    . HIS A 1 115 ? -5.204  4.104   -4.132  1.00 7.31  ? 115 HIS A CB    1 
ATOM   906  C  CG    . HIS A 1 115 ? -4.313  5.167   -3.569  1.00 9.52  ? 115 HIS A CG    1 
ATOM   907  N  ND1   . HIS A 1 115 ? -3.485  5.942   -4.355  1.00 9.73  ? 115 HIS A ND1   1 
ATOM   908  C  CD2   . HIS A 1 115 ? -4.105  5.568   -2.293  1.00 10.22 ? 115 HIS A CD2   1 
ATOM   909  C  CE1   . HIS A 1 115 ? -2.814  6.781   -3.586  1.00 11.96 ? 115 HIS A CE1   1 
ATOM   910  N  NE2   . HIS A 1 115 ? -3.173  6.575   -2.332  1.00 12.22 ? 115 HIS A NE2   1 
ATOM   911  N  N     . TYR A 1 116 ? -6.394  6.874   -5.624  1.00 10.65 ? 116 TYR A N     1 
ATOM   912  C  CA    . TYR A 1 116 ? -6.457  7.866   -6.690  1.00 16.04 ? 116 TYR A CA    1 
ATOM   913  C  C     . TYR A 1 116 ? -5.244  7.909   -7.615  1.00 16.12 ? 116 TYR A C     1 
ATOM   914  O  O     . TYR A 1 116 ? -5.369  8.281   -8.777  1.00 20.36 ? 116 TYR A O     1 
ATOM   915  C  CB    . TYR A 1 116 ? -6.696  9.260   -6.102  1.00 20.42 ? 116 TYR A CB    1 
ATOM   916  C  CG    . TYR A 1 116 ? -5.436  9.947   -5.631  1.00 22.01 ? 116 TYR A CG    1 
ATOM   917  C  CD1   . TYR A 1 116 ? -4.917  9.696   -4.372  1.00 21.91 ? 116 TYR A CD1   1 
ATOM   918  C  CD2   . TYR A 1 116 ? -4.766  10.846  -6.448  1.00 31.66 ? 116 TYR A CD2   1 
ATOM   919  C  CE1   . TYR A 1 116 ? -3.765  10.322  -3.935  1.00 24.81 ? 116 TYR A CE1   1 
ATOM   920  C  CE2   . TYR A 1 116 ? -3.611  11.479  -6.020  1.00 29.62 ? 116 TYR A CE2   1 
ATOM   921  C  CZ    . TYR A 1 116 ? -3.117  11.214  -4.763  1.00 30.25 ? 116 TYR A CZ    1 
ATOM   922  O  OH    . TYR A 1 116 ? -1.969  11.842  -4.334  1.00 35.30 ? 116 TYR A OH    1 
ATOM   923  N  N     . ASP A 1 117 ? -4.074  7.538   -7.107  1.00 11.87 ? 117 ASP A N     1 
ATOM   924  C  CA    . ASP A 1 117 ? -2.848  7.698   -7.887  1.00 8.53  ? 117 ASP A CA    1 
ATOM   925  C  C     . ASP A 1 117 ? -2.092  6.397   -8.122  1.00 7.55  ? 117 ASP A C     1 
ATOM   926  O  O     . ASP A 1 117 ? -0.990  6.414   -8.678  1.00 7.16  ? 117 ASP A O     1 
ATOM   927  C  CB    . ASP A 1 117 ? -1.905  8.706   -7.219  1.00 12.91 ? 117 ASP A CB    1 
ATOM   928  C  CG    . ASP A 1 117 ? -0.859  9.255   -8.177  1.00 10.97 ? 117 ASP A CG    1 
ATOM   929  O  OD1   . ASP A 1 117 ? -1.224  9.606   -9.306  1.00 10.55 ? 117 ASP A OD1   1 
ATOM   930  O  OD2   . ASP A 1 117 ? 0.321   9.359   -7.793  1.00 15.99 ? 117 ASP A OD2   1 
ATOM   931  N  N     . MET A 1 118 ? -2.674  5.270   -7.718  1.00 6.40  ? 118 MET A N     1 
ATOM   932  C  CA    . MET A 1 118 ? -1.950  4.005   -7.799  1.00 7.80  ? 118 MET A CA    1 
ATOM   933  C  C     . MET A 1 118 ? -1.524  3.613   -9.225  1.00 7.67  ? 118 MET A C     1 
ATOM   934  O  O     . MET A 1 118 ? -0.489  2.984   -9.394  1.00 6.92  ? 118 MET A O     1 
ATOM   935  C  CB    . MET A 1 118 ? -2.721  2.861   -7.121  1.00 11.79 ? 118 MET A CB    1 
ATOM   936  C  CG    . MET A 1 118 ? -4.010  2.473   -7.832  1.00 7.97  ? 118 MET A CG    1 
ATOM   937  S  SD    . MET A 1 118 ? -4.870  1.110   -7.008  1.00 8.79  ? 118 MET A SD    1 
ATOM   938  C  CE    . MET A 1 118 ? -3.712  -0.233  -7.307  1.00 12.56 ? 118 MET A CE    1 
ATOM   939  N  N     . LYS A 1 119 ? -2.296  3.980   -10.246 1.00 8.91  ? 119 LYS A N     1 
ATOM   940  C  CA    . LYS A 1 119 ? -1.890  3.630   -11.616 1.00 6.74  ? 119 LYS A CA    1 
ATOM   941  C  C     . LYS A 1 119 ? -0.627  4.371   -12.077 1.00 10.75 ? 119 LYS A C     1 
ATOM   942  O  O     . LYS A 1 119 ? -0.074  4.069   -13.140 1.00 9.49  ? 119 LYS A O     1 
ATOM   943  C  CB    . LYS A 1 119 ? -3.040  3.818   -12.617 1.00 6.94  ? 119 LYS A CB    1 
ATOM   944  C  CG    . LYS A 1 119 ? -4.215  2.857   -12.378 1.00 8.70  ? 119 LYS A CG    1 
ATOM   945  C  CD    . LYS A 1 119 ? -5.252  2.936   -13.487 1.00 11.43 ? 119 LYS A CD    1 
ATOM   946  C  CE    . LYS A 1 119 ? -6.218  4.093   -13.271 1.00 18.53 ? 119 LYS A CE    1 
ATOM   947  N  NZ    . LYS A 1 119 ? -7.049  4.335   -14.491 1.00 13.16 ? 119 LYS A NZ    1 
ATOM   948  N  N     . ASN A 1 120 ? -0.170  5.329   -11.272 1.00 6.23  ? 120 ASN A N     1 
ATOM   949  C  CA    . ASN A 1 120 ? 1.024   6.107   -11.592 1.00 7.93  ? 120 ASN A CA    1 
ATOM   950  C  C     . ASN A 1 120 ? 2.232   5.672   -10.772 1.00 7.40  ? 120 ASN A C     1 
ATOM   951  O  O     . ASN A 1 120 ? 3.326   6.212   -10.928 1.00 9.71  ? 120 ASN A O     1 
ATOM   952  C  CB    . ASN A 1 120 ? 0.768   7.600   -11.351 1.00 7.96  ? 120 ASN A CB    1 
ATOM   953  C  CG    . ASN A 1 120 ? -0.029  8.242   -12.467 1.00 9.25  ? 120 ASN A CG    1 
ATOM   954  O  OD1   . ASN A 1 120 ? 0.299   8.084   -13.640 1.00 9.17  ? 120 ASN A OD1   1 
ATOM   955  N  ND2   . ASN A 1 120 ? -1.081  8.973   -12.106 1.00 6.60  ? 120 ASN A ND2   1 
ATOM   956  N  N     . ARG A 1 121 ? 2.028   4.693   -9.890  1.00 6.20  ? 121 ARG A N     1 
ATOM   957  C  CA    . ARG A 1 121 ? 3.067   4.309   -8.936  1.00 8.14  ? 121 ARG A CA    1 
ATOM   958  C  C     . ARG A 1 121 ? 3.529   2.870   -9.090  1.00 9.82  ? 121 ARG A C     1 
ATOM   959  O  O     . ARG A 1 121 ? 2.825   1.952   -8.691  1.00 7.48  ? 121 ARG A O     1 
ATOM   960  C  CB    . ARG A 1 121 ? 2.551   4.520   -7.516  1.00 8.68  ? 121 ARG A CB    1 
ATOM   961  C  CG    . ARG A 1 121 ? 1.934   5.881   -7.339  1.00 8.26  ? 121 ARG A CG    1 
ATOM   962  C  CD    . ARG A 1 121 ? 1.393   6.118   -5.960  1.00 12.19 ? 121 ARG A CD    1 
ATOM   963  N  NE    . ARG A 1 121 ? 1.004   7.521   -5.825  1.00 16.99 ? 121 ARG A NE    1 
ATOM   964  C  CZ    . ARG A 1 121 ? 0.747   8.116   -4.668  1.00 22.99 ? 121 ARG A CZ    1 
ATOM   965  N  NH1   . ARG A 1 121 ? 0.846   7.431   -3.538  1.00 22.09 ? 121 ARG A NH1   1 
ATOM   966  N  NH2   . ARG A 1 121 ? 0.402   9.397   -4.645  1.00 22.33 ? 121 ARG A NH2   1 
ATOM   967  N  N     . GLY A 1 122 ? 4.713   2.677   -9.663  1.00 5.80  ? 122 GLY A N     1 
ATOM   968  C  CA    . GLY A 1 122 ? 5.253   1.339   -9.825  1.00 9.09  ? 122 GLY A CA    1 
ATOM   969  C  C     . GLY A 1 122 ? 5.453   0.677   -8.476  1.00 7.78  ? 122 GLY A C     1 
ATOM   970  O  O     . GLY A 1 122 ? 5.303   -0.533  -8.349  1.00 5.20  ? 122 GLY A O     1 
ATOM   971  N  N     . PHE A 1 123 ? 5.767   1.472   -7.459  1.00 7.94  ? 123 PHE A N     1 
ATOM   972  C  CA    . PHE A 1 123 ? 5.989   0.922   -6.124  1.00 9.91  ? 123 PHE A CA    1 
ATOM   973  C  C     . PHE A 1 123 ? 4.717   0.410   -5.471  1.00 7.76  ? 123 PHE A C     1 
ATOM   974  O  O     . PHE A 1 123 ? 4.772   -0.278  -4.447  1.00 7.73  ? 123 PHE A O     1 
ATOM   975  C  CB    . PHE A 1 123 ? 6.718   1.904   -5.201  1.00 8.73  ? 123 PHE A CB    1 
ATOM   976  C  CG    . PHE A 1 123 ? 5.990   3.201   -4.974  1.00 8.42  ? 123 PHE A CG    1 
ATOM   977  C  CD1   . PHE A 1 123 ? 5.018   3.301   -3.991  1.00 11.76 ? 123 PHE A CD1   1 
ATOM   978  C  CD2   . PHE A 1 123 ? 6.293   4.321   -5.725  1.00 15.37 ? 123 PHE A CD2   1 
ATOM   979  C  CE1   . PHE A 1 123 ? 4.352   4.491   -3.768  1.00 16.96 ? 123 PHE A CE1   1 
ATOM   980  C  CE2   . PHE A 1 123 ? 5.636   5.513   -5.509  1.00 12.68 ? 123 PHE A CE2   1 
ATOM   981  C  CZ    . PHE A 1 123 ? 4.658   5.596   -4.525  1.00 11.67 ? 123 PHE A CZ    1 
ATOM   982  N  N     . MET A 1 124 ? 3.569   0.750   -6.055  1.00 6.87  ? 124 MET A N     1 
ATOM   983  C  CA    . MET A 1 124 ? 2.309   0.167   -5.613  1.00 3.69  ? 124 MET A CA    1 
ATOM   984  C  C     . MET A 1 124 ? 1.914   -1.000  -6.527  1.00 5.95  ? 124 MET A C     1 
ATOM   985  O  O     . MET A 1 124 ? 1.482   -2.045  -6.056  1.00 4.69  ? 124 MET A O     1 
ATOM   986  C  CB    . MET A 1 124 ? 1.184   1.215   -5.596  1.00 4.00  ? 124 MET A CB    1 
ATOM   987  C  CG    . MET A 1 124 ? 1.164   2.100   -4.358  1.00 5.71  ? 124 MET A CG    1 
ATOM   988  S  SD    . MET A 1 124 ? -0.207  3.287   -4.457  1.00 13.06 ? 124 MET A SD    1 
ATOM   989  C  CE    . MET A 1 124 ? -0.511  3.602   -2.722  1.00 13.60 ? 124 MET A CE    1 
ATOM   990  N  N     A LEU A 1 125 ? 2.087   -0.813  -7.832  0.50 4.52  ? 125 LEU A N     1 
ATOM   991  N  N     B LEU A 1 125 ? 2.073   -0.806  -7.835  0.50 4.47  ? 125 LEU A N     1 
ATOM   992  C  CA    A LEU A 1 125 ? 1.616   -1.782  -8.821  0.50 4.78  ? 125 LEU A CA    1 
ATOM   993  C  CA    B LEU A 1 125 ? 1.614   -1.780  -8.829  0.50 4.67  ? 125 LEU A CA    1 
ATOM   994  C  C     A LEU A 1 125 ? 2.409   -3.089  -8.793  0.50 5.10  ? 125 LEU A C     1 
ATOM   995  C  C     B LEU A 1 125 ? 2.410   -3.088  -8.805  0.50 5.09  ? 125 LEU A C     1 
ATOM   996  O  O     A LEU A 1 125 ? 1.831   -4.177  -8.836  0.50 6.07  ? 125 LEU A O     1 
ATOM   997  O  O     B LEU A 1 125 ? 1.831   -4.175  -8.859  0.50 6.07  ? 125 LEU A O     1 
ATOM   998  C  CB    A LEU A 1 125 ? 1.666   -1.175  -10.229 0.50 6.07  ? 125 LEU A CB    1 
ATOM   999  C  CB    B LEU A 1 125 ? 1.650   -1.171  -10.243 0.50 6.06  ? 125 LEU A CB    1 
ATOM   1000 C  CG    A LEU A 1 125 ? 0.889   0.127   -10.416 0.50 4.48  ? 125 LEU A CG    1 
ATOM   1001 C  CG    B LEU A 1 125 ? 0.363   -0.535  -10.783 0.50 8.65  ? 125 LEU A CG    1 
ATOM   1002 C  CD1   A LEU A 1 125 ? 1.229   0.750   -11.764 0.50 5.60  ? 125 LEU A CD1   1 
ATOM   1003 C  CD1   B LEU A 1 125 ? -0.491  0.018   -9.659  0.50 7.26  ? 125 LEU A CD1   1 
ATOM   1004 C  CD2   A LEU A 1 125 ? -0.605  -0.136  -10.300 0.50 6.36  ? 125 LEU A CD2   1 
ATOM   1005 C  CD2   B LEU A 1 125 ? 0.679   0.532   -11.832 0.50 6.65  ? 125 LEU A CD2   1 
ATOM   1006 N  N     . TRP A 1 126 ? 3.731   -2.984  -8.724  1.00 6.97  ? 126 TRP A N     1 
ATOM   1007 C  CA    . TRP A 1 126 ? 4.572   -4.174  -8.789  1.00 6.82  ? 126 TRP A CA    1 
ATOM   1008 C  C     . TRP A 1 126 ? 4.387   -5.118  -7.606  1.00 4.99  ? 126 TRP A C     1 
ATOM   1009 O  O     . TRP A 1 126 ? 4.223   -6.316  -7.800  1.00 7.09  ? 126 TRP A O     1 
ATOM   1010 C  CB    . TRP A 1 126 ? 6.046   -3.817  -9.006  1.00 9.01  ? 126 TRP A CB    1 
ATOM   1011 C  CG    . TRP A 1 126 ? 6.419   -3.578  -10.459 1.00 9.93  ? 126 TRP A CG    1 
ATOM   1012 C  CD1   . TRP A 1 126 ? 6.860   -2.406  -11.013 1.00 10.20 ? 126 TRP A CD1   1 
ATOM   1013 C  CD2   . TRP A 1 126 ? 6.397   -4.537  -11.525 1.00 13.23 ? 126 TRP A CD2   1 
ATOM   1014 N  NE1   . TRP A 1 126 ? 7.112   -2.579  -12.355 1.00 8.46  ? 126 TRP A NE1   1 
ATOM   1015 C  CE2   . TRP A 1 126 ? 6.834   -3.877  -12.695 1.00 15.96 ? 126 TRP A CE2   1 
ATOM   1016 C  CE3   . TRP A 1 126 ? 6.051   -5.891  -11.606 1.00 18.33 ? 126 TRP A CE3   1 
ATOM   1017 C  CZ2   . TRP A 1 126 ? 6.934   -4.524  -13.927 1.00 18.81 ? 126 TRP A CZ2   1 
ATOM   1018 C  CZ3   . TRP A 1 126 ? 6.156   -6.533  -12.831 1.00 18.93 ? 126 TRP A CZ3   1 
ATOM   1019 C  CH2   . TRP A 1 126 ? 6.585   -5.849  -13.973 1.00 18.55 ? 126 TRP A CH2   1 
ATOM   1020 N  N     . PRO A 1 127 ? 4.389   -4.584  -6.373  1.00 4.60  ? 127 PRO A N     1 
ATOM   1021 C  CA    . PRO A 1 127 ? 4.161   -5.519  -5.265  1.00 4.11  ? 127 PRO A CA    1 
ATOM   1022 C  C     . PRO A 1 127 ? 2.753   -6.118  -5.315  1.00 8.18  ? 127 PRO A C     1 
ATOM   1023 O  O     . PRO A 1 127 ? 2.548   -7.283  -4.960  1.00 5.59  ? 127 PRO A O     1 
ATOM   1024 C  CB    . PRO A 1 127 ? 4.361   -4.645  -4.017  1.00 7.79  ? 127 PRO A CB    1 
ATOM   1025 C  CG    . PRO A 1 127 ? 5.167   -3.480  -4.475  1.00 7.57  ? 127 PRO A CG    1 
ATOM   1026 C  CD    . PRO A 1 127 ? 4.742   -3.235  -5.903  1.00 5.64  ? 127 PRO A CD    1 
ATOM   1027 N  N     . LEU A 1 128 ? 1.785   -5.325  -5.760  1.00 4.82  ? 128 LEU A N     1 
ATOM   1028 C  CA    . LEU A 1 128 ? 0.430   -5.833  -5.909  1.00 3.16  ? 128 LEU A CA    1 
ATOM   1029 C  C     . LEU A 1 128 ? 0.360   -6.927  -6.981  1.00 5.14  ? 128 LEU A C     1 
ATOM   1030 O  O     . LEU A 1 128 ? -0.364  -7.913  -6.826  1.00 6.25  ? 128 LEU A O     1 
ATOM   1031 C  CB    . LEU A 1 128 ? -0.533  -4.692  -6.264  1.00 4.37  ? 128 LEU A CB    1 
ATOM   1032 C  CG    . LEU A 1 128 ? -2.008  -5.087  -6.361  1.00 7.61  ? 128 LEU A CG    1 
ATOM   1033 C  CD1   . LEU A 1 128 ? -2.515  -5.682  -5.047  1.00 6.38  ? 128 LEU A CD1   1 
ATOM   1034 C  CD2   . LEU A 1 128 ? -2.818  -3.873  -6.721  1.00 5.71  ? 128 LEU A CD2   1 
ATOM   1035 N  N     . PHE A 1 129 ? 1.093   -6.736  -8.073  1.00 5.47  ? 129 PHE A N     1 
ATOM   1036 C  CA    . PHE A 1 129 ? 1.116   -7.700  -9.173  1.00 4.41  ? 129 PHE A CA    1 
ATOM   1037 C  C     . PHE A 1 129 ? 1.719   -9.030  -8.718  1.00 5.62  ? 129 PHE A C     1 
ATOM   1038 O  O     . PHE A 1 129 ? 1.357   -10.095 -9.226  1.00 7.04  ? 129 PHE A O     1 
ATOM   1039 C  CB    . PHE A 1 129 ? 1.887   -7.105  -10.361 1.00 6.11  ? 129 PHE A CB    1 
ATOM   1040 C  CG    . PHE A 1 129 ? 1.951   -7.996  -11.576 1.00 6.22  ? 129 PHE A CG    1 
ATOM   1041 C  CD1   . PHE A 1 129 ? 0.826   -8.234  -12.345 1.00 5.19  ? 129 PHE A CD1   1 
ATOM   1042 C  CD2   . PHE A 1 129 ? 3.160   -8.564  -11.969 1.00 10.09 ? 129 PHE A CD2   1 
ATOM   1043 C  CE1   . PHE A 1 129 ? 0.898   -9.049  -13.470 1.00 8.42  ? 129 PHE A CE1   1 
ATOM   1044 C  CE2   . PHE A 1 129 ? 3.235   -9.376  -13.093 1.00 8.67  ? 129 PHE A CE2   1 
ATOM   1045 C  CZ    . PHE A 1 129 ? 2.099   -9.613  -13.845 1.00 8.96  ? 129 PHE A CZ    1 
ATOM   1046 N  N     . GLU A 1 130 ? 2.637   -8.977  -7.759  1.00 8.49  ? 130 GLU A N     1 
ATOM   1047 C  CA    . GLU A 1 130 ? 3.245   -10.214 -7.266  1.00 8.65  ? 130 GLU A CA    1 
ATOM   1048 C  C     . GLU A 1 130 ? 2.200   -11.111 -6.617  1.00 9.44  ? 130 GLU A C     1 
ATOM   1049 O  O     . GLU A 1 130 ? 2.205   -12.341 -6.810  1.00 8.76  ? 130 GLU A O     1 
ATOM   1050 C  CB    . GLU A 1 130 ? 4.356   -9.922  -6.253  1.00 6.54  ? 130 GLU A CB    1 
ATOM   1051 C  CG    A GLU A 1 130 ? 5.245   -11.131 -5.948  0.47 8.86  ? 130 GLU A CG    1 
ATOM   1052 C  CG    B GLU A 1 130 ? 4.943   -11.184 -5.647  0.53 9.24  ? 130 GLU A CG    1 
ATOM   1053 C  CD    A GLU A 1 130 ? 6.102   -10.937 -4.705  0.47 8.22  ? 130 GLU A CD    1 
ATOM   1054 C  CD    B GLU A 1 130 ? 5.544   -10.939 -4.282  0.53 7.96  ? 130 GLU A CD    1 
ATOM   1055 O  OE1   A GLU A 1 130 ? 5.799   -10.027 -3.910  0.47 10.99 ? 130 GLU A OE1   1 
ATOM   1056 O  OE1   B GLU A 1 130 ? 6.255   -9.928  -4.120  0.53 10.45 ? 130 GLU A OE1   1 
ATOM   1057 O  OE2   A GLU A 1 130 ? 7.074   -11.697 -4.522  0.47 12.55 ? 130 GLU A OE2   1 
ATOM   1058 O  OE2   B GLU A 1 130 ? 5.297   -11.755 -3.374  0.53 12.15 ? 130 GLU A OE2   1 
ATOM   1059 N  N     . ILE A 1 131 ? 1.313   -10.498 -5.835  1.00 5.96  ? 131 ILE A N     1 
ATOM   1060 C  CA    . ILE A 1 131 ? 0.330   -11.249 -5.057  1.00 7.67  ? 131 ILE A CA    1 
ATOM   1061 C  C     . ILE A 1 131 ? -1.029  -11.367 -5.735  1.00 6.38  ? 131 ILE A C     1 
ATOM   1062 O  O     . ILE A 1 131 ? -1.869  -12.156 -5.305  1.00 9.43  ? 131 ILE A O     1 
ATOM   1063 C  CB    . ILE A 1 131 ? 0.151   -10.688 -3.618  1.00 12.36 ? 131 ILE A CB    1 
ATOM   1064 C  CG1   . ILE A 1 131 ? -0.405  -9.256  -3.646  1.00 5.40  ? 131 ILE A CG1   1 
ATOM   1065 C  CG2   . ILE A 1 131 ? 1.456   -10.754 -2.863  1.00 7.99  ? 131 ILE A CG2   1 
ATOM   1066 C  CD1   . ILE A 1 131 ? -0.834  -8.730  -2.246  1.00 8.71  ? 131 ILE A CD1   1 
ATOM   1067 N  N     . ALA A 1 132 ? -1.245  -10.597 -6.798  1.00 4.91  ? 132 ALA A N     1 
ATOM   1068 C  CA    . ALA A 1 132 ? -2.540  -10.618 -7.476  1.00 6.32  ? 132 ALA A CA    1 
ATOM   1069 C  C     . ALA A 1 132 ? -2.402  -10.326 -8.962  1.00 9.65  ? 132 ALA A C     1 
ATOM   1070 O  O     . ALA A 1 132 ? -2.988  -9.370  -9.450  1.00 7.09  ? 132 ALA A O     1 
ATOM   1071 C  CB    . ALA A 1 132 ? -3.493  -9.610  -6.824  1.00 13.37 ? 132 ALA A CB    1 
ATOM   1072 N  N     . PRO A 1 133 ? -1.618  -11.141 -9.686  1.00 7.14  ? 133 PRO A N     1 
ATOM   1073 C  CA    . PRO A 1 133 ? -1.340  -10.883 -11.103 1.00 4.42  ? 133 PRO A CA    1 
ATOM   1074 C  C     . PRO A 1 133 ? -2.594  -10.808 -11.983 1.00 6.76  ? 133 PRO A C     1 
ATOM   1075 O  O     . PRO A 1 133 ? -2.556  -10.162 -13.035 1.00 9.62  ? 133 PRO A O     1 
ATOM   1076 C  CB    . PRO A 1 133 ? -0.469  -12.088 -11.510 1.00 7.21  ? 133 PRO A CB    1 
ATOM   1077 C  CG    . PRO A 1 133 ? -0.772  -13.131 -10.481 1.00 9.72  ? 133 PRO A CG    1 
ATOM   1078 C  CD    . PRO A 1 133 ? -0.874  -12.320 -9.214  1.00 6.03  ? 133 PRO A CD    1 
ATOM   1079 N  N     . GLU A 1 134 ? -3.680  -11.451 -11.565 1.00 9.57  ? 134 GLU A N     1 
ATOM   1080 C  CA    . GLU A 1 134 ? -4.905  -11.483 -12.363 1.00 9.31  ? 134 GLU A CA    1 
ATOM   1081 C  C     . GLU A 1 134 ? -5.912  -10.388 -12.029 1.00 11.57 ? 134 GLU A C     1 
ATOM   1082 O  O     . GLU A 1 134 ? -7.007  -10.353 -12.591 1.00 12.84 ? 134 GLU A O     1 
ATOM   1083 C  CB    . GLU A 1 134 ? -5.587  -12.842 -12.215 1.00 11.94 ? 134 GLU A CB    1 
ATOM   1084 C  CG    . GLU A 1 134 ? -4.687  -14.016 -12.550 1.00 16.43 ? 134 GLU A CG    1 
ATOM   1085 C  CD    . GLU A 1 134 ? -4.069  -13.888 -13.927 1.00 23.68 ? 134 GLU A CD    1 
ATOM   1086 O  OE1   . GLU A 1 134 ? -4.766  -13.417 -14.853 1.00 25.89 ? 134 GLU A OE1   1 
ATOM   1087 O  OE2   . GLU A 1 134 ? -2.889  -14.259 -14.087 1.00 26.64 ? 134 GLU A OE2   1 
ATOM   1088 N  N     . LEU A 1 135 ? -5.542  -9.495  -11.119 1.00 4.92  ? 135 LEU A N     1 
ATOM   1089 C  CA    . LEU A 1 135 ? -6.484  -8.526  -10.568 1.00 5.97  ? 135 LEU A CA    1 
ATOM   1090 C  C     . LEU A 1 135 ? -7.183  -7.672  -11.632 1.00 6.04  ? 135 LEU A C     1 
ATOM   1091 O  O     . LEU A 1 135 ? -6.541  -7.149  -12.545 1.00 11.63 ? 135 LEU A O     1 
ATOM   1092 C  CB    . LEU A 1 135 ? -5.764  -7.641  -9.552  1.00 9.77  ? 135 LEU A CB    1 
ATOM   1093 C  CG    . LEU A 1 135 ? -6.565  -6.657  -8.701  1.00 13.80 ? 135 LEU A CG    1 
ATOM   1094 C  CD1   . LEU A 1 135 ? -5.780  -6.316  -7.442  1.00 15.36 ? 135 LEU A CD1   1 
ATOM   1095 C  CD2   . LEU A 1 135 ? -6.893  -5.391  -9.471  1.00 15.48 ? 135 LEU A CD2   1 
ATOM   1096 N  N     . VAL A 1 136 ? -8.504  -7.561  -11.506 1.00 9.39  ? 136 VAL A N     1 
ATOM   1097 C  CA    . VAL A 1 136 ? -9.302  -6.677  -12.348 1.00 8.28  ? 136 VAL A CA    1 
ATOM   1098 C  C     . VAL A 1 136 ? -9.915  -5.610  -11.454 1.00 9.84  ? 136 VAL A C     1 
ATOM   1099 O  O     . VAL A 1 136 ? -10.464 -5.921  -10.403 1.00 12.36 ? 136 VAL A O     1 
ATOM   1100 C  CB    . VAL A 1 136 ? -10.419 -7.435  -13.095 1.00 15.39 ? 136 VAL A CB    1 
ATOM   1101 C  CG1   . VAL A 1 136 ? -11.307 -6.467  -13.852 1.00 11.07 ? 136 VAL A CG1   1 
ATOM   1102 C  CG2   . VAL A 1 136 ? -9.824  -8.433  -14.059 1.00 13.12 ? 136 VAL A CG2   1 
ATOM   1103 N  N     . PHE A 1 137 ? -9.790  -4.352  -11.869 1.00 10.60 ? 137 PHE A N     1 
ATOM   1104 C  CA    . PHE A 1 137 ? -10.362 -3.224  -11.144 1.00 9.20  ? 137 PHE A CA    1 
ATOM   1105 C  C     . PHE A 1 137 ? -11.875 -3.173  -11.358 1.00 9.93  ? 137 PHE A C     1 
ATOM   1106 O  O     . PHE A 1 137 ? -12.383 -3.751  -12.315 1.00 10.37 ? 137 PHE A O     1 
ATOM   1107 C  CB    . PHE A 1 137 ? -9.729  -1.920  -11.643 1.00 6.61  ? 137 PHE A CB    1 
ATOM   1108 C  CG    . PHE A 1 137 ? -8.292  -1.748  -11.237 1.00 9.58  ? 137 PHE A CG    1 
ATOM   1109 C  CD1   . PHE A 1 137 ? -7.285  -2.436  -11.889 1.00 14.23 ? 137 PHE A CD1   1 
ATOM   1110 C  CD2   . PHE A 1 137 ? -7.950  -0.886  -10.216 1.00 22.76 ? 137 PHE A CD2   1 
ATOM   1111 C  CE1   . PHE A 1 137 ? -5.958  -2.274  -11.517 1.00 20.38 ? 137 PHE A CE1   1 
ATOM   1112 C  CE2   . PHE A 1 137 ? -6.629  -0.721  -9.842  1.00 26.30 ? 137 PHE A CE2   1 
ATOM   1113 C  CZ    . PHE A 1 137 ? -5.635  -1.415  -10.490 1.00 14.87 ? 137 PHE A CZ    1 
ATOM   1114 N  N     . PRO A 1 138 ? -12.595 -2.465  -10.479 1.00 7.54  ? 138 PRO A N     1 
ATOM   1115 C  CA    . PRO A 1 138 ? -14.057 -2.410  -10.587 1.00 10.37 ? 138 PRO A CA    1 
ATOM   1116 C  C     . PRO A 1 138 ? -14.536 -1.959  -11.963 1.00 10.49 ? 138 PRO A C     1 
ATOM   1117 O  O     . PRO A 1 138 ? -15.570 -2.437  -12.446 1.00 10.39 ? 138 PRO A O     1 
ATOM   1118 C  CB    . PRO A 1 138 ? -14.448 -1.397  -9.505  1.00 9.06  ? 138 PRO A CB    1 
ATOM   1119 C  CG    . PRO A 1 138 ? -13.384 -1.552  -8.465  1.00 7.65  ? 138 PRO A CG    1 
ATOM   1120 C  CD    . PRO A 1 138 ? -12.105 -1.826  -9.241  1.00 5.94  ? 138 PRO A CD    1 
ATOM   1121 N  N     . ASP A 1 139 ? -13.794 -1.069  -12.608 1.00 6.70  ? 139 ASP A N     1 
ATOM   1122 C  CA    . ASP A 1 139 ? -14.239 -0.565  -13.905 1.00 8.66  ? 139 ASP A CA    1 
ATOM   1123 C  C     . ASP A 1 139 ? -13.832 -1.463  -15.072 1.00 10.12 ? 139 ASP A C     1 
ATOM   1124 O  O     . ASP A 1 139 ? -14.144 -1.166  -16.224 1.00 16.16 ? 139 ASP A O     1 
ATOM   1125 C  CB    . ASP A 1 139 ? -13.747 0.867   -14.131 1.00 10.61 ? 139 ASP A CB    1 
ATOM   1126 C  CG    . ASP A 1 139 ? -12.254 0.933   -14.383 1.00 17.62 ? 139 ASP A CG    1 
ATOM   1127 O  OD1   . ASP A 1 139 ? -11.573 -0.090  -14.186 1.00 10.73 ? 139 ASP A OD1   1 
ATOM   1128 O  OD2   . ASP A 1 139 ? -11.761 2.004   -14.785 1.00 11.70 ? 139 ASP A OD2   1 
ATOM   1129 N  N     . GLY A 1 140 ? -13.152 -2.565  -14.778 1.00 10.77 ? 140 GLY A N     1 
ATOM   1130 C  CA    . GLY A 1 140 ? -12.730 -3.492  -15.818 1.00 9.66  ? 140 GLY A CA    1 
ATOM   1131 C  C     . GLY A 1 140 ? -11.284 -3.351  -16.270 1.00 9.35  ? 140 GLY A C     1 
ATOM   1132 O  O     . GLY A 1 140 ? -10.790 -4.180  -17.032 1.00 10.54 ? 140 GLY A O     1 
ATOM   1133 N  N     . GLU A 1 141 ? -10.589 -2.315  -15.810 1.00 5.97  ? 141 GLU A N     1 
ATOM   1134 C  CA    . GLU A 1 141 ? -9.162  -2.234  -16.108 1.00 5.72  ? 141 GLU A CA    1 
ATOM   1135 C  C     . GLU A 1 141 ? -8.454  -3.418  -15.472 1.00 6.27  ? 141 GLU A C     1 
ATOM   1136 O  O     . GLU A 1 141 ? -8.951  -3.997  -14.514 1.00 8.69  ? 141 GLU A O     1 
ATOM   1137 C  CB    . GLU A 1 141 ? -8.568  -0.942  -15.558 1.00 6.73  ? 141 GLU A CB    1 
ATOM   1138 C  CG    . GLU A 1 141 ? -9.027  0.306   -16.270 1.00 8.43  ? 141 GLU A CG    1 
ATOM   1139 C  CD    . GLU A 1 141 ? -8.485  1.547   -15.600 1.00 8.28  ? 141 GLU A CD    1 
ATOM   1140 O  OE1   . GLU A 1 141 ? -7.281  1.821   -15.774 1.00 9.64  ? 141 GLU A OE1   1 
ATOM   1141 O  OE2   . GLU A 1 141 ? -9.252  2.216   -14.880 1.00 11.88 ? 141 GLU A OE2   1 
ATOM   1142 N  N     . MET A 1 142 ? -7.281  -3.764  -15.994 1.00 8.10  ? 142 MET A N     1 
ATOM   1143 C  CA    . MET A 1 142 ? -6.549  -4.923  -15.497 1.00 10.73 ? 142 MET A CA    1 
ATOM   1144 C  C     . MET A 1 142 ? -5.173  -4.499  -15.021 1.00 8.79  ? 142 MET A C     1 
ATOM   1145 O  O     . MET A 1 142 ? -4.474  -3.782  -15.720 1.00 11.13 ? 142 MET A O     1 
ATOM   1146 C  CB    . MET A 1 142 ? -6.439  -5.980  -16.599 1.00 9.87  ? 142 MET A CB    1 
ATOM   1147 C  CG    A MET A 1 142 ? -7.784  -6.596  -16.975 0.76 16.16 ? 142 MET A CG    1 
ATOM   1148 C  CG    B MET A 1 142 ? -7.718  -6.121  -17.414 0.24 16.94 ? 142 MET A CG    1 
ATOM   1149 S  SD    A MET A 1 142 ? -7.755  -7.489  -18.539 0.76 31.79 ? 142 MET A SD    1 
ATOM   1150 S  SD    B MET A 1 142 ? -7.784  -7.623  -18.403 0.24 30.30 ? 142 MET A SD    1 
ATOM   1151 C  CE    A MET A 1 142 ? -7.185  -6.216  -19.662 0.76 23.14 ? 142 MET A CE    1 
ATOM   1152 C  CE    B MET A 1 142 ? -7.887  -8.856  -17.112 0.24 16.29 ? 142 MET A CE    1 
ATOM   1153 N  N     . LEU A 1 143 ? -4.790  -4.935  -13.825 1.00 6.61  ? 143 LEU A N     1 
ATOM   1154 C  CA    . LEU A 1 143 ? -3.472  -4.613  -13.295 1.00 7.76  ? 143 LEU A CA    1 
ATOM   1155 C  C     . LEU A 1 143 ? -2.367  -4.955  -14.289 1.00 6.59  ? 143 LEU A C     1 
ATOM   1156 O  O     . LEU A 1 143 ? -1.446  -4.174  -14.488 1.00 6.91  ? 143 LEU A O     1 
ATOM   1157 C  CB    . LEU A 1 143 ? -3.237  -5.366  -11.990 1.00 7.14  ? 143 LEU A CB    1 
ATOM   1158 C  CG    . LEU A 1 143 ? -1.874  -5.188  -11.335 1.00 4.70  ? 143 LEU A CG    1 
ATOM   1159 C  CD1   . LEU A 1 143 ? -1.566  -3.712  -11.099 1.00 6.51  ? 143 LEU A CD1   1 
ATOM   1160 C  CD2   . LEU A 1 143 ? -1.846  -5.960  -10.039 1.00 6.89  ? 143 LEU A CD2   1 
ATOM   1161 N  N     . ARG A 1 144 ? -2.450  -6.137  -14.896 1.00 6.02  ? 144 ARG A N     1 
ATOM   1162 C  CA    . ARG A 1 144 ? -1.459  -6.565  -15.889 1.00 7.24  ? 144 ARG A CA    1 
ATOM   1163 C  C     . ARG A 1 144 ? -1.373  -5.576  -17.063 1.00 7.67  ? 144 ARG A C     1 
ATOM   1164 O  O     . ARG A 1 144 ? -0.289  -5.225  -17.535 1.00 11.48 ? 144 ARG A O     1 
ATOM   1165 C  CB    . ARG A 1 144 ? -1.815  -7.963  -16.403 1.00 12.24 ? 144 ARG A CB    1 
ATOM   1166 C  CG    . ARG A 1 144 ? -0.917  -8.457  -17.514 1.00 17.39 ? 144 ARG A CG    1 
ATOM   1167 C  CD    . ARG A 1 144 ? -1.659  -9.410  -18.437 1.00 15.67 ? 144 ARG A CD    1 
ATOM   1168 N  NE    A ARG A 1 144 ? -2.541  -8.694  -19.355 0.56 16.01 ? 144 ARG A NE    1 
ATOM   1169 N  NE    B ARG A 1 144 ? -3.070  -9.066  -18.578 0.44 16.14 ? 144 ARG A NE    1 
ATOM   1170 C  CZ    A ARG A 1 144 ? -3.852  -8.553  -19.184 0.56 19.62 ? 144 ARG A CZ    1 
ATOM   1171 C  CZ    B ARG A 1 144 ? -3.538  -8.124  -19.392 0.44 19.28 ? 144 ARG A CZ    1 
ATOM   1172 N  NH1   A ARG A 1 144 ? -4.448  -9.084  -18.126 0.56 21.38 ? 144 ARG A NH1   1 
ATOM   1173 N  NH1   B ARG A 1 144 ? -2.708  -7.416  -20.144 0.44 16.43 ? 144 ARG A NH1   1 
ATOM   1174 N  NH2   A ARG A 1 144 ? -4.568  -7.879  -20.073 0.56 21.43 ? 144 ARG A NH2   1 
ATOM   1175 N  NH2   B ARG A 1 144 ? -4.840  -7.884  -19.448 0.44 18.84 ? 144 ARG A NH2   1 
ATOM   1176 N  N     . GLN A 1 145 ? -2.529  -5.113  -17.512 1.00 10.99 ? 145 GLN A N     1 
ATOM   1177 C  CA    . GLN A 1 145 ? -2.583  -4.171  -18.619 1.00 12.02 ? 145 GLN A CA    1 
ATOM   1178 C  C     . GLN A 1 145 ? -1.954  -2.825  -18.275 1.00 8.88  ? 145 GLN A C     1 
ATOM   1179 O  O     . GLN A 1 145 ? -1.277  -2.219  -19.106 1.00 13.53 ? 145 GLN A O     1 
ATOM   1180 C  CB    . GLN A 1 145 ? -4.024  -3.969  -19.082 1.00 14.59 ? 145 GLN A CB    1 
ATOM   1181 C  CG    . GLN A 1 145 ? -4.125  -3.119  -20.351 1.00 17.58 ? 145 GLN A CG    1 
ATOM   1182 C  CD    . GLN A 1 145 ? -3.357  -3.714  -21.524 1.00 23.14 ? 145 GLN A CD    1 
ATOM   1183 O  OE1   . GLN A 1 145 ? -3.811  -4.657  -22.161 1.00 20.05 ? 145 GLN A OE1   1 
ATOM   1184 N  NE2   . GLN A 1 145 ? -2.195  -3.150  -21.818 1.00 25.27 ? 145 GLN A NE2   1 
ATOM   1185 N  N     . ILE A 1 146 ? -2.184  -2.354  -17.053 1.00 10.04 ? 146 ILE A N     1 
ATOM   1186 C  CA    . ILE A 1 146 ? -1.589  -1.107  -16.591 1.00 7.83  ? 146 ILE A CA    1 
ATOM   1187 C  C     . ILE A 1 146 ? -0.053  -1.189  -16.603 1.00 10.36 ? 146 ILE A C     1 
ATOM   1188 O  O     . ILE A 1 146 ? 0.631   -0.282  -17.079 1.00 9.90  ? 146 ILE A O     1 
ATOM   1189 C  CB    . ILE A 1 146 ? -2.117  -0.737  -15.193 1.00 4.91  ? 146 ILE A CB    1 
ATOM   1190 C  CG1   . ILE A 1 146 ? -3.633  -0.478  -15.272 1.00 7.54  ? 146 ILE A CG1   1 
ATOM   1191 C  CG2   . ILE A 1 146 ? -1.351  0.475   -14.648 1.00 7.21  ? 146 ILE A CG2   1 
ATOM   1192 C  CD1   . ILE A 1 146 ? -4.349  -0.338  -13.916 1.00 7.55  ? 146 ILE A CD1   1 
ATOM   1193 N  N     . LEU A 1 147 ? 0.484   -2.290  -16.090 1.00 8.48  ? 147 LEU A N     1 
ATOM   1194 C  CA    . LEU A 1 147 ? 1.922   -2.517  -16.129 1.00 10.68 ? 147 LEU A CA    1 
ATOM   1195 C  C     . LEU A 1 147 ? 2.431   -2.734  -17.556 1.00 13.05 ? 147 LEU A C     1 
ATOM   1196 O  O     . LEU A 1 147 ? 3.580   -2.426  -17.863 1.00 19.06 ? 147 LEU A O     1 
ATOM   1197 C  CB    . LEU A 1 147 ? 2.297   -3.709  -15.244 1.00 9.14  ? 147 LEU A CB    1 
ATOM   1198 C  CG    . LEU A 1 147 ? 2.202   -3.430  -13.745 1.00 11.25 ? 147 LEU A CG    1 
ATOM   1199 C  CD1   . LEU A 1 147 ? 2.183   -4.748  -12.975 1.00 9.75  ? 147 LEU A CD1   1 
ATOM   1200 C  CD2   . LEU A 1 147 ? 3.357   -2.561  -13.294 1.00 9.32  ? 147 LEU A CD2   1 
ATOM   1201 N  N     . HIS A 1 148 ? 1.571   -3.257  -18.426 1.00 9.48  ? 148 HIS A N     1 
ATOM   1202 C  CA    . HIS A 1 148 ? 1.963   -3.521  -19.812 1.00 12.25 ? 148 HIS A CA    1 
ATOM   1203 C  C     . HIS A 1 148 ? 1.914   -2.252  -20.662 1.00 11.79 ? 148 HIS A C     1 
ATOM   1204 O  O     . HIS A 1 148 ? 2.679   -2.101  -21.607 1.00 19.14 ? 148 HIS A O     1 
ATOM   1205 C  CB    . HIS A 1 148 ? 1.059   -4.591  -20.425 1.00 16.48 ? 148 HIS A CB    1 
ATOM   1206 C  CG    . HIS A 1 148 ? 1.154   -4.681  -21.917 1.00 24.89 ? 148 HIS A CG    1 
ATOM   1207 N  ND1   . HIS A 1 148 ? 1.979   -5.580  -22.558 1.00 24.40 ? 148 HIS A ND1   1 
ATOM   1208 C  CD2   . HIS A 1 148 ? 0.524   -3.986  -22.896 1.00 29.85 ? 148 HIS A CD2   1 
ATOM   1209 C  CE1   . HIS A 1 148 ? 1.855   -5.435  -23.866 1.00 26.97 ? 148 HIS A CE1   1 
ATOM   1210 N  NE2   . HIS A 1 148 ? 0.979   -4.473  -24.096 1.00 28.72 ? 148 HIS A NE2   1 
ATOM   1211 N  N     . THR A 1 149 ? 0.999   -1.355  -20.327 1.00 13.32 ? 149 THR A N     1 
ATOM   1212 C  CA    . THR A 1 149 ? 0.883   -0.079  -21.026 1.00 13.20 ? 149 THR A CA    1 
ATOM   1213 C  C     . THR A 1 149 ? 1.982   0.922   -20.630 1.00 16.76 ? 149 THR A C     1 
ATOM   1214 O  O     . THR A 1 149 ? 2.511   1.624   -21.489 1.00 22.40 ? 149 THR A O     1 
ATOM   1215 C  CB    . THR A 1 149 ? -0.506  0.566   -20.795 1.00 15.27 ? 149 THR A CB    1 
ATOM   1216 O  OG1   . THR A 1 149 ? -1.531  -0.261  -21.373 1.00 18.47 ? 149 THR A OG1   1 
ATOM   1217 C  CG2   . THR A 1 149 ? -0.567  1.943   -21.426 1.00 16.89 ? 149 THR A CG2   1 
ATOM   1218 N  N     . ARG A 1 150 ? 2.327   0.970   -19.341 1.00 14.59 ? 150 ARG A N     1 
ATOM   1219 C  CA    . ARG A 1 150 ? 3.184   2.032   -18.795 1.00 11.69 ? 150 ARG A CA    1 
ATOM   1220 C  C     . ARG A 1 150 ? 4.683   1.721   -18.761 1.00 25.32 ? 150 ARG A C     1 
ATOM   1221 O  O     . ARG A 1 150 ? 5.505   2.634   -18.822 1.00 30.55 ? 150 ARG A O     1 
ATOM   1222 C  CB    . ARG A 1 150 ? 2.755   2.404   -17.371 1.00 19.20 ? 150 ARG A CB    1 
ATOM   1223 C  CG    . ARG A 1 150 ? 1.515   3.279   -17.246 1.00 18.31 ? 150 ARG A CG    1 
ATOM   1224 C  CD    . ARG A 1 150 ? 1.679   4.644   -17.907 1.00 10.02 ? 150 ARG A CD    1 
ATOM   1225 N  NE    . ARG A 1 150 ? 2.708   5.486   -17.290 1.00 16.82 ? 150 ARG A NE    1 
ATOM   1226 C  CZ    . ARG A 1 150 ? 2.517   6.264   -16.226 1.00 11.75 ? 150 ARG A CZ    1 
ATOM   1227 N  NH1   . ARG A 1 150 ? 1.340   6.308   -15.616 1.00 7.64  ? 150 ARG A NH1   1 
ATOM   1228 N  NH2   . ARG A 1 150 ? 3.520   6.994   -15.757 1.00 13.97 ? 150 ARG A NH2   1 
ATOM   1229 N  N     . ALA A 1 151 ? 5.046   0.452   -18.621 1.00 18.73 ? 151 ALA A N     1 
ATOM   1230 C  CA    . ALA A 1 151 ? 6.466   0.103   -18.494 1.00 22.61 ? 151 ALA A CA    1 
ATOM   1231 C  C     . ALA A 1 151 ? 7.157   0.822   -17.331 1.00 23.90 ? 151 ALA A C     1 
ATOM   1232 O  O     . ALA A 1 151 ? 7.998   1.696   -17.541 1.00 41.26 ? 151 ALA A O     1 
ATOM   1233 C  CB    . ALA A 1 151 ? 7.206   0.392   -19.797 1.00 26.44 ? 151 ALA A CB    1 
ATOM   1234 N  N     . PHE A 1 152 ? 6.786   0.456   -16.109 1.00 15.79 ? 152 PHE A N     1 
ATOM   1235 C  CA    . PHE A 1 152 ? 7.467   0.918   -14.904 1.00 9.75  ? 152 PHE A CA    1 
ATOM   1236 C  C     . PHE A 1 152 ? 8.651   -0.002  -14.623 1.00 15.99 ? 152 PHE A C     1 
ATOM   1237 O  O     . PHE A 1 152 ? 8.518   -1.224  -14.696 1.00 16.98 ? 152 PHE A O     1 
ATOM   1238 C  CB    . PHE A 1 152 ? 6.518   0.830   -13.714 1.00 11.59 ? 152 PHE A CB    1 
ATOM   1239 C  CG    . PHE A 1 152 ? 5.354   1.773   -13.784 1.00 14.77 ? 152 PHE A CG    1 
ATOM   1240 C  CD1   . PHE A 1 152 ? 5.499   3.092   -13.410 1.00 21.72 ? 152 PHE A CD1   1 
ATOM   1241 C  CD2   . PHE A 1 152 ? 4.107   1.332   -14.186 1.00 22.77 ? 152 PHE A CD2   1 
ATOM   1242 C  CE1   . PHE A 1 152 ? 4.429   3.962   -13.454 1.00 19.00 ? 152 PHE A CE1   1 
ATOM   1243 C  CE2   . PHE A 1 152 ? 3.035   2.198   -14.235 1.00 20.22 ? 152 PHE A CE2   1 
ATOM   1244 C  CZ    . PHE A 1 152 ? 3.197   3.515   -13.863 1.00 9.34  ? 152 PHE A CZ    1 
ATOM   1245 N  N     . ASP A 1 153 ? 9.795   0.576   -14.282 1.00 21.84 ? 153 ASP A N     1 
ATOM   1246 C  CA    . ASP A 1 153 ? 10.955  -0.218  -13.892 1.00 20.14 ? 153 ASP A CA    1 
ATOM   1247 C  C     . ASP A 1 153 ? 10.584  -1.203  -12.794 1.00 17.89 ? 153 ASP A C     1 
ATOM   1248 O  O     . ASP A 1 153 ? 9.850   -0.860  -11.859 1.00 17.14 ? 153 ASP A O     1 
ATOM   1249 C  CB    . ASP A 1 153 ? 12.075  0.691   -13.397 1.00 20.59 ? 153 ASP A CB    1 
ATOM   1250 C  CG    . ASP A 1 153 ? 12.673  1.533   -14.504 1.00 33.21 ? 153 ASP A CG    1 
ATOM   1251 O  OD1   . ASP A 1 153 ? 12.595  1.110   -15.678 1.00 40.45 ? 153 ASP A OD1   1 
ATOM   1252 O  OD2   . ASP A 1 153 ? 13.227  2.610   -14.202 1.00 44.65 ? 153 ASP A OD2   1 
ATOM   1253 N  N     . LYS A 1 154 ? 11.091  -2.424  -12.908 1.00 22.22 ? 154 LYS A N     1 
ATOM   1254 C  CA    . LYS A 1 154 ? 10.897  -3.418  -11.866 1.00 21.96 ? 154 LYS A CA    1 
ATOM   1255 C  C     . LYS A 1 154 ? 11.617  -2.985  -10.599 1.00 17.31 ? 154 LYS A C     1 
ATOM   1256 O  O     . LYS A 1 154 ? 12.630  -2.282  -10.648 1.00 20.45 ? 154 LYS A O     1 
ATOM   1257 C  CB    . LYS A 1 154 ? 11.400  -4.790  -12.313 1.00 16.76 ? 154 LYS A CB    1 
ATOM   1258 C  CG    . LYS A 1 154 ? 10.388  -5.575  -13.119 1.00 19.80 ? 154 LYS A CG    1 
ATOM   1259 C  CD    . LYS A 1 154 ? 10.918  -6.954  -13.460 1.00 26.37 ? 154 LYS A CD    1 
ATOM   1260 C  CE    . LYS A 1 154 ? 9.827   -7.806  -14.065 1.00 26.21 ? 154 LYS A CE    1 
ATOM   1261 N  NZ    . LYS A 1 154 ? 10.402  -8.993  -14.737 1.00 20.99 ? 154 LYS A NZ    1 
ATOM   1262 N  N     . LEU A 1 155 ? 11.084  -3.409  -9.464  1.00 13.75 ? 155 LEU A N     1 
ATOM   1263 C  CA    . LEU A 1 155 ? 11.673  -3.077  -8.182  1.00 14.95 ? 155 LEU A CA    1 
ATOM   1264 C  C     . LEU A 1 155 ? 12.542  -4.223  -7.723  1.00 15.85 ? 155 LEU A C     1 
ATOM   1265 O  O     . LEU A 1 155 ? 12.166  -5.384  -7.871  1.00 18.53 ? 155 LEU A O     1 
ATOM   1266 C  CB    . LEU A 1 155 ? 10.573  -2.881  -7.151  1.00 13.83 ? 155 LEU A CB    1 
ATOM   1267 C  CG    . LEU A 1 155 ? 9.358   -2.061  -7.577  1.00 21.89 ? 155 LEU A CG    1 
ATOM   1268 C  CD1   . LEU A 1 155 ? 8.290   -2.169  -6.496  1.00 18.11 ? 155 LEU A CD1   1 
ATOM   1269 C  CD2   . LEU A 1 155 ? 9.746   -0.618  -7.826  1.00 15.63 ? 155 LEU A CD2   1 
ATOM   1270 N  N     . ASN A 1 156 ? 13.698  -3.901  -7.156  1.00 14.01 ? 156 ASN A N     1 
ATOM   1271 C  CA    . ASN A 1 156 ? 14.516  -4.904  -6.499  1.00 14.99 ? 156 ASN A CA    1 
ATOM   1272 C  C     . ASN A 1 156 ? 13.915  -5.221  -5.139  1.00 14.66 ? 156 ASN A C     1 
ATOM   1273 O  O     . ASN A 1 156 ? 13.180  -4.416  -4.573  1.00 13.18 ? 156 ASN A O     1 
ATOM   1274 C  CB    . ASN A 1 156 ? 15.952  -4.411  -6.350  1.00 21.30 ? 156 ASN A CB    1 
ATOM   1275 C  CG    . ASN A 1 156 ? 16.701  -4.413  -7.665  1.00 22.30 ? 156 ASN A CG    1 
ATOM   1276 O  OD1   . ASN A 1 156 ? 17.094  -5.465  -8.166  1.00 36.32 ? 156 ASN A OD1   1 
ATOM   1277 N  ND2   . ASN A 1 156 ? 16.902  -3.233  -8.229  1.00 23.74 ? 156 ASN A ND2   1 
ATOM   1278 N  N     . LYS A 1 157 ? 14.219  -6.396  -4.611  1.00 15.37 ? 157 LYS A N     1 
ATOM   1279 C  CA    . LYS A 1 157 ? 13.686  -6.769  -3.311  1.00 14.91 ? 157 LYS A CA    1 
ATOM   1280 C  C     . LYS A 1 157 ? 14.557  -6.185  -2.205  1.00 13.34 ? 157 LYS A C     1 
ATOM   1281 O  O     . LYS A 1 157 ? 15.744  -5.925  -2.414  1.00 14.69 ? 157 LYS A O     1 
ATOM   1282 C  CB    . LYS A 1 157 ? 13.532  -8.286  -3.214  1.00 19.64 ? 157 LYS A CB    1 
ATOM   1283 C  CG    . LYS A 1 157 ? 12.398  -8.769  -4.103  1.00 16.75 ? 157 LYS A CG    1 
ATOM   1284 C  CD    . LYS A 1 157 ? 12.369  -10.259 -4.317  1.00 27.83 ? 157 LYS A CD    1 
ATOM   1285 C  CE    . LYS A 1 157 ? 11.245  -10.594 -5.292  1.00 22.30 ? 157 LYS A CE    1 
ATOM   1286 N  NZ    . LYS A 1 157 ? 11.161  -12.045 -5.613  1.00 29.43 ? 157 LYS A NZ    1 
ATOM   1287 N  N     . TRP A 1 158 ? 13.960  -5.945  -1.041  1.00 8.39  ? 158 TRP A N     1 
ATOM   1288 C  CA    . TRP A 1 158 ? 14.676  -5.308  0.051   1.00 11.28 ? 158 TRP A CA    1 
ATOM   1289 C  C     . TRP A 1 158 ? 15.937  -6.092  0.399   1.00 11.71 ? 158 TRP A C     1 
ATOM   1290 O  O     . TRP A 1 158 ? 17.035  -5.537  0.536   1.00 11.54 ? 158 TRP A O     1 
ATOM   1291 C  CB    . TRP A 1 158 ? 13.781  -5.185  1.286   1.00 9.87  ? 158 TRP A CB    1 
ATOM   1292 C  CG    . TRP A 1 158 ? 14.391  -4.307  2.314   1.00 11.92 ? 158 TRP A CG    1 
ATOM   1293 C  CD1   . TRP A 1 158 ? 15.047  -4.698  3.444   1.00 13.37 ? 158 TRP A CD1   1 
ATOM   1294 C  CD2   . TRP A 1 158 ? 14.442  -2.882  2.288   1.00 11.49 ? 158 TRP A CD2   1 
ATOM   1295 N  NE1   . TRP A 1 158 ? 15.497  -3.601  4.129   1.00 8.22  ? 158 TRP A NE1   1 
ATOM   1296 C  CE2   . TRP A 1 158 ? 15.132  -2.470  3.445   1.00 12.61 ? 158 TRP A CE2   1 
ATOM   1297 C  CE3   . TRP A 1 158 ? 13.962  -1.908  1.401   1.00 12.01 ? 158 TRP A CE3   1 
ATOM   1298 C  CZ2   . TRP A 1 158 ? 15.360  -1.122  3.739   1.00 17.15 ? 158 TRP A CZ2   1 
ATOM   1299 C  CZ3   . TRP A 1 158 ? 14.193  -0.571  1.693   1.00 13.71 ? 158 TRP A CZ3   1 
ATOM   1300 C  CH2   . TRP A 1 158 ? 14.882  -0.193  2.855   1.00 18.33 ? 158 TRP A CH2   1 
ATOM   1301 O  OXT   . TRP A 1 158 ? 15.883  -7.308  0.541   1.00 13.24 ? 158 TRP A OXT   1 
HETATM 1302 MG MG    . MG  B 2 .   ? -1.930  7.958   1.359   1.00 31.36 ? 161 MG  A MG    1 
HETATM 1303 P  PG    A APC C 3 .   ? 0.469   11.627  -1.182  0.49 42.93 ? 171 APC A PG    1 
HETATM 1304 P  PG    B APC C 3 .   ? -0.334  9.600   -1.079  0.51 27.27 ? 171 APC A PG    1 
HETATM 1305 O  O1G   A APC C 3 .   ? -0.815  10.871  -1.449  0.49 34.53 ? 171 APC A O1G   1 
HETATM 1306 O  O1G   B APC C 3 .   ? -1.283  8.446   -0.848  0.51 19.71 ? 171 APC A O1G   1 
HETATM 1307 O  O2G   A APC C 3 .   ? 0.650   12.868  -2.038  0.49 39.02 ? 171 APC A O2G   1 
HETATM 1308 O  O2G   B APC C 3 .   ? -0.974  10.841  -1.674  0.51 34.07 ? 171 APC A O2G   1 
HETATM 1309 O  O3G   A APC C 3 .   ? 1.677   10.721  -1.223  0.49 39.01 ? 171 APC A O3G   1 
HETATM 1310 O  O3G   B APC C 3 .   ? 0.870   9.165   -1.874  0.51 37.29 ? 171 APC A O3G   1 
HETATM 1311 P  PB    A APC C 3 .   ? 0.206   11.470  1.710   0.49 43.94 ? 171 APC A PB    1 
HETATM 1312 P  PB    B APC C 3 .   ? -0.362  10.935  1.560   0.51 37.99 ? 171 APC A PB    1 
HETATM 1313 O  O1B   A APC C 3 .   ? 0.508   10.007  1.433   0.49 37.68 ? 171 APC A O1B   1 
HETATM 1314 O  O1B   B APC C 3 .   ? -1.463  10.102  2.186   0.51 29.90 ? 171 APC A O1B   1 
HETATM 1315 O  O2B   A APC C 3 .   ? 0.989   12.165  2.783   0.49 41.85 ? 171 APC A O2B   1 
HETATM 1316 O  O2B   B APC C 3 .   ? 0.731   11.414  2.470   0.51 40.88 ? 171 APC A O2B   1 
HETATM 1317 O  O3B   A APC C 3 .   ? 0.377   12.259  0.330   0.49 34.49 ? 171 APC A O3B   1 
HETATM 1318 O  O3B   B APC C 3 .   ? 0.290   10.111  0.352   0.51 38.73 ? 171 APC A O3B   1 
HETATM 1319 P  PA    A APC C 3 .   ? -1.932  11.002  3.739   0.49 45.13 ? 171 APC A PA    1 
HETATM 1320 P  PA    B APC C 3 .   ? -2.215  13.089  2.062   0.51 34.40 ? 171 APC A PA    1 
HETATM 1321 O  O1A   A APC C 3 .   ? -1.427  9.600   3.854   0.49 30.80 ? 171 APC A O1A   1 
HETATM 1322 O  O1A   B APC C 3 .   ? -1.682  12.714  3.406   0.51 29.77 ? 171 APC A O1A   1 
HETATM 1323 O  O2A   A APC C 3 .   ? -1.555  11.962  4.809   0.49 36.38 ? 171 APC A O2A   1 
HETATM 1324 O  O2A   B APC C 3 .   ? -2.434  14.532  1.787   0.51 37.57 ? 171 APC A O2A   1 
HETATM 1325 C  C3A   A APC C 3 .   ? -1.529  11.651  2.113   0.49 30.58 ? 171 APC A C3A   1 
HETATM 1326 C  C3A   B APC C 3 .   ? -1.156  12.351  0.817   0.51 37.37 ? 171 APC A C3A   1 
HETATM 1327 O  "O5'" A APC C 3 .   ? -3.518  10.830  3.687   0.49 28.42 ? 171 APC A "O5'" 1 
HETATM 1328 O  "O5'" B APC C 3 .   ? -3.583  12.271  1.956   0.51 31.81 ? 171 APC A "O5'" 1 
HETATM 1329 C  "C5'" A APC C 3 .   ? -4.265  11.931  3.129   0.49 29.88 ? 171 APC A "C5'" 1 
HETATM 1330 C  "C5'" B APC C 3 .   ? -4.120  11.721  3.178   0.51 29.97 ? 171 APC A "C5'" 1 
HETATM 1331 C  "C4'" A APC C 3 .   ? -5.716  11.547  3.048   0.49 25.52 ? 171 APC A "C4'" 1 
HETATM 1332 C  "C4'" B APC C 3 .   ? -5.600  11.484  3.042   0.51 25.44 ? 171 APC A "C4'" 1 
HETATM 1333 O  "O4'" A APC C 3 .   ? -5.904  10.536  2.035   0.49 24.32 ? 171 APC A "O4'" 1 
HETATM 1334 O  "O4'" B APC C 3 .   ? -5.858  10.486  2.028   0.51 24.31 ? 171 APC A "O4'" 1 
HETATM 1335 C  "C3'" A APC C 3 .   ? -6.329  10.922  4.298   0.49 26.17 ? 171 APC A "C3'" 1 
HETATM 1336 C  "C3'" B APC C 3 .   ? -6.308  10.944  4.284   0.51 26.18 ? 171 APC A "C3'" 1 
HETATM 1337 O  "O3'" A APC C 3 .   ? -6.756  11.841  5.255   0.49 26.78 ? 171 APC A "O3'" 1 
HETATM 1338 O  "O3'" B APC C 3 .   ? -6.739  11.927  5.176   0.51 26.69 ? 171 APC A "O3'" 1 
HETATM 1339 C  "C2'" A APC C 3 .   ? -7.416  10.009  3.770   0.49 21.91 ? 171 APC A "C2'" 1 
HETATM 1340 C  "C2'" B APC C 3 .   ? -7.404  10.041  3.758   0.51 21.91 ? 171 APC A "C2'" 1 
HETATM 1341 O  "O2'" A APC C 3 .   ? -8.710  10.521  4.156   0.49 19.11 ? 171 APC A "O2'" 1 
HETATM 1342 O  "O2'" B APC C 3 .   ? -8.694  10.575  4.122   0.51 19.12 ? 171 APC A "O2'" 1 
HETATM 1343 C  "C1'" A APC C 3 .   ? -7.244  10.092  2.263   0.49 20.16 ? 171 APC A "C1'" 1 
HETATM 1344 C  "C1'" B APC C 3 .   ? -7.217  10.095  2.252   0.51 20.17 ? 171 APC A "C1'" 1 
HETATM 1345 N  N9    . APC C 3 .   ? -7.479  8.890   1.472   1.00 15.26 ? 171 APC A N9    1 
HETATM 1346 C  C8    . APC C 3 .   ? -8.321  8.840   0.390   1.00 15.00 ? 171 APC A C8    1 
HETATM 1347 N  N7    . APC C 3 .   ? -8.358  7.660   -0.194  1.00 10.80 ? 171 APC A N7    1 
HETATM 1348 C  C5    . APC C 3 .   ? -7.470  6.908   0.567   1.00 15.81 ? 171 APC A C5    1 
HETATM 1349 C  C6    . APC C 3 .   ? -7.095  5.568   0.421   1.00 12.41 ? 171 APC A C6    1 
HETATM 1350 N  N6    . APC C 3 .   ? -7.610  4.831   -0.580  1.00 7.70  ? 171 APC A N6    1 
HETATM 1351 N  N1    . APC C 3 .   ? -6.199  5.064   1.299   1.00 9.83  ? 171 APC A N1    1 
HETATM 1352 C  C2    . APC C 3 .   ? -5.739  5.890   2.251   1.00 12.68 ? 171 APC A C2    1 
HETATM 1353 N  N3    . APC C 3 .   ? -6.023  7.173   2.484   1.00 12.69 ? 171 APC A N3    1 
HETATM 1354 C  C4    . APC C 3 .   ? -6.907  7.637   1.602   1.00 16.05 ? 171 APC A C4    1 
HETATM 1355 CL CL    . CL  D 4 .   ? -11.867 -1.696  -4.940  1.00 19.14 ? 191 CL  A CL    1 
HETATM 1356 C  C     . ACT E 5 .   ? 6.736   5.433   -1.543  1.00 24.81 ? 192 ACT A C     1 
HETATM 1357 O  O     . ACT E 5 .   ? 7.697   5.037   -2.241  1.00 23.52 ? 192 ACT A O     1 
HETATM 1358 O  OXT   . ACT E 5 .   ? 6.155   4.563   -0.858  1.00 22.91 ? 192 ACT A OXT   1 
HETATM 1359 C  CH3   . ACT E 5 .   ? 6.306   6.870   -1.528  1.00 20.41 ? 192 ACT A CH3   1 
HETATM 1360 O  O     . HOH F 6 .   ? 0.443   7.288   1.457   1.00 25.23 ? 201 HOH A O     1 
HETATM 1361 O  O     . HOH F 6 .   ? -2.584  7.153   3.627   1.00 26.83 ? 202 HOH A O     1 
HETATM 1362 O  O     . HOH F 6 .   ? -4.247  8.456   0.996   1.00 23.71 ? 203 HOH A O     1 
HETATM 1363 O  O     . HOH F 6 .   ? 3.395   -0.403  -1.989  1.00 8.73  ? 204 HOH A O     1 
HETATM 1364 O  O     . HOH F 6 .   ? -9.818  10.461  6.994   1.00 17.48 ? 205 HOH A O     1 
HETATM 1365 O  O     . HOH F 6 .   ? -4.397  -8.251  -14.021 1.00 8.00  ? 206 HOH A O     1 
HETATM 1366 O  O     . HOH F 6 .   ? -18.498 -1.465  -8.040  1.00 14.98 ? 207 HOH A O     1 
HETATM 1367 O  O     . HOH F 6 .   ? -0.558  -16.473 0.689   1.00 15.77 ? 208 HOH A O     1 
HETATM 1368 O  O     . HOH F 6 .   ? 13.644  -8.973  0.837   1.00 20.11 ? 209 HOH A O     1 
HETATM 1369 O  O     . HOH F 6 .   ? 1.651   3.147   1.284   1.00 12.84 ? 210 HOH A O     1 
HETATM 1370 O  O     . HOH F 6 .   ? -12.931 5.664   -7.473  1.00 17.45 ? 211 HOH A O     1 
HETATM 1371 O  O     . HOH F 6 .   ? -10.059 -9.461  -9.926  1.00 17.29 ? 212 HOH A O     1 
HETATM 1372 O  O     . HOH F 6 .   ? -4.984  0.367   19.611  1.00 13.09 ? 213 HOH A O     1 
HETATM 1373 O  O     . HOH F 6 .   ? -4.426  -3.391  15.077  1.00 14.24 ? 214 HOH A O     1 
HETATM 1374 O  O     . HOH F 6 .   ? -19.217 0.085   -5.720  1.00 15.23 ? 215 HOH A O     1 
HETATM 1375 O  O     . HOH F 6 .   ? 5.823   -8.086  -9.343  1.00 19.47 ? 216 HOH A O     1 
HETATM 1376 O  O     . HOH F 6 .   ? 6.370   4.828   -10.355 1.00 17.00 ? 217 HOH A O     1 
HETATM 1377 O  O     . HOH F 6 .   ? -4.448  5.745   -10.444 1.00 18.83 ? 218 HOH A O     1 
HETATM 1378 O  O     . HOH F 6 .   ? 9.184   -5.305  -9.594  1.00 25.31 ? 219 HOH A O     1 
HETATM 1379 O  O     . HOH F 6 .   ? 8.655   -5.211  14.920  1.00 17.71 ? 220 HOH A O     1 
HETATM 1380 O  O     . HOH F 6 .   ? 1.638   -2.430  -3.063  1.00 16.90 ? 221 HOH A O     1 
HETATM 1381 O  O     . HOH F 6 .   ? -4.991  -10.959 -16.546 1.00 24.11 ? 222 HOH A O     1 
HETATM 1382 O  O     . HOH F 6 .   ? 4.130   7.814   -13.157 1.00 17.51 ? 223 HOH A O     1 
HETATM 1383 O  O     . HOH F 6 .   ? -15.749 7.292   3.403   1.00 18.72 ? 224 HOH A O     1 
HETATM 1384 O  O     . HOH F 6 .   ? -18.445 -3.642  2.900   1.00 37.04 ? 225 HOH A O     1 
HETATM 1385 O  O     . HOH F 6 .   ? -10.222 5.975   -8.200  1.00 14.18 ? 226 HOH A O     1 
HETATM 1386 O  O     . HOH F 6 .   ? 2.164   -4.312  16.189  1.00 16.95 ? 227 HOH A O     1 
HETATM 1387 O  O     . HOH F 6 .   ? -4.424  4.955   6.222   1.00 11.59 ? 228 HOH A O     1 
HETATM 1388 O  O     . HOH F 6 .   ? 8.145   3.314   -8.589  1.00 23.47 ? 229 HOH A O     1 
HETATM 1389 O  O     . HOH F 6 .   ? -6.469  4.651   -9.623  1.00 20.83 ? 230 HOH A O     1 
HETATM 1390 O  O     . HOH F 6 .   ? -0.830  -0.313  15.990  1.00 14.70 ? 231 HOH A O     1 
HETATM 1391 O  O     . HOH F 6 .   ? 9.751   -8.544  -9.417  1.00 36.56 ? 232 HOH A O     1 
HETATM 1392 O  O     . HOH F 6 .   ? 3.689   -13.741 -8.862  1.00 22.93 ? 233 HOH A O     1 
HETATM 1393 O  O     . HOH F 6 .   ? -0.776  4.515   -15.749 1.00 14.86 ? 234 HOH A O     1 
HETATM 1394 O  O     . HOH F 6 .   ? -11.767 -5.301  -8.348  1.00 27.15 ? 235 HOH A O     1 
HETATM 1395 O  O     . HOH F 6 .   ? 14.537  -0.968  -6.821  1.00 27.51 ? 236 HOH A O     1 
HETATM 1396 O  O     . HOH F 6 .   ? 15.863  -7.921  -6.284  1.00 21.44 ? 237 HOH A O     1 
HETATM 1397 O  O     . HOH F 6 .   ? 11.063  0.130   -17.457 1.00 25.91 ? 238 HOH A O     1 
HETATM 1398 O  O     . HOH F 6 .   ? -10.347 -11.381 13.401  1.00 34.58 ? 239 HOH A O     1 
HETATM 1399 O  O     . HOH F 6 .   ? -8.747  -10.572 -4.879  1.00 32.50 ? 240 HOH A O     1 
HETATM 1400 O  O     . HOH F 6 .   ? 14.370  -2.334  11.875  1.00 19.39 ? 241 HOH A O     1 
HETATM 1401 O  O     . HOH F 6 .   ? 14.789  -3.210  -11.885 1.00 34.76 ? 242 HOH A O     1 
HETATM 1402 O  O     . HOH F 6 .   ? 12.068  -7.951  -8.247  1.00 27.68 ? 243 HOH A O     1 
HETATM 1403 O  O     . HOH F 6 .   ? -13.078 10.466  -7.002  1.00 26.86 ? 244 HOH A O     1 
HETATM 1404 O  O     . HOH F 6 .   ? -12.282 -6.473  -17.553 1.00 23.73 ? 245 HOH A O     1 
HETATM 1405 O  O     . HOH F 6 .   ? 15.131  6.893   9.349   1.00 19.06 ? 246 HOH A O     1 
HETATM 1406 O  O     . HOH F 6 .   ? 12.041  -0.024  11.880  1.00 9.74  ? 247 HOH A O     1 
HETATM 1407 O  O     . HOH F 6 .   ? -11.940 0.824   -11.199 1.00 11.91 ? 248 HOH A O     1 
HETATM 1408 O  O     . HOH F 6 .   ? 15.547  -2.643  8.875   1.00 15.68 ? 249 HOH A O     1 
HETATM 1409 O  O     . HOH F 6 .   ? -5.969  0.677   -17.894 1.00 11.35 ? 250 HOH A O     1 
HETATM 1410 O  O     . HOH F 6 .   ? -6.604  -2.057  -18.126 1.00 8.92  ? 251 HOH A O     1 
HETATM 1411 O  O     . HOH F 6 .   ? -2.170  -2.480  16.730  1.00 14.26 ? 252 HOH A O     1 
HETATM 1412 O  O     . HOH F 6 .   ? 3.146   -11.851 -10.540 1.00 13.91 ? 253 HOH A O     1 
HETATM 1413 O  O     . HOH F 6 .   ? 3.165   7.142   10.079  1.00 13.87 ? 254 HOH A O     1 
HETATM 1414 O  O     . HOH F 6 .   ? -16.733 -6.059  -3.352  1.00 15.33 ? 255 HOH A O     1 
HETATM 1415 O  O     . HOH F 6 .   ? 1.986   9.432   11.241  1.00 17.02 ? 256 HOH A O     1 
HETATM 1416 O  O     . HOH F 6 .   ? -5.172  7.698   5.227   1.00 16.75 ? 257 HOH A O     1 
HETATM 1417 O  O     . HOH F 6 .   ? -5.173  6.265   -15.450 1.00 11.79 ? 258 HOH A O     1 
HETATM 1418 O  O     . HOH F 6 .   ? 11.226  -9.839  0.787   1.00 11.83 ? 259 HOH A O     1 
HETATM 1419 O  O     . HOH F 6 .   ? -11.085 10.910  -1.022  1.00 15.22 ? 260 HOH A O     1 
HETATM 1420 O  O     . HOH F 6 .   ? 14.615  -7.345  11.434  1.00 14.03 ? 261 HOH A O     1 
HETATM 1421 O  O     . HOH F 6 .   ? -7.884  0.257   18.824  1.00 24.09 ? 262 HOH A O     1 
HETATM 1422 O  O     . HOH F 6 .   ? -4.390  -12.983 -9.180  1.00 12.67 ? 263 HOH A O     1 
HETATM 1423 O  O     . HOH F 6 .   ? -4.201  -13.489 -1.454  1.00 22.78 ? 264 HOH A O     1 
HETATM 1424 O  O     . HOH F 6 .   ? 19.034  -6.108  2.253   1.00 17.50 ? 265 HOH A O     1 
HETATM 1425 O  O     . HOH F 6 .   ? -13.725 -9.290  -2.114  1.00 20.47 ? 266 HOH A O     1 
HETATM 1426 O  O     . HOH F 6 .   ? 12.004  -7.604  11.709  1.00 20.58 ? 267 HOH A O     1 
HETATM 1427 O  O     . HOH F 6 .   ? 10.683  -7.231  14.225  1.00 18.57 ? 268 HOH A O     1 
HETATM 1428 O  O     . HOH F 6 .   ? 15.501  3.436   3.824   1.00 21.15 ? 269 HOH A O     1 
HETATM 1429 O  O     . HOH F 6 .   ? 12.761  -3.456  -15.144 1.00 29.84 ? 270 HOH A O     1 
HETATM 1430 O  O     . HOH F 6 .   ? -18.607 6.831   -2.574  1.00 20.82 ? 271 HOH A O     1 
HETATM 1431 O  O     . HOH F 6 .   ? -2.043  -11.449 -15.396 1.00 14.99 ? 272 HOH A O     1 
HETATM 1432 O  O     . HOH F 6 .   ? -16.245 6.394   10.452  1.00 25.45 ? 273 HOH A O     1 
HETATM 1433 O  O     . HOH F 6 .   ? -16.620 4.818   2.650   1.00 23.55 ? 274 HOH A O     1 
HETATM 1434 O  O     . HOH F 6 .   ? 7.151   -10.616 8.231   1.00 15.60 ? 275 HOH A O     1 
HETATM 1435 O  O     . HOH F 6 .   ? -1.124  2.365   -17.641 1.00 27.34 ? 276 HOH A O     1 
HETATM 1436 O  O     . HOH F 6 .   ? 17.129  -3.174  6.675   1.00 14.12 ? 277 HOH A O     1 
HETATM 1437 O  O     . HOH F 6 .   ? 3.523   -7.108  -21.516 1.00 27.89 ? 278 HOH A O     1 
HETATM 1438 O  O     . HOH F 6 .   ? -6.078  -4.096  17.087  1.00 29.44 ? 279 HOH A O     1 
HETATM 1439 O  O     . HOH F 6 .   ? -7.034  7.616   -2.749  1.00 17.69 ? 280 HOH A O     1 
HETATM 1440 O  O     . HOH F 6 .   ? -11.910 -9.120  -16.895 1.00 21.55 ? 281 HOH A O     1 
HETATM 1441 O  O     . HOH F 6 .   ? 22.873  7.903   -1.545  1.00 29.35 ? 282 HOH A O     1 
HETATM 1442 O  O     . HOH F 6 .   ? 1.333   11.122  -9.620  1.00 23.50 ? 283 HOH A O     1 
HETATM 1443 O  O     . HOH F 6 .   ? -12.385 -7.343  -20.216 1.00 23.43 ? 284 HOH A O     1 
HETATM 1444 O  O     . HOH F 6 .   ? -7.529  -11.150 -15.142 1.00 21.95 ? 285 HOH A O     1 
HETATM 1445 O  O     . HOH F 6 .   ? 16.225  -4.740  10.872  1.00 23.06 ? 286 HOH A O     1 
HETATM 1446 O  O     . HOH F 6 .   ? -20.438 -3.036  -8.045  1.00 20.09 ? 287 HOH A O     1 
HETATM 1447 O  O     . HOH F 6 .   ? 5.045   7.966   -8.999  1.00 23.91 ? 288 HOH A O     1 
HETATM 1448 O  O     . HOH F 6 .   ? 8.542   1.288   -10.838 1.00 20.34 ? 289 HOH A O     1 
HETATM 1449 O  O     . HOH F 6 .   ? -17.037 -5.454  -0.654  1.00 23.43 ? 290 HOH A O     1 
HETATM 1450 O  O     . HOH F 6 .   ? 8.620   6.304   13.145  1.00 19.68 ? 291 HOH A O     1 
HETATM 1451 O  O     . HOH F 6 .   ? -3.103  -1.677  19.263  1.00 21.61 ? 292 HOH A O     1 
HETATM 1452 O  O     . HOH F 6 .   ? -3.742  13.382  -8.204  1.00 29.01 ? 293 HOH A O     1 
HETATM 1453 O  O     . HOH F 6 .   ? 5.398   -12.711 2.532   1.00 20.72 ? 294 HOH A O     1 
HETATM 1454 O  O     . HOH F 6 .   ? -19.246 10.793  -5.600  1.00 41.49 ? 295 HOH A O     1 
HETATM 1455 O  O     . HOH F 6 .   ? -13.133 -11.332 7.991   1.00 23.22 ? 296 HOH A O     1 
HETATM 1456 O  O     . HOH F 6 .   ? -1.378  -10.052 14.216  1.00 20.67 ? 297 HOH A O     1 
HETATM 1457 O  O     . HOH F 6 .   ? -9.832  2.218   -11.871 1.00 18.33 ? 298 HOH A O     1 
HETATM 1458 O  O     . HOH F 6 .   ? 14.686  -0.295  13.607  1.00 31.69 ? 299 HOH A O     1 
HETATM 1459 O  O     . HOH F 6 .   ? 14.437  -9.166  -7.974  1.00 22.81 ? 300 HOH A O     1 
HETATM 1460 O  O     . HOH F 6 .   ? -20.141 -1.689  4.018   1.00 29.51 ? 301 HOH A O     1 
HETATM 1461 O  O     . HOH F 6 .   ? -9.000  8.171   -9.104  1.00 23.75 ? 302 HOH A O     1 
HETATM 1462 O  O     . HOH F 6 .   ? -15.044 -6.095  -16.587 1.00 31.05 ? 303 HOH A O     1 
HETATM 1463 O  O     . HOH F 6 .   ? -19.397 5.148   -0.689  1.00 35.08 ? 304 HOH A O     1 
HETATM 1464 O  O     . HOH F 6 .   ? -1.208  -14.566 -4.387  1.00 26.00 ? 305 HOH A O     1 
HETATM 1465 O  O     . HOH F 6 .   ? -9.968  -6.398  -3.961  1.00 23.31 ? 306 HOH A O     1 
HETATM 1466 O  O     . HOH F 6 .   ? 3.219   2.235   -0.714  1.00 18.01 ? 307 HOH A O     1 
HETATM 1467 O  O     . HOH F 6 .   ? -4.028  -11.753 -3.590  1.00 18.55 ? 308 HOH A O     1 
HETATM 1468 O  O     . HOH F 6 .   ? 13.359  -9.444  -15.039 1.00 29.46 ? 309 HOH A O     1 
HETATM 1469 O  O     . HOH F 6 .   ? 3.249   3.962   -22.184 1.00 23.11 ? 310 HOH A O     1 
HETATM 1470 O  O     . HOH F 6 .   ? -2.541  11.872  -10.079 1.00 21.74 ? 311 HOH A O     1 
HETATM 1471 O  O     . HOH F 6 .   ? -8.010  -9.932  13.599  1.00 21.22 ? 312 HOH A O     1 
HETATM 1472 O  O     . HOH F 6 .   ? 17.968  -4.743  -2.559  1.00 22.45 ? 313 HOH A O     1 
HETATM 1473 O  O     . HOH F 6 .   ? -14.402 -11.762 5.909   1.00 31.79 ? 314 HOH A O     1 
HETATM 1474 O  O     . HOH F 6 .   ? -16.789 0.833   -11.982 1.00 24.88 ? 315 HOH A O     1 
HETATM 1475 O  O     . HOH F 6 .   ? -14.610 -5.790  -11.905 1.00 26.35 ? 316 HOH A O     1 
HETATM 1476 O  O     . HOH F 6 .   ? 15.709  7.394   6.309   1.00 28.09 ? 317 HOH A O     1 
HETATM 1477 O  O     . HOH F 6 .   ? -19.222 1.156   1.198   1.00 28.71 ? 318 HOH A O     1 
HETATM 1478 O  O     . HOH F 6 .   ? -2.774  -11.901 10.242  1.00 20.21 ? 319 HOH A O     1 
HETATM 1479 O  O     . HOH F 6 .   ? -18.878 2.917   9.634   1.00 34.60 ? 320 HOH A O     1 
HETATM 1480 O  O     . HOH F 6 .   ? 18.890  -2.350  3.956   1.00 28.62 ? 321 HOH A O     1 
HETATM 1481 O  O     . HOH F 6 .   ? -3.356  4.372   -16.901 1.00 22.76 ? 322 HOH A O     1 
HETATM 1482 O  O     . HOH F 6 .   ? 13.313  0.517   -8.703  1.00 28.35 ? 323 HOH A O     1 
HETATM 1483 O  O     . HOH F 6 .   ? 4.563   12.530  14.496  1.00 29.16 ? 324 HOH A O     1 
HETATM 1484 O  O     . HOH F 6 .   ? -4.765  9.452   -10.904 1.00 25.96 ? 325 HOH A O     1 
HETATM 1485 O  O     . HOH F 6 .   ? -17.348 -3.912  -11.474 1.00 32.30 ? 326 HOH A O     1 
HETATM 1486 O  O     . HOH F 6 .   ? -3.843  -17.305 2.841   1.00 27.18 ? 327 HOH A O     1 
HETATM 1487 O  O     . HOH F 6 .   ? 12.486  -2.136  17.957  1.00 31.96 ? 328 HOH A O     1 
HETATM 1488 O  O     . HOH F 6 .   ? -8.967  4.585   -10.634 1.00 28.64 ? 329 HOH A O     1 
HETATM 1489 O  O     . HOH F 6 .   ? 15.615  3.556   11.185  1.00 11.27 ? 330 HOH A O     1 
HETATM 1490 O  O     . HOH F 6 .   ? -16.581 7.760   8.154   1.00 24.19 ? 331 HOH A O     1 
HETATM 1491 O  O     . HOH F 6 .   ? -18.786 -4.810  -4.622  1.00 20.49 ? 332 HOH A O     1 
HETATM 1492 O  O     . HOH F 6 .   ? 2.913   9.290   -9.029  1.00 28.87 ? 333 HOH A O     1 
HETATM 1493 O  O     . HOH F 6 .   ? -2.864  8.634   5.711   1.00 21.55 ? 334 HOH A O     1 
HETATM 1494 O  O     . HOH F 6 .   ? -8.562  -2.164  17.631  1.00 25.20 ? 335 HOH A O     1 
HETATM 1495 O  O     . HOH F 6 .   ? 18.375  -0.671  5.981   1.00 22.05 ? 336 HOH A O     1 
HETATM 1496 O  O     . HOH F 6 .   ? 17.718  -9.116  0.218   1.00 24.63 ? 337 HOH A O     1 
HETATM 1497 O  O     . HOH F 6 .   ? -2.506  -14.110 -16.650 1.00 18.13 ? 338 HOH A O     1 
HETATM 1498 O  O     . HOH F 6 .   ? -3.402  10.696  -0.865  1.00 33.02 ? 339 HOH A O     1 
HETATM 1499 O  O     . HOH F 6 .   ? 9.334   3.244   -13.260 1.00 25.72 ? 340 HOH A O     1 
HETATM 1500 O  O     . HOH F 6 .   ? -13.718 16.898  0.991   1.00 19.13 ? 341 HOH A O     1 
HETATM 1501 O  O     . HOH F 6 .   ? 14.711  -5.774  -10.907 1.00 27.89 ? 342 HOH A O     1 
HETATM 1502 O  O     . HOH F 6 .   ? -18.743 7.301   -6.557  1.00 28.15 ? 343 HOH A O     1 
HETATM 1503 O  O     . HOH F 6 .   ? 5.580   -2.039  -16.306 1.00 24.92 ? 344 HOH A O     1 
HETATM 1504 O  O     . HOH F 6 .   ? -19.978 -2.653  -5.070  1.00 24.88 ? 345 HOH A O     1 
HETATM 1505 O  O     . HOH F 6 .   ? 0.324   -11.854 15.258  1.00 22.10 ? 346 HOH A O     1 
HETATM 1506 O  O     . HOH F 6 .   ? -0.132  12.885  -11.085 1.00 29.71 ? 347 HOH A O     1 
HETATM 1507 O  O     . HOH F 6 .   ? 11.631  8.094   13.586  1.00 34.80 ? 348 HOH A O     1 
HETATM 1508 O  O     . HOH F 6 .   ? -17.051 -8.607  -4.173  1.00 26.18 ? 349 HOH A O     1 
HETATM 1509 O  O     . HOH F 6 .   ? 2.159   10.177  14.195  1.00 23.53 ? 350 HOH A O     1 
HETATM 1510 O  O     . HOH F 6 .   ? -4.708  0.764   22.121  1.00 25.40 ? 351 HOH A O     1 
HETATM 1511 O  O     . HOH F 6 .   ? -15.609 -10.799 -1.148  1.00 25.43 ? 352 HOH A O     1 
HETATM 1512 O  O     . HOH F 6 .   ? 19.079  2.566   12.093  1.00 28.88 ? 353 HOH A O     1 
HETATM 1513 O  O     . HOH F 6 .   ? -1.283  13.854  -8.184  1.00 29.54 ? 354 HOH A O     1 
HETATM 1514 O  O     . HOH F 6 .   ? 16.725  2.464   -5.221  1.00 32.80 ? 355 HOH A O     1 
HETATM 1515 O  O     . HOH F 6 .   ? 8.292   -12.659 -6.820  1.00 30.20 ? 356 HOH A O     1 
HETATM 1516 O  O     . HOH F 6 .   ? -1.609  -14.122 8.733   1.00 24.73 ? 357 HOH A O     1 
HETATM 1517 O  O     . HOH F 6 .   ? 18.690  -5.192  4.935   1.00 28.33 ? 358 HOH A O     1 
HETATM 1518 O  O     . HOH F 6 .   ? -16.657 -5.582  4.064   1.00 24.65 ? 359 HOH A O     1 
HETATM 1519 O  O     . HOH F 6 .   ? -7.474  -14.355 -15.192 1.00 34.90 ? 360 HOH A O     1 
HETATM 1520 O  O     . HOH F 6 .   ? -13.559 4.774   -10.018 1.00 30.16 ? 361 HOH A O     1 
HETATM 1521 O  O     . HOH F 6 .   ? -7.984  14.228  4.089   1.00 29.85 ? 362 HOH A O     1 
HETATM 1522 O  O     . HOH F 6 .   ? 20.226  2.427   9.724   1.00 28.80 ? 363 HOH A O     1 
HETATM 1523 O  O     . HOH F 6 .   ? -9.851  -11.067 -16.353 1.00 28.94 ? 364 HOH A O     1 
HETATM 1524 O  O     . HOH F 6 .   ? 0.609   8.323   4.494   1.00 22.64 ? 365 HOH A O     1 
HETATM 1525 O  O     . HOH F 6 .   ? -19.577 1.984   3.676   1.00 22.52 ? 366 HOH A O     1 
HETATM 1526 O  O     . HOH F 6 .   ? -17.893 -0.644  -10.379 1.00 25.42 ? 367 HOH A O     1 
HETATM 1527 O  O     . HOH F 6 .   ? 7.344   -3.696  -17.608 1.00 29.79 ? 368 HOH A O     1 
HETATM 1528 O  O     . HOH F 6 .   ? 9.490   -2.011  -16.865 1.00 31.84 ? 369 HOH A O     1 
HETATM 1529 O  O     . HOH F 6 .   ? -3.252  -15.877 7.159   1.00 34.59 ? 370 HOH A O     1 
HETATM 1530 O  O     . HOH F 6 .   ? -10.380 -8.660  -4.811  1.00 28.74 ? 371 HOH A O     1 
HETATM 1531 O  O     . HOH F 6 .   ? 18.500  -5.184  9.079   1.00 37.98 ? 372 HOH A O     1 
HETATM 1532 O  O     . HOH F 6 .   ? -17.038 8.210   5.475   1.00 26.91 ? 373 HOH A O     1 
HETATM 1533 O  O     . HOH F 6 .   ? 5.782   -7.269  15.191  1.00 29.80 ? 374 HOH A O     1 
HETATM 1534 O  O     . HOH F 6 .   ? 18.980  6.413   -0.194  1.00 32.20 ? 375 HOH A O     1 
HETATM 1535 O  O     . HOH F 6 .   ? 16.430  -1.033  -10.562 1.00 40.08 ? 376 HOH A O     1 
HETATM 1536 O  O     . HOH F 6 .   ? 6.063   -3.269  -19.943 1.00 37.30 ? 377 HOH A O     1 
HETATM 1537 O  O     . HOH F 6 .   ? -9.184  13.126  2.023   1.00 34.25 ? 378 HOH A O     1 
HETATM 1538 O  O     . HOH F 6 .   ? -21.185 14.393  3.060   1.00 28.43 ? 379 HOH A O     1 
HETATM 1539 O  O     . HOH F 6 .   ? -14.493 -8.587  -12.748 1.00 31.19 ? 380 HOH A O     1 
HETATM 1540 O  O     . HOH F 6 .   ? -0.595  -4.897  16.828  1.00 24.51 ? 381 HOH A O     1 
HETATM 1541 O  O     . HOH F 6 .   ? -14.476 -8.511  -6.009  1.00 26.96 ? 382 HOH A O     1 
HETATM 1542 O  O     . HOH F 6 .   ? 19.421  2.731   5.369   1.00 27.35 ? 383 HOH A O     1 
HETATM 1543 O  O     . HOH F 6 .   ? -9.574  11.735  -4.769  1.00 28.97 ? 384 HOH A O     1 
HETATM 1544 O  O     . HOH F 6 .   ? 7.362   14.535  14.385  1.00 36.49 ? 385 HOH A O     1 
HETATM 1545 O  O     . HOH F 6 .   ? 6.252   -14.073 -8.370  1.00 29.70 ? 386 HOH A O     1 
HETATM 1546 O  O     . HOH F 6 .   ? -13.810 -2.149  14.423  1.00 32.02 ? 387 HOH A O     1 
HETATM 1547 O  O     . HOH F 6 .   ? -13.851 -12.556 0.575   1.00 33.05 ? 388 HOH A O     1 
HETATM 1548 O  O     . HOH F 6 .   ? 5.801   -10.286 -10.873 1.00 30.02 ? 389 HOH A O     1 
HETATM 1549 O  O     . HOH F 6 .   ? -11.254 14.816  0.386   1.00 32.85 ? 390 HOH A O     1 
HETATM 1550 O  O     . HOH F 6 .   ? 19.491  4.706   -2.285  1.00 39.33 ? 391 HOH A O     1 
HETATM 1551 O  O     . HOH F 6 .   ? -16.974 -3.132  -14.997 1.00 30.49 ? 392 HOH A O     1 
HETATM 1552 O  O     . HOH F 6 .   ? -10.959 -15.783 4.031   1.00 37.60 ? 393 HOH A O     1 
HETATM 1553 O  O     . HOH F 6 .   ? -19.638 -6.034  5.640   1.00 36.20 ? 394 HOH A O     1 
HETATM 1554 O  O     . HOH F 6 .   ? -10.414 -14.843 1.394   1.00 35.51 ? 395 HOH A O     1 
HETATM 1555 O  O     . HOH F 6 .   ? -15.503 -4.987  15.029  1.00 35.77 ? 396 HOH A O     1 
HETATM 1556 O  O     . HOH F 6 .   ? -12.177 -9.899  15.800  1.00 36.97 ? 397 HOH A O     1 
HETATM 1557 O  O     . HOH F 6 .   ? -11.915 14.401  -2.097  1.00 41.17 ? 398 HOH A O     1 
HETATM 1558 O  O     . HOH F 6 .   ? 19.289  -0.792  8.352   1.00 32.06 ? 399 HOH A O     1 
HETATM 1559 O  O     . HOH F 6 .   ? -19.989 2.511   -5.668  0.50 10.20 ? 400 HOH A O     1 
HETATM 1560 O  O     . HOH F 6 .   ? -18.941 -1.262  1.793   1.00 31.44 ? 401 HOH A O     1 
HETATM 1561 O  O     . HOH F 6 .   ? -19.214 5.645   -4.602  1.00 28.82 ? 402 HOH A O     1 
HETATM 1562 O  O     . HOH F 6 .   ? 6.791   -12.577 0.585   1.00 25.73 ? 403 HOH A O     1 
HETATM 1563 O  O     . HOH F 6 .   ? -5.419  9.408   -1.572  1.00 29.02 ? 404 HOH A O     1 
HETATM 1564 O  O     . HOH F 6 .   ? -10.246 -9.139  -7.364  1.00 31.15 ? 405 HOH A O     1 
HETATM 1565 O  O     . HOH F 6 .   ? -13.405 2.338   -9.891  1.00 30.88 ? 406 HOH A O     1 
HETATM 1566 O  O     A HOH F 6 .   ? -18.770 1.420   -1.686  0.51 17.50 ? 407 HOH A O     1 
HETATM 1567 O  O     B HOH F 6 .   ? -18.964 3.005   -2.365  0.49 13.24 ? 407 HOH A O     1 
# 
loop_
_pdbx_poly_seq_scheme.asym_id 
_pdbx_poly_seq_scheme.entity_id 
_pdbx_poly_seq_scheme.seq_id 
_pdbx_poly_seq_scheme.mon_id 
_pdbx_poly_seq_scheme.ndb_seq_num 
_pdbx_poly_seq_scheme.pdb_seq_num 
_pdbx_poly_seq_scheme.auth_seq_num 
_pdbx_poly_seq_scheme.pdb_mon_id 
_pdbx_poly_seq_scheme.auth_mon_id 
_pdbx_poly_seq_scheme.pdb_strand_id 
_pdbx_poly_seq_scheme.pdb_ins_code 
_pdbx_poly_seq_scheme.hetero 
A 1 1   THR 1   1   1   THR THR A . n 
A 1 2   VAL 2   2   2   VAL VAL A . n 
A 1 3   ALA 3   3   3   ALA ALA A . n 
A 1 4   TYR 4   4   4   TYR TYR A . n 
A 1 5   ILE 5   5   5   ILE ILE A . n 
A 1 6   ALA 6   6   6   ALA ALA A . n 
A 1 7   ILE 7   7   7   ILE ILE A . n 
A 1 8   GLY 8   8   8   GLY GLY A . n 
A 1 9   SER 9   9   9   SER SER A . n 
A 1 10  ASN 10  10  10  ASN ASN A . n 
A 1 11  LEU 11  11  11  LEU LEU A . n 
A 1 12  ALA 12  12  12  ALA ALA A . n 
A 1 13  SER 13  13  13  SER SER A . n 
A 1 14  PRO 14  14  14  PRO PRO A . n 
A 1 15  LEU 15  15  15  LEU LEU A . n 
A 1 16  GLU 16  16  16  GLU GLU A . n 
A 1 17  GLN 17  17  17  GLN GLN A . n 
A 1 18  VAL 18  18  18  VAL VAL A . n 
A 1 19  ASN 19  19  19  ASN ASN A . n 
A 1 20  ALA 20  20  20  ALA ALA A . n 
A 1 21  ALA 21  21  21  ALA ALA A . n 
A 1 22  LEU 22  22  22  LEU LEU A . n 
A 1 23  LYS 23  23  23  LYS LYS A . n 
A 1 24  ALA 24  24  24  ALA ALA A . n 
A 1 25  LEU 25  25  25  LEU LEU A . n 
A 1 26  GLY 26  26  26  GLY GLY A . n 
A 1 27  ASP 27  27  27  ASP ASP A . n 
A 1 28  ILE 28  28  28  ILE ILE A . n 
A 1 29  PRO 29  29  29  PRO PRO A . n 
A 1 30  GLU 30  30  30  GLU GLU A . n 
A 1 31  SER 31  31  31  SER SER A . n 
A 1 32  HIS 32  32  32  HIS HIS A . n 
A 1 33  ILE 33  33  33  ILE ILE A . n 
A 1 34  LEU 34  34  34  LEU LEU A . n 
A 1 35  THR 35  35  35  THR THR A . n 
A 1 36  VAL 36  36  36  VAL VAL A . n 
A 1 37  SER 37  37  37  SER SER A . n 
A 1 38  SER 38  38  38  SER SER A . n 
A 1 39  PHE 39  39  39  PHE PHE A . n 
A 1 40  TYR 40  40  40  TYR TYR A . n 
A 1 41  ARG 41  41  41  ARG ARG A . n 
A 1 42  THR 42  42  42  THR THR A . n 
A 1 43  PRO 43  43  43  PRO PRO A . n 
A 1 44  PRO 44  44  44  PRO PRO A . n 
A 1 45  LEU 45  45  45  LEU LEU A . n 
A 1 46  GLY 46  46  46  GLY GLY A . n 
A 1 47  PRO 47  47  47  PRO PRO A . n 
A 1 48  GLN 48  48  48  GLN GLN A . n 
A 1 49  ASP 49  49  49  ASP ASP A . n 
A 1 50  GLN 50  50  50  GLN GLN A . n 
A 1 51  PRO 51  51  51  PRO PRO A . n 
A 1 52  ASP 52  52  52  ASP ASP A . n 
A 1 53  TYR 53  53  53  TYR TYR A . n 
A 1 54  LEU 54  54  54  LEU LEU A . n 
A 1 55  ASN 55  55  55  ASN ASN A . n 
A 1 56  ALA 56  56  56  ALA ALA A . n 
A 1 57  ALA 57  57  57  ALA ALA A . n 
A 1 58  VAL 58  58  58  VAL VAL A . n 
A 1 59  ALA 59  59  59  ALA ALA A . n 
A 1 60  LEU 60  60  60  LEU LEU A . n 
A 1 61  GLU 61  61  61  GLU GLU A . n 
A 1 62  THR 62  62  62  THR THR A . n 
A 1 63  SER 63  63  63  SER SER A . n 
A 1 64  LEU 64  64  64  LEU LEU A . n 
A 1 65  ALA 65  65  65  ALA ALA A . n 
A 1 66  PRO 66  66  66  PRO PRO A . n 
A 1 67  GLU 67  67  67  GLU GLU A . n 
A 1 68  GLU 68  68  68  GLU GLU A . n 
A 1 69  LEU 69  69  69  LEU LEU A . n 
A 1 70  LEU 70  70  70  LEU LEU A . n 
A 1 71  ASN 71  71  71  ASN ASN A . n 
A 1 72  HIS 72  72  72  HIS HIS A . n 
A 1 73  THR 73  73  73  THR THR A . n 
A 1 74  GLN 74  74  74  GLN GLN A . n 
A 1 75  ARG 75  75  75  ARG ARG A . n 
A 1 76  ILE 76  76  76  ILE ILE A . n 
A 1 77  GLU 77  77  77  GLU GLU A . n 
A 1 78  LEU 78  78  78  LEU LEU A . n 
A 1 79  GLN 79  79  79  GLN GLN A . n 
A 1 80  GLN 80  80  80  GLN GLN A . n 
A 1 81  GLY 81  81  81  GLY GLY A . n 
A 1 82  ARG 82  82  82  ARG ARG A . n 
A 1 83  VAL 83  83  83  VAL VAL A . n 
A 1 84  ARG 84  84  84  ARG ARG A . n 
A 1 85  LYS 85  85  85  LYS LYS A . n 
A 1 86  ALA 86  86  86  ALA ALA A . n 
A 1 87  GLU 87  87  87  GLU GLU A . n 
A 1 88  ARG 88  88  88  ARG ARG A . n 
A 1 89  TRP 89  89  89  TRP TRP A . n 
A 1 90  GLY 90  90  90  GLY GLY A . n 
A 1 91  PRO 91  91  91  PRO PRO A . n 
A 1 92  ARG 92  92  92  ARG ARG A . n 
A 1 93  THR 93  93  93  THR THR A . n 
A 1 94  LEU 94  94  94  LEU LEU A . n 
A 1 95  ALA 95  95  95  ALA ALA A . n 
A 1 96  LEU 96  96  96  LEU LEU A . n 
A 1 97  ASP 97  97  97  ASP ASP A . n 
A 1 98  ILE 98  98  98  ILE ILE A . n 
A 1 99  MET 99  99  99  MET MET A . n 
A 1 100 LEU 100 100 100 LEU LEU A . n 
A 1 101 PHE 101 101 101 PHE PHE A . n 
A 1 102 GLY 102 102 102 GLY GLY A . n 
A 1 103 ASN 103 103 103 ASN ASN A . n 
A 1 104 GLU 104 104 104 GLU GLU A . n 
A 1 105 VAL 105 105 105 VAL VAL A . n 
A 1 106 ILE 106 106 106 ILE ILE A . n 
A 1 107 ASN 107 107 107 ASN ASN A . n 
A 1 108 THR 108 108 108 THR THR A . n 
A 1 109 GLU 109 109 109 GLU GLU A . n 
A 1 110 ARG 110 110 110 ARG ARG A . n 
A 1 111 LEU 111 111 111 LEU LEU A . n 
A 1 112 THR 112 112 112 THR THR A . n 
A 1 113 VAL 113 113 113 VAL VAL A . n 
A 1 114 PRO 114 114 114 PRO PRO A . n 
A 1 115 HIS 115 115 115 HIS HIS A . n 
A 1 116 TYR 116 116 116 TYR TYR A . n 
A 1 117 ASP 117 117 117 ASP ASP A . n 
A 1 118 MET 118 118 118 MET MET A . n 
A 1 119 LYS 119 119 119 LYS LYS A . n 
A 1 120 ASN 120 120 120 ASN ASN A . n 
A 1 121 ARG 121 121 121 ARG ARG A . n 
A 1 122 GLY 122 122 122 GLY GLY A . n 
A 1 123 PHE 123 123 123 PHE PHE A . n 
A 1 124 MET 124 124 124 MET MET A . n 
A 1 125 LEU 125 125 125 LEU LEU A . n 
A 1 126 TRP 126 126 126 TRP TRP A . n 
A 1 127 PRO 127 127 127 PRO PRO A . n 
A 1 128 LEU 128 128 128 LEU LEU A . n 
A 1 129 PHE 129 129 129 PHE PHE A . n 
A 1 130 GLU 130 130 130 GLU GLU A . n 
A 1 131 ILE 131 131 131 ILE ILE A . n 
A 1 132 ALA 132 132 132 ALA ALA A . n 
A 1 133 PRO 133 133 133 PRO PRO A . n 
A 1 134 GLU 134 134 134 GLU GLU A . n 
A 1 135 LEU 135 135 135 LEU LEU A . n 
A 1 136 VAL 136 136 136 VAL VAL A . n 
A 1 137 PHE 137 137 137 PHE PHE A . n 
A 1 138 PRO 138 138 138 PRO PRO A . n 
A 1 139 ASP 139 139 139 ASP ASP A . n 
A 1 140 GLY 140 140 140 GLY GLY A . n 
A 1 141 GLU 141 141 141 GLU GLU A . n 
A 1 142 MET 142 142 142 MET MET A . n 
A 1 143 LEU 143 143 143 LEU LEU A . n 
A 1 144 ARG 144 144 144 ARG ARG A . n 
A 1 145 GLN 145 145 145 GLN GLN A . n 
A 1 146 ILE 146 146 146 ILE ILE A . n 
A 1 147 LEU 147 147 147 LEU LEU A . n 
A 1 148 HIS 148 148 148 HIS HIS A . n 
A 1 149 THR 149 149 149 THR THR A . n 
A 1 150 ARG 150 150 150 ARG ARG A . n 
A 1 151 ALA 151 151 151 ALA ALA A . n 
A 1 152 PHE 152 152 152 PHE PHE A . n 
A 1 153 ASP 153 153 153 ASP ASP A . n 
A 1 154 LYS 154 154 154 LYS LYS A . n 
A 1 155 LEU 155 155 155 LEU LEU A . n 
A 1 156 ASN 156 156 156 ASN ASN A . n 
A 1 157 LYS 157 157 157 LYS LYS A . n 
A 1 158 TRP 158 158 158 TRP TRP A . n 
# 
loop_
_pdbx_nonpoly_scheme.asym_id 
_pdbx_nonpoly_scheme.entity_id 
_pdbx_nonpoly_scheme.mon_id 
_pdbx_nonpoly_scheme.ndb_seq_num 
_pdbx_nonpoly_scheme.pdb_seq_num 
_pdbx_nonpoly_scheme.auth_seq_num 
_pdbx_nonpoly_scheme.pdb_mon_id 
_pdbx_nonpoly_scheme.auth_mon_id 
_pdbx_nonpoly_scheme.pdb_strand_id 
_pdbx_nonpoly_scheme.pdb_ins_code 
B 2 MG  1   161 161 MG  MG  A . 
C 3 APC 1   171 171 APC APC A . 
D 4 CL  1   191 191 CL  CL  A . 
E 5 ACT 1   192 192 ACT ACT A . 
F 6 HOH 1   201 201 HOH HOH A . 
F 6 HOH 2   202 202 HOH HOH A . 
F 6 HOH 3   203 203 HOH HOH A . 
F 6 HOH 4   204 204 HOH HOH A . 
F 6 HOH 5   205 205 HOH HOH A . 
F 6 HOH 6   206 206 HOH HOH A . 
F 6 HOH 7   207 207 HOH HOH A . 
F 6 HOH 8   208 208 HOH HOH A . 
F 6 HOH 9   209 209 HOH HOH A . 
F 6 HOH 10  210 210 HOH HOH A . 
F 6 HOH 11  211 211 HOH HOH A . 
F 6 HOH 12  212 212 HOH HOH A . 
F 6 HOH 13  213 213 HOH HOH A . 
F 6 HOH 14  214 214 HOH HOH A . 
F 6 HOH 15  215 215 HOH HOH A . 
F 6 HOH 16  216 216 HOH HOH A . 
F 6 HOH 17  217 217 HOH HOH A . 
F 6 HOH 18  218 218 HOH HOH A . 
F 6 HOH 19  219 219 HOH HOH A . 
F 6 HOH 20  220 220 HOH HOH A . 
F 6 HOH 21  221 221 HOH HOH A . 
F 6 HOH 22  222 222 HOH HOH A . 
F 6 HOH 23  223 223 HOH HOH A . 
F 6 HOH 24  224 224 HOH HOH A . 
F 6 HOH 25  225 225 HOH HOH A . 
F 6 HOH 26  226 226 HOH HOH A . 
F 6 HOH 27  227 227 HOH HOH A . 
F 6 HOH 28  228 228 HOH HOH A . 
F 6 HOH 29  229 229 HOH HOH A . 
F 6 HOH 30  230 230 HOH HOH A . 
F 6 HOH 31  231 231 HOH HOH A . 
F 6 HOH 32  232 232 HOH HOH A . 
F 6 HOH 33  233 233 HOH HOH A . 
F 6 HOH 34  234 234 HOH HOH A . 
F 6 HOH 35  235 235 HOH HOH A . 
F 6 HOH 36  236 236 HOH HOH A . 
F 6 HOH 37  237 237 HOH HOH A . 
F 6 HOH 38  238 238 HOH HOH A . 
F 6 HOH 39  239 239 HOH HOH A . 
F 6 HOH 40  240 240 HOH HOH A . 
F 6 HOH 41  241 241 HOH HOH A . 
F 6 HOH 42  242 242 HOH HOH A . 
F 6 HOH 43  243 243 HOH HOH A . 
F 6 HOH 44  244 244 HOH HOH A . 
F 6 HOH 45  245 245 HOH HOH A . 
F 6 HOH 46  246 246 HOH HOH A . 
F 6 HOH 47  247 247 HOH HOH A . 
F 6 HOH 48  248 248 HOH HOH A . 
F 6 HOH 49  249 249 HOH HOH A . 
F 6 HOH 50  250 250 HOH HOH A . 
F 6 HOH 51  251 251 HOH HOH A . 
F 6 HOH 52  252 252 HOH HOH A . 
F 6 HOH 53  253 253 HOH HOH A . 
F 6 HOH 54  254 254 HOH HOH A . 
F 6 HOH 55  255 255 HOH HOH A . 
F 6 HOH 56  256 256 HOH HOH A . 
F 6 HOH 57  257 257 HOH HOH A . 
F 6 HOH 58  258 258 HOH HOH A . 
F 6 HOH 59  259 259 HOH HOH A . 
F 6 HOH 60  260 260 HOH HOH A . 
F 6 HOH 61  261 261 HOH HOH A . 
F 6 HOH 62  262 262 HOH HOH A . 
F 6 HOH 63  263 263 HOH HOH A . 
F 6 HOH 64  264 264 HOH HOH A . 
F 6 HOH 65  265 265 HOH HOH A . 
F 6 HOH 66  266 266 HOH HOH A . 
F 6 HOH 67  267 267 HOH HOH A . 
F 6 HOH 68  268 268 HOH HOH A . 
F 6 HOH 69  269 269 HOH HOH A . 
F 6 HOH 70  270 270 HOH HOH A . 
F 6 HOH 71  271 271 HOH HOH A . 
F 6 HOH 72  272 272 HOH HOH A . 
F 6 HOH 73  273 273 HOH HOH A . 
F 6 HOH 74  274 274 HOH HOH A . 
F 6 HOH 75  275 275 HOH HOH A . 
F 6 HOH 76  276 276 HOH HOH A . 
F 6 HOH 77  277 277 HOH HOH A . 
F 6 HOH 78  278 278 HOH HOH A . 
F 6 HOH 79  279 279 HOH HOH A . 
F 6 HOH 80  280 280 HOH HOH A . 
F 6 HOH 81  281 281 HOH HOH A . 
F 6 HOH 82  282 282 HOH HOH A . 
F 6 HOH 83  283 283 HOH HOH A . 
F 6 HOH 84  284 284 HOH HOH A . 
F 6 HOH 85  285 285 HOH HOH A . 
F 6 HOH 86  286 286 HOH HOH A . 
F 6 HOH 87  287 287 HOH HOH A . 
F 6 HOH 88  288 288 HOH HOH A . 
F 6 HOH 89  289 289 HOH HOH A . 
F 6 HOH 90  290 290 HOH HOH A . 
F 6 HOH 91  291 291 HOH HOH A . 
F 6 HOH 92  292 292 HOH HOH A . 
F 6 HOH 93  293 293 HOH HOH A . 
F 6 HOH 94  294 294 HOH HOH A . 
F 6 HOH 95  295 295 HOH HOH A . 
F 6 HOH 96  296 296 HOH HOH A . 
F 6 HOH 97  297 297 HOH HOH A . 
F 6 HOH 98  298 298 HOH HOH A . 
F 6 HOH 99  299 299 HOH HOH A . 
F 6 HOH 100 300 300 HOH HOH A . 
F 6 HOH 101 301 301 HOH HOH A . 
F 6 HOH 102 302 302 HOH HOH A . 
F 6 HOH 103 303 303 HOH HOH A . 
F 6 HOH 104 304 304 HOH HOH A . 
F 6 HOH 105 305 305 HOH HOH A . 
F 6 HOH 106 306 306 HOH HOH A . 
F 6 HOH 107 307 307 HOH HOH A . 
F 6 HOH 108 308 308 HOH HOH A . 
F 6 HOH 109 309 309 HOH HOH A . 
F 6 HOH 110 310 310 HOH HOH A . 
F 6 HOH 111 311 311 HOH HOH A . 
F 6 HOH 112 312 312 HOH HOH A . 
F 6 HOH 113 313 313 HOH HOH A . 
F 6 HOH 114 314 314 HOH HOH A . 
F 6 HOH 115 315 315 HOH HOH A . 
F 6 HOH 116 316 316 HOH HOH A . 
F 6 HOH 117 317 317 HOH HOH A . 
F 6 HOH 118 318 318 HOH HOH A . 
F 6 HOH 119 319 319 HOH HOH A . 
F 6 HOH 120 320 320 HOH HOH A . 
F 6 HOH 121 321 321 HOH HOH A . 
F 6 HOH 122 322 322 HOH HOH A . 
F 6 HOH 123 323 323 HOH HOH A . 
F 6 HOH 124 324 324 HOH HOH A . 
F 6 HOH 125 325 325 HOH HOH A . 
F 6 HOH 126 326 326 HOH HOH A . 
F 6 HOH 127 327 327 HOH HOH A . 
F 6 HOH 128 328 328 HOH HOH A . 
F 6 HOH 129 329 329 HOH HOH A . 
F 6 HOH 130 330 330 HOH HOH A . 
F 6 HOH 131 331 331 HOH HOH A . 
F 6 HOH 132 332 332 HOH HOH A . 
F 6 HOH 133 333 333 HOH HOH A . 
F 6 HOH 134 334 334 HOH HOH A . 
F 6 HOH 135 335 335 HOH HOH A . 
F 6 HOH 136 336 336 HOH HOH A . 
F 6 HOH 137 337 337 HOH HOH A . 
F 6 HOH 138 338 338 HOH HOH A . 
F 6 HOH 139 339 339 HOH HOH A . 
F 6 HOH 140 340 340 HOH HOH A . 
F 6 HOH 141 341 341 HOH HOH A . 
F 6 HOH 142 342 342 HOH HOH A . 
F 6 HOH 143 343 343 HOH HOH A . 
F 6 HOH 144 344 344 HOH HOH A . 
F 6 HOH 145 345 345 HOH HOH A . 
F 6 HOH 146 346 346 HOH HOH A . 
F 6 HOH 147 347 347 HOH HOH A . 
F 6 HOH 148 348 348 HOH HOH A . 
F 6 HOH 149 349 349 HOH HOH A . 
F 6 HOH 150 350 350 HOH HOH A . 
F 6 HOH 151 351 351 HOH HOH A . 
F 6 HOH 152 352 352 HOH HOH A . 
F 6 HOH 153 353 353 HOH HOH A . 
F 6 HOH 154 354 354 HOH HOH A . 
F 6 HOH 155 355 355 HOH HOH A . 
F 6 HOH 156 356 356 HOH HOH A . 
F 6 HOH 157 357 357 HOH HOH A . 
F 6 HOH 158 358 358 HOH HOH A . 
F 6 HOH 159 359 359 HOH HOH A . 
F 6 HOH 160 360 360 HOH HOH A . 
F 6 HOH 161 361 361 HOH HOH A . 
F 6 HOH 162 362 362 HOH HOH A . 
F 6 HOH 163 363 363 HOH HOH A . 
F 6 HOH 164 364 364 HOH HOH A . 
F 6 HOH 165 365 365 HOH HOH A . 
F 6 HOH 166 366 366 HOH HOH A . 
F 6 HOH 167 367 367 HOH HOH A . 
F 6 HOH 168 368 368 HOH HOH A . 
F 6 HOH 169 369 369 HOH HOH A . 
F 6 HOH 170 370 370 HOH HOH A . 
F 6 HOH 171 371 371 HOH HOH A . 
F 6 HOH 172 372 372 HOH HOH A . 
F 6 HOH 173 373 373 HOH HOH A . 
F 6 HOH 174 374 374 HOH HOH A . 
F 6 HOH 175 375 375 HOH HOH A . 
F 6 HOH 176 376 376 HOH HOH A . 
F 6 HOH 177 377 377 HOH HOH A . 
F 6 HOH 178 378 378 HOH HOH A . 
F 6 HOH 179 379 379 HOH HOH A . 
F 6 HOH 180 380 380 HOH HOH A . 
F 6 HOH 181 381 381 HOH HOH A . 
F 6 HOH 182 382 382 HOH HOH A . 
F 6 HOH 183 383 383 HOH HOH A . 
F 6 HOH 184 384 384 HOH HOH A . 
F 6 HOH 185 385 385 HOH HOH A . 
F 6 HOH 186 386 386 HOH HOH A . 
F 6 HOH 187 387 387 HOH HOH A . 
F 6 HOH 188 388 388 HOH HOH A . 
F 6 HOH 189 389 389 HOH HOH A . 
F 6 HOH 190 390 390 HOH HOH A . 
F 6 HOH 191 391 391 HOH HOH A . 
F 6 HOH 192 392 392 HOH HOH A . 
F 6 HOH 193 393 393 HOH HOH A . 
F 6 HOH 194 394 394 HOH HOH A . 
F 6 HOH 195 395 395 HOH HOH A . 
F 6 HOH 196 396 396 HOH HOH A . 
F 6 HOH 197 397 397 HOH HOH A . 
F 6 HOH 198 398 398 HOH HOH A . 
F 6 HOH 199 399 399 HOH HOH A . 
F 6 HOH 200 400 400 HOH HOH A . 
F 6 HOH 201 401 401 HOH HOH A . 
F 6 HOH 202 402 402 HOH HOH A . 
F 6 HOH 203 403 403 HOH HOH A . 
F 6 HOH 204 404 404 HOH HOH A . 
F 6 HOH 205 405 405 HOH HOH A . 
F 6 HOH 206 406 406 HOH HOH A . 
F 6 HOH 207 407 407 HOH HOH A . 
# 
_pdbx_struct_assembly.id                   1 
_pdbx_struct_assembly.details              author_and_software_defined_assembly 
_pdbx_struct_assembly.method_details       PISA 
_pdbx_struct_assembly.oligomeric_details   monomeric 
_pdbx_struct_assembly.oligomeric_count     1 
# 
_pdbx_struct_assembly_gen.assembly_id       1 
_pdbx_struct_assembly_gen.oper_expression   1 
_pdbx_struct_assembly_gen.asym_id_list      A,B,C,D,E,F 
# 
_pdbx_struct_oper_list.id                   1 
_pdbx_struct_oper_list.type                 'identity operation' 
_pdbx_struct_oper_list.name                 1_555 
_pdbx_struct_oper_list.symmetry_operation   x,y,z 
_pdbx_struct_oper_list.matrix[1][1]         1.0000000000 
_pdbx_struct_oper_list.matrix[1][2]         0.0000000000 
_pdbx_struct_oper_list.matrix[1][3]         0.0000000000 
_pdbx_struct_oper_list.vector[1]            0.0000000000 
_pdbx_struct_oper_list.matrix[2][1]         0.0000000000 
_pdbx_struct_oper_list.matrix[2][2]         1.0000000000 
_pdbx_struct_oper_list.matrix[2][3]         0.0000000000 
_pdbx_struct_oper_list.vector[2]            0.0000000000 
_pdbx_struct_oper_list.matrix[3][1]         0.0000000000 
_pdbx_struct_oper_list.matrix[3][2]         0.0000000000 
_pdbx_struct_oper_list.matrix[3][3]         1.0000000000 
_pdbx_struct_oper_list.vector[3]            0.0000000000 
# 
_pdbx_struct_special_symmetry.id              1 
_pdbx_struct_special_symmetry.PDB_model_num   1 
_pdbx_struct_special_symmetry.auth_asym_id    A 
_pdbx_struct_special_symmetry.auth_comp_id    HOH 
_pdbx_struct_special_symmetry.auth_seq_id     400 
_pdbx_struct_special_symmetry.PDB_ins_code    ? 
_pdbx_struct_special_symmetry.label_asym_id   F 
_pdbx_struct_special_symmetry.label_comp_id   HOH 
_pdbx_struct_special_symmetry.label_seq_id    . 
# 
loop_
_pdbx_struct_conn_angle.id 
_pdbx_struct_conn_angle.ptnr1_label_atom_id 
_pdbx_struct_conn_angle.ptnr1_label_alt_id 
_pdbx_struct_conn_angle.ptnr1_label_asym_id 
_pdbx_struct_conn_angle.ptnr1_label_comp_id 
_pdbx_struct_conn_angle.ptnr1_label_seq_id 
_pdbx_struct_conn_angle.ptnr1_auth_atom_id 
_pdbx_struct_conn_angle.ptnr1_auth_asym_id 
_pdbx_struct_conn_angle.ptnr1_auth_comp_id 
_pdbx_struct_conn_angle.ptnr1_auth_seq_id 
_pdbx_struct_conn_angle.ptnr1_PDB_ins_code 
_pdbx_struct_conn_angle.ptnr1_symmetry 
_pdbx_struct_conn_angle.ptnr2_label_atom_id 
_pdbx_struct_conn_angle.ptnr2_label_alt_id 
_pdbx_struct_conn_angle.ptnr2_label_asym_id 
_pdbx_struct_conn_angle.ptnr2_label_comp_id 
_pdbx_struct_conn_angle.ptnr2_label_seq_id 
_pdbx_struct_conn_angle.ptnr2_auth_atom_id 
_pdbx_struct_conn_angle.ptnr2_auth_asym_id 
_pdbx_struct_conn_angle.ptnr2_auth_comp_id 
_pdbx_struct_conn_angle.ptnr2_auth_seq_id 
_pdbx_struct_conn_angle.ptnr2_PDB_ins_code 
_pdbx_struct_conn_angle.ptnr2_symmetry 
_pdbx_struct_conn_angle.ptnr3_label_atom_id 
_pdbx_struct_conn_angle.ptnr3_label_alt_id 
_pdbx_struct_conn_angle.ptnr3_label_asym_id 
_pdbx_struct_conn_angle.ptnr3_label_comp_id 
_pdbx_struct_conn_angle.ptnr3_label_seq_id 
_pdbx_struct_conn_angle.ptnr3_auth_atom_id 
_pdbx_struct_conn_angle.ptnr3_auth_asym_id 
_pdbx_struct_conn_angle.ptnr3_auth_comp_id 
_pdbx_struct_conn_angle.ptnr3_auth_seq_id 
_pdbx_struct_conn_angle.ptnr3_PDB_ins_code 
_pdbx_struct_conn_angle.ptnr3_symmetry 
_pdbx_struct_conn_angle.value 
_pdbx_struct_conn_angle.value_esd 
1  OD1 ? A ASP 97 ? A ASP 97  ? 1_555 MG ? B MG . ? A MG 161 ? 1_555 O1G B C APC . ? A APC 171 ? 1_555 96.3  ? 
2  OD1 ? A ASP 97 ? A ASP 97  ? 1_555 MG ? B MG . ? A MG 161 ? 1_555 O1B B C APC . ? A APC 171 ? 1_555 168.0 ? 
3  O1G B C APC .  ? A APC 171 ? 1_555 MG ? B MG . ? A MG 161 ? 1_555 O1B B C APC . ? A APC 171 ? 1_555 95.0  ? 
4  OD1 ? A ASP 97 ? A ASP 97  ? 1_555 MG ? B MG . ? A MG 161 ? 1_555 O   ? F HOH . ? A HOH 201 ? 1_555 85.4  ? 
5  O1G B C APC .  ? A APC 171 ? 1_555 MG ? B MG . ? A MG 161 ? 1_555 O   ? F HOH . ? A HOH 201 ? 1_555 80.1  ? 
6  O1B B C APC .  ? A APC 171 ? 1_555 MG ? B MG . ? A MG 161 ? 1_555 O   ? F HOH . ? A HOH 201 ? 1_555 92.4  ? 
7  OD1 ? A ASP 97 ? A ASP 97  ? 1_555 MG ? B MG . ? A MG 161 ? 1_555 O   ? F HOH . ? A HOH 202 ? 1_555 77.1  ? 
8  O1G B C APC .  ? A APC 171 ? 1_555 MG ? B MG . ? A MG 161 ? 1_555 O   ? F HOH . ? A HOH 202 ? 1_555 173.1 ? 
9  O1B B C APC .  ? A APC 171 ? 1_555 MG ? B MG . ? A MG 161 ? 1_555 O   ? F HOH . ? A HOH 202 ? 1_555 91.5  ? 
10 O   ? F HOH .  ? A HOH 201 ? 1_555 MG ? B MG . ? A MG 161 ? 1_555 O   ? F HOH . ? A HOH 202 ? 1_555 97.4  ? 
11 OD1 ? A ASP 97 ? A ASP 97  ? 1_555 MG ? B MG . ? A MG 161 ? 1_555 O   ? F HOH . ? A HOH 203 ? 1_555 90.0  ? 
12 O1G B C APC .  ? A APC 171 ? 1_555 MG ? B MG . ? A MG 161 ? 1_555 O   ? F HOH . ? A HOH 203 ? 1_555 94.6  ? 
13 O1B B C APC .  ? A APC 171 ? 1_555 MG ? B MG . ? A MG 161 ? 1_555 O   ? F HOH . ? A HOH 203 ? 1_555 93.2  ? 
14 O   ? F HOH .  ? A HOH 201 ? 1_555 MG ? B MG . ? A MG 161 ? 1_555 O   ? F HOH . ? A HOH 203 ? 1_555 172.6 ? 
15 O   ? F HOH .  ? A HOH 202 ? 1_555 MG ? B MG . ? A MG 161 ? 1_555 O   ? F HOH . ? A HOH 203 ? 1_555 87.2  ? 
# 
loop_
_pdbx_audit_revision_history.ordinal 
_pdbx_audit_revision_history.data_content_type 
_pdbx_audit_revision_history.major_revision 
_pdbx_audit_revision_history.minor_revision 
_pdbx_audit_revision_history.revision_date 
1 'Structure model' 1 0 2010-08-11 
2 'Structure model' 1 1 2011-07-13 
3 'Structure model' 1 2 2017-11-01 
4 'Structure model' 1 3 2021-10-13 
5 'Structure model' 1 4 2023-08-30 
6 'Structure model' 1 5 2023-09-06 
# 
_pdbx_audit_revision_details.ordinal             1 
_pdbx_audit_revision_details.revision_ordinal    1 
_pdbx_audit_revision_details.data_content_type   'Structure model' 
_pdbx_audit_revision_details.provider            repository 
_pdbx_audit_revision_details.type                'Initial release' 
_pdbx_audit_revision_details.description         ? 
_pdbx_audit_revision_details.details             ? 
# 
loop_
_pdbx_audit_revision_group.ordinal 
_pdbx_audit_revision_group.revision_ordinal 
_pdbx_audit_revision_group.data_content_type 
_pdbx_audit_revision_group.group 
1 2 'Structure model' 'Version format compliance' 
2 3 'Structure model' 'Refinement description'    
3 4 'Structure model' 'Database references'       
4 4 'Structure model' 'Derived calculations'      
5 5 'Structure model' 'Data collection'           
6 5 'Structure model' 'Database references'       
7 5 'Structure model' 'Structure summary'         
8 6 'Structure model' 'Refinement description'    
# 
loop_
_pdbx_audit_revision_category.ordinal 
_pdbx_audit_revision_category.revision_ordinal 
_pdbx_audit_revision_category.data_content_type 
_pdbx_audit_revision_category.category 
1  3 'Structure model' software                      
2  4 'Structure model' database_2                    
3  4 'Structure model' pdbx_struct_conn_angle        
4  4 'Structure model' struct_conn                   
5  4 'Structure model' struct_ref_seq_dif            
6  4 'Structure model' struct_site                   
7  5 'Structure model' audit_author                  
8  5 'Structure model' chem_comp_atom                
9  5 'Structure model' chem_comp_bond                
10 5 'Structure model' citation_author               
11 6 'Structure model' pdbx_initial_refinement_model 
# 
loop_
_pdbx_audit_revision_item.ordinal 
_pdbx_audit_revision_item.revision_ordinal 
_pdbx_audit_revision_item.data_content_type 
_pdbx_audit_revision_item.item 
1  4 'Structure model' '_database_2.pdbx_DOI'                        
2  4 'Structure model' '_database_2.pdbx_database_accession'         
3  4 'Structure model' '_pdbx_struct_conn_angle.ptnr1_auth_comp_id'  
4  4 'Structure model' '_pdbx_struct_conn_angle.ptnr1_auth_seq_id'   
5  4 'Structure model' '_pdbx_struct_conn_angle.ptnr1_label_alt_id'  
6  4 'Structure model' '_pdbx_struct_conn_angle.ptnr1_label_asym_id' 
7  4 'Structure model' '_pdbx_struct_conn_angle.ptnr1_label_atom_id' 
8  4 'Structure model' '_pdbx_struct_conn_angle.ptnr1_label_comp_id' 
9  4 'Structure model' '_pdbx_struct_conn_angle.ptnr3_auth_comp_id'  
10 4 'Structure model' '_pdbx_struct_conn_angle.ptnr3_auth_seq_id'   
11 4 'Structure model' '_pdbx_struct_conn_angle.ptnr3_label_alt_id'  
12 4 'Structure model' '_pdbx_struct_conn_angle.ptnr3_label_asym_id' 
13 4 'Structure model' '_pdbx_struct_conn_angle.ptnr3_label_atom_id' 
14 4 'Structure model' '_pdbx_struct_conn_angle.ptnr3_label_comp_id' 
15 4 'Structure model' '_pdbx_struct_conn_angle.value'               
16 4 'Structure model' '_struct_conn.pdbx_dist_value'                
17 4 'Structure model' '_struct_conn.pdbx_ptnr2_label_alt_id'        
18 4 'Structure model' '_struct_conn.ptnr2_auth_comp_id'             
19 4 'Structure model' '_struct_conn.ptnr2_auth_seq_id'              
20 4 'Structure model' '_struct_conn.ptnr2_label_asym_id'            
21 4 'Structure model' '_struct_conn.ptnr2_label_atom_id'            
22 4 'Structure model' '_struct_conn.ptnr2_label_comp_id'            
23 4 'Structure model' '_struct_ref_seq_dif.details'                 
24 4 'Structure model' '_struct_site.pdbx_auth_asym_id'              
25 4 'Structure model' '_struct_site.pdbx_auth_comp_id'              
26 4 'Structure model' '_struct_site.pdbx_auth_seq_id'               
27 5 'Structure model' '_audit_author.identifier_ORCID'              
28 5 'Structure model' '_citation_author.identifier_ORCID'           
# 
_phasing.method   MR 
# 
loop_
_software.pdbx_ordinal 
_software.name 
_software.version 
_software.date 
_software.type 
_software.contact_author 
_software.contact_author_email 
_software.classification 
_software.location 
_software.language 
_software.citation_id 
1 DENZO       .       ?               package 'Zbyszek Otwinowski' hkl@hkl-xray.com      'data reduction'  
http://www.hkl-xray.com/                  ?          ? 
2 SCALEPACK   .       ?               package 'Zbyszek Otwinowski' hkl@hkl-xray.com      'data scaling'    
http://www.hkl-xray.com/                  ?          ? 
3 AMoRE       .       ?               program 'Jorge Navaza'       ccp4@ccp4.ac.uk       phasing           http://www.ccp4.ac.uk/ 
Fortran_77 ? 
4 PHENIX      .       ?               package 'Paul D. Adams'      PDAdams@lbl.gov       refinement        
http://www.phenix-online.org/             C++        ? 
5 PDB_EXTRACT 3.005   'June 11, 2008' package PDB                  help@deposit.rcsb.org 'data extraction' 
http://sw-tools.pdb.org/apps/PDB_EXTRACT/ C++        ? 
6 ADSC        Quantum ?               ?       ?                    ?                     'data collection' ? ?          ? 
# 
loop_
_pdbx_validate_torsion.id 
_pdbx_validate_torsion.PDB_model_num 
_pdbx_validate_torsion.auth_comp_id 
_pdbx_validate_torsion.auth_asym_id 
_pdbx_validate_torsion.auth_seq_id 
_pdbx_validate_torsion.PDB_ins_code 
_pdbx_validate_torsion.label_alt_id 
_pdbx_validate_torsion.phi 
_pdbx_validate_torsion.psi 
1 1 ASP A 49  ? ? -57.16  -9.68   
2 1 ALA A 86  ? ? -72.19  -83.45  
3 1 GLU A 87  ? ? -140.96 -155.95 
4 1 TRP A 89  ? ? -43.09  -74.84  
5 1 ALA A 132 ? ? -149.48 58.54   
# 
loop_
_chem_comp_atom.comp_id 
_chem_comp_atom.atom_id 
_chem_comp_atom.type_symbol 
_chem_comp_atom.pdbx_aromatic_flag 
_chem_comp_atom.pdbx_stereo_config 
_chem_comp_atom.pdbx_ordinal 
ACT C      C  N N 1   
ACT O      O  N N 2   
ACT OXT    O  N N 3   
ACT CH3    C  N N 4   
ACT H1     H  N N 5   
ACT H2     H  N N 6   
ACT H3     H  N N 7   
ALA N      N  N N 8   
ALA CA     C  N S 9   
ALA C      C  N N 10  
ALA O      O  N N 11  
ALA CB     C  N N 12  
ALA OXT    O  N N 13  
ALA H      H  N N 14  
ALA H2     H  N N 15  
ALA HA     H  N N 16  
ALA HB1    H  N N 17  
ALA HB2    H  N N 18  
ALA HB3    H  N N 19  
ALA HXT    H  N N 20  
APC PG     P  N N 21  
APC O1G    O  N N 22  
APC O2G    O  N N 23  
APC O3G    O  N N 24  
APC PB     P  N S 25  
APC O1B    O  N N 26  
APC O2B    O  N N 27  
APC O3B    O  N N 28  
APC PA     P  N R 29  
APC O1A    O  N N 30  
APC O2A    O  N N 31  
APC C3A    C  N N 32  
APC "O5'"  O  N N 33  
APC "C5'"  C  N N 34  
APC "C4'"  C  N R 35  
APC "O4'"  O  N N 36  
APC "C3'"  C  N S 37  
APC "O3'"  O  N N 38  
APC "C2'"  C  N R 39  
APC "O2'"  O  N N 40  
APC "C1'"  C  N R 41  
APC N9     N  Y N 42  
APC C8     C  Y N 43  
APC N7     N  Y N 44  
APC C5     C  Y N 45  
APC C6     C  Y N 46  
APC N6     N  N N 47  
APC N1     N  Y N 48  
APC C2     C  Y N 49  
APC N3     N  Y N 50  
APC C4     C  Y N 51  
APC HOG2   H  N N 52  
APC HOG3   H  N N 53  
APC HOB2   H  N N 54  
APC HOA2   H  N N 55  
APC H3A1   H  N N 56  
APC H3A2   H  N N 57  
APC "H5'1" H  N N 58  
APC "H5'2" H  N N 59  
APC "H4'"  H  N N 60  
APC "H3'"  H  N N 61  
APC "HO3'" H  N N 62  
APC "H2'"  H  N N 63  
APC "HO2'" H  N N 64  
APC "H1'"  H  N N 65  
APC H8     H  N N 66  
APC HN61   H  N N 67  
APC HN62   H  N N 68  
APC H2     H  N N 69  
ARG N      N  N N 70  
ARG CA     C  N S 71  
ARG C      C  N N 72  
ARG O      O  N N 73  
ARG CB     C  N N 74  
ARG CG     C  N N 75  
ARG CD     C  N N 76  
ARG NE     N  N N 77  
ARG CZ     C  N N 78  
ARG NH1    N  N N 79  
ARG NH2    N  N N 80  
ARG OXT    O  N N 81  
ARG H      H  N N 82  
ARG H2     H  N N 83  
ARG HA     H  N N 84  
ARG HB2    H  N N 85  
ARG HB3    H  N N 86  
ARG HG2    H  N N 87  
ARG HG3    H  N N 88  
ARG HD2    H  N N 89  
ARG HD3    H  N N 90  
ARG HE     H  N N 91  
ARG HH11   H  N N 92  
ARG HH12   H  N N 93  
ARG HH21   H  N N 94  
ARG HH22   H  N N 95  
ARG HXT    H  N N 96  
ASN N      N  N N 97  
ASN CA     C  N S 98  
ASN C      C  N N 99  
ASN O      O  N N 100 
ASN CB     C  N N 101 
ASN CG     C  N N 102 
ASN OD1    O  N N 103 
ASN ND2    N  N N 104 
ASN OXT    O  N N 105 
ASN H      H  N N 106 
ASN H2     H  N N 107 
ASN HA     H  N N 108 
ASN HB2    H  N N 109 
ASN HB3    H  N N 110 
ASN HD21   H  N N 111 
ASN HD22   H  N N 112 
ASN HXT    H  N N 113 
ASP N      N  N N 114 
ASP CA     C  N S 115 
ASP C      C  N N 116 
ASP O      O  N N 117 
ASP CB     C  N N 118 
ASP CG     C  N N 119 
ASP OD1    O  N N 120 
ASP OD2    O  N N 121 
ASP OXT    O  N N 122 
ASP H      H  N N 123 
ASP H2     H  N N 124 
ASP HA     H  N N 125 
ASP HB2    H  N N 126 
ASP HB3    H  N N 127 
ASP HD2    H  N N 128 
ASP HXT    H  N N 129 
CL  CL     CL N N 130 
GLN N      N  N N 131 
GLN CA     C  N S 132 
GLN C      C  N N 133 
GLN O      O  N N 134 
GLN CB     C  N N 135 
GLN CG     C  N N 136 
GLN CD     C  N N 137 
GLN OE1    O  N N 138 
GLN NE2    N  N N 139 
GLN OXT    O  N N 140 
GLN H      H  N N 141 
GLN H2     H  N N 142 
GLN HA     H  N N 143 
GLN HB2    H  N N 144 
GLN HB3    H  N N 145 
GLN HG2    H  N N 146 
GLN HG3    H  N N 147 
GLN HE21   H  N N 148 
GLN HE22   H  N N 149 
GLN HXT    H  N N 150 
GLU N      N  N N 151 
GLU CA     C  N S 152 
GLU C      C  N N 153 
GLU O      O  N N 154 
GLU CB     C  N N 155 
GLU CG     C  N N 156 
GLU CD     C  N N 157 
GLU OE1    O  N N 158 
GLU OE2    O  N N 159 
GLU OXT    O  N N 160 
GLU H      H  N N 161 
GLU H2     H  N N 162 
GLU HA     H  N N 163 
GLU HB2    H  N N 164 
GLU HB3    H  N N 165 
GLU HG2    H  N N 166 
GLU HG3    H  N N 167 
GLU HE2    H  N N 168 
GLU HXT    H  N N 169 
GLY N      N  N N 170 
GLY CA     C  N N 171 
GLY C      C  N N 172 
GLY O      O  N N 173 
GLY OXT    O  N N 174 
GLY H      H  N N 175 
GLY H2     H  N N 176 
GLY HA2    H  N N 177 
GLY HA3    H  N N 178 
GLY HXT    H  N N 179 
HIS N      N  N N 180 
HIS CA     C  N S 181 
HIS C      C  N N 182 
HIS O      O  N N 183 
HIS CB     C  N N 184 
HIS CG     C  Y N 185 
HIS ND1    N  Y N 186 
HIS CD2    C  Y N 187 
HIS CE1    C  Y N 188 
HIS NE2    N  Y N 189 
HIS OXT    O  N N 190 
HIS H      H  N N 191 
HIS H2     H  N N 192 
HIS HA     H  N N 193 
HIS HB2    H  N N 194 
HIS HB3    H  N N 195 
HIS HD1    H  N N 196 
HIS HD2    H  N N 197 
HIS HE1    H  N N 198 
HIS HE2    H  N N 199 
HIS HXT    H  N N 200 
HOH O      O  N N 201 
HOH H1     H  N N 202 
HOH H2     H  N N 203 
ILE N      N  N N 204 
ILE CA     C  N S 205 
ILE C      C  N N 206 
ILE O      O  N N 207 
ILE CB     C  N S 208 
ILE CG1    C  N N 209 
ILE CG2    C  N N 210 
ILE CD1    C  N N 211 
ILE OXT    O  N N 212 
ILE H      H  N N 213 
ILE H2     H  N N 214 
ILE HA     H  N N 215 
ILE HB     H  N N 216 
ILE HG12   H  N N 217 
ILE HG13   H  N N 218 
ILE HG21   H  N N 219 
ILE HG22   H  N N 220 
ILE HG23   H  N N 221 
ILE HD11   H  N N 222 
ILE HD12   H  N N 223 
ILE HD13   H  N N 224 
ILE HXT    H  N N 225 
LEU N      N  N N 226 
LEU CA     C  N S 227 
LEU C      C  N N 228 
LEU O      O  N N 229 
LEU CB     C  N N 230 
LEU CG     C  N N 231 
LEU CD1    C  N N 232 
LEU CD2    C  N N 233 
LEU OXT    O  N N 234 
LEU H      H  N N 235 
LEU H2     H  N N 236 
LEU HA     H  N N 237 
LEU HB2    H  N N 238 
LEU HB3    H  N N 239 
LEU HG     H  N N 240 
LEU HD11   H  N N 241 
LEU HD12   H  N N 242 
LEU HD13   H  N N 243 
LEU HD21   H  N N 244 
LEU HD22   H  N N 245 
LEU HD23   H  N N 246 
LEU HXT    H  N N 247 
LYS N      N  N N 248 
LYS CA     C  N S 249 
LYS C      C  N N 250 
LYS O      O  N N 251 
LYS CB     C  N N 252 
LYS CG     C  N N 253 
LYS CD     C  N N 254 
LYS CE     C  N N 255 
LYS NZ     N  N N 256 
LYS OXT    O  N N 257 
LYS H      H  N N 258 
LYS H2     H  N N 259 
LYS HA     H  N N 260 
LYS HB2    H  N N 261 
LYS HB3    H  N N 262 
LYS HG2    H  N N 263 
LYS HG3    H  N N 264 
LYS HD2    H  N N 265 
LYS HD3    H  N N 266 
LYS HE2    H  N N 267 
LYS HE3    H  N N 268 
LYS HZ1    H  N N 269 
LYS HZ2    H  N N 270 
LYS HZ3    H  N N 271 
LYS HXT    H  N N 272 
MET N      N  N N 273 
MET CA     C  N S 274 
MET C      C  N N 275 
MET O      O  N N 276 
MET CB     C  N N 277 
MET CG     C  N N 278 
MET SD     S  N N 279 
MET CE     C  N N 280 
MET OXT    O  N N 281 
MET H      H  N N 282 
MET H2     H  N N 283 
MET HA     H  N N 284 
MET HB2    H  N N 285 
MET HB3    H  N N 286 
MET HG2    H  N N 287 
MET HG3    H  N N 288 
MET HE1    H  N N 289 
MET HE2    H  N N 290 
MET HE3    H  N N 291 
MET HXT    H  N N 292 
MG  MG     MG N N 293 
PHE N      N  N N 294 
PHE CA     C  N S 295 
PHE C      C  N N 296 
PHE O      O  N N 297 
PHE CB     C  N N 298 
PHE CG     C  Y N 299 
PHE CD1    C  Y N 300 
PHE CD2    C  Y N 301 
PHE CE1    C  Y N 302 
PHE CE2    C  Y N 303 
PHE CZ     C  Y N 304 
PHE OXT    O  N N 305 
PHE H      H  N N 306 
PHE H2     H  N N 307 
PHE HA     H  N N 308 
PHE HB2    H  N N 309 
PHE HB3    H  N N 310 
PHE HD1    H  N N 311 
PHE HD2    H  N N 312 
PHE HE1    H  N N 313 
PHE HE2    H  N N 314 
PHE HZ     H  N N 315 
PHE HXT    H  N N 316 
PRO N      N  N N 317 
PRO CA     C  N S 318 
PRO C      C  N N 319 
PRO O      O  N N 320 
PRO CB     C  N N 321 
PRO CG     C  N N 322 
PRO CD     C  N N 323 
PRO OXT    O  N N 324 
PRO H      H  N N 325 
PRO HA     H  N N 326 
PRO HB2    H  N N 327 
PRO HB3    H  N N 328 
PRO HG2    H  N N 329 
PRO HG3    H  N N 330 
PRO HD2    H  N N 331 
PRO HD3    H  N N 332 
PRO HXT    H  N N 333 
SER N      N  N N 334 
SER CA     C  N S 335 
SER C      C  N N 336 
SER O      O  N N 337 
SER CB     C  N N 338 
SER OG     O  N N 339 
SER OXT    O  N N 340 
SER H      H  N N 341 
SER H2     H  N N 342 
SER HA     H  N N 343 
SER HB2    H  N N 344 
SER HB3    H  N N 345 
SER HG     H  N N 346 
SER HXT    H  N N 347 
THR N      N  N N 348 
THR CA     C  N S 349 
THR C      C  N N 350 
THR O      O  N N 351 
THR CB     C  N R 352 
THR OG1    O  N N 353 
THR CG2    C  N N 354 
THR OXT    O  N N 355 
THR H      H  N N 356 
THR H2     H  N N 357 
THR HA     H  N N 358 
THR HB     H  N N 359 
THR HG1    H  N N 360 
THR HG21   H  N N 361 
THR HG22   H  N N 362 
THR HG23   H  N N 363 
THR HXT    H  N N 364 
TRP N      N  N N 365 
TRP CA     C  N S 366 
TRP C      C  N N 367 
TRP O      O  N N 368 
TRP CB     C  N N 369 
TRP CG     C  Y N 370 
TRP CD1    C  Y N 371 
TRP CD2    C  Y N 372 
TRP NE1    N  Y N 373 
TRP CE2    C  Y N 374 
TRP CE3    C  Y N 375 
TRP CZ2    C  Y N 376 
TRP CZ3    C  Y N 377 
TRP CH2    C  Y N 378 
TRP OXT    O  N N 379 
TRP H      H  N N 380 
TRP H2     H  N N 381 
TRP HA     H  N N 382 
TRP HB2    H  N N 383 
TRP HB3    H  N N 384 
TRP HD1    H  N N 385 
TRP HE1    H  N N 386 
TRP HE3    H  N N 387 
TRP HZ2    H  N N 388 
TRP HZ3    H  N N 389 
TRP HH2    H  N N 390 
TRP HXT    H  N N 391 
TYR N      N  N N 392 
TYR CA     C  N S 393 
TYR C      C  N N 394 
TYR O      O  N N 395 
TYR CB     C  N N 396 
TYR CG     C  Y N 397 
TYR CD1    C  Y N 398 
TYR CD2    C  Y N 399 
TYR CE1    C  Y N 400 
TYR CE2    C  Y N 401 
TYR CZ     C  Y N 402 
TYR OH     O  N N 403 
TYR OXT    O  N N 404 
TYR H      H  N N 405 
TYR H2     H  N N 406 
TYR HA     H  N N 407 
TYR HB2    H  N N 408 
TYR HB3    H  N N 409 
TYR HD1    H  N N 410 
TYR HD2    H  N N 411 
TYR HE1    H  N N 412 
TYR HE2    H  N N 413 
TYR HH     H  N N 414 
TYR HXT    H  N N 415 
VAL N      N  N N 416 
VAL CA     C  N S 417 
VAL C      C  N N 418 
VAL O      O  N N 419 
VAL CB     C  N N 420 
VAL CG1    C  N N 421 
VAL CG2    C  N N 422 
VAL OXT    O  N N 423 
VAL H      H  N N 424 
VAL H2     H  N N 425 
VAL HA     H  N N 426 
VAL HB     H  N N 427 
VAL HG11   H  N N 428 
VAL HG12   H  N N 429 
VAL HG13   H  N N 430 
VAL HG21   H  N N 431 
VAL HG22   H  N N 432 
VAL HG23   H  N N 433 
VAL HXT    H  N N 434 
# 
loop_
_chem_comp_bond.comp_id 
_chem_comp_bond.atom_id_1 
_chem_comp_bond.atom_id_2 
_chem_comp_bond.value_order 
_chem_comp_bond.pdbx_aromatic_flag 
_chem_comp_bond.pdbx_stereo_config 
_chem_comp_bond.pdbx_ordinal 
ACT C     O      doub N N 1   
ACT C     OXT    sing N N 2   
ACT C     CH3    sing N N 3   
ACT CH3   H1     sing N N 4   
ACT CH3   H2     sing N N 5   
ACT CH3   H3     sing N N 6   
ALA N     CA     sing N N 7   
ALA N     H      sing N N 8   
ALA N     H2     sing N N 9   
ALA CA    C      sing N N 10  
ALA CA    CB     sing N N 11  
ALA CA    HA     sing N N 12  
ALA C     O      doub N N 13  
ALA C     OXT    sing N N 14  
ALA CB    HB1    sing N N 15  
ALA CB    HB2    sing N N 16  
ALA CB    HB3    sing N N 17  
ALA OXT   HXT    sing N N 18  
APC PG    O1G    doub N N 19  
APC PG    O2G    sing N N 20  
APC PG    O3G    sing N N 21  
APC PG    O3B    sing N N 22  
APC O2G   HOG2   sing N N 23  
APC O3G   HOG3   sing N N 24  
APC PB    O1B    doub N N 25  
APC PB    O2B    sing N N 26  
APC PB    O3B    sing N N 27  
APC PB    C3A    sing N N 28  
APC O2B   HOB2   sing N N 29  
APC PA    O1A    doub N N 30  
APC PA    O2A    sing N N 31  
APC PA    C3A    sing N N 32  
APC PA    "O5'"  sing N N 33  
APC O2A   HOA2   sing N N 34  
APC C3A   H3A1   sing N N 35  
APC C3A   H3A2   sing N N 36  
APC "O5'" "C5'"  sing N N 37  
APC "C5'" "C4'"  sing N N 38  
APC "C5'" "H5'1" sing N N 39  
APC "C5'" "H5'2" sing N N 40  
APC "C4'" "O4'"  sing N N 41  
APC "C4'" "C3'"  sing N N 42  
APC "C4'" "H4'"  sing N N 43  
APC "O4'" "C1'"  sing N N 44  
APC "C3'" "O3'"  sing N N 45  
APC "C3'" "C2'"  sing N N 46  
APC "C3'" "H3'"  sing N N 47  
APC "O3'" "HO3'" sing N N 48  
APC "C2'" "O2'"  sing N N 49  
APC "C2'" "C1'"  sing N N 50  
APC "C2'" "H2'"  sing N N 51  
APC "O2'" "HO2'" sing N N 52  
APC "C1'" N9     sing N N 53  
APC "C1'" "H1'"  sing N N 54  
APC N9    C8     sing Y N 55  
APC N9    C4     sing Y N 56  
APC C8    N7     doub Y N 57  
APC C8    H8     sing N N 58  
APC N7    C5     sing Y N 59  
APC C5    C6     sing Y N 60  
APC C5    C4     doub Y N 61  
APC C6    N6     sing N N 62  
APC C6    N1     doub Y N 63  
APC N6    HN61   sing N N 64  
APC N6    HN62   sing N N 65  
APC N1    C2     sing Y N 66  
APC C2    N3     doub Y N 67  
APC C2    H2     sing N N 68  
APC N3    C4     sing Y N 69  
ARG N     CA     sing N N 70  
ARG N     H      sing N N 71  
ARG N     H2     sing N N 72  
ARG CA    C      sing N N 73  
ARG CA    CB     sing N N 74  
ARG CA    HA     sing N N 75  
ARG C     O      doub N N 76  
ARG C     OXT    sing N N 77  
ARG CB    CG     sing N N 78  
ARG CB    HB2    sing N N 79  
ARG CB    HB3    sing N N 80  
ARG CG    CD     sing N N 81  
ARG CG    HG2    sing N N 82  
ARG CG    HG3    sing N N 83  
ARG CD    NE     sing N N 84  
ARG CD    HD2    sing N N 85  
ARG CD    HD3    sing N N 86  
ARG NE    CZ     sing N N 87  
ARG NE    HE     sing N N 88  
ARG CZ    NH1    sing N N 89  
ARG CZ    NH2    doub N N 90  
ARG NH1   HH11   sing N N 91  
ARG NH1   HH12   sing N N 92  
ARG NH2   HH21   sing N N 93  
ARG NH2   HH22   sing N N 94  
ARG OXT   HXT    sing N N 95  
ASN N     CA     sing N N 96  
ASN N     H      sing N N 97  
ASN N     H2     sing N N 98  
ASN CA    C      sing N N 99  
ASN CA    CB     sing N N 100 
ASN CA    HA     sing N N 101 
ASN C     O      doub N N 102 
ASN C     OXT    sing N N 103 
ASN CB    CG     sing N N 104 
ASN CB    HB2    sing N N 105 
ASN CB    HB3    sing N N 106 
ASN CG    OD1    doub N N 107 
ASN CG    ND2    sing N N 108 
ASN ND2   HD21   sing N N 109 
ASN ND2   HD22   sing N N 110 
ASN OXT   HXT    sing N N 111 
ASP N     CA     sing N N 112 
ASP N     H      sing N N 113 
ASP N     H2     sing N N 114 
ASP CA    C      sing N N 115 
ASP CA    CB     sing N N 116 
ASP CA    HA     sing N N 117 
ASP C     O      doub N N 118 
ASP C     OXT    sing N N 119 
ASP CB    CG     sing N N 120 
ASP CB    HB2    sing N N 121 
ASP CB    HB3    sing N N 122 
ASP CG    OD1    doub N N 123 
ASP CG    OD2    sing N N 124 
ASP OD2   HD2    sing N N 125 
ASP OXT   HXT    sing N N 126 
GLN N     CA     sing N N 127 
GLN N     H      sing N N 128 
GLN N     H2     sing N N 129 
GLN CA    C      sing N N 130 
GLN CA    CB     sing N N 131 
GLN CA    HA     sing N N 132 
GLN C     O      doub N N 133 
GLN C     OXT    sing N N 134 
GLN CB    CG     sing N N 135 
GLN CB    HB2    sing N N 136 
GLN CB    HB3    sing N N 137 
GLN CG    CD     sing N N 138 
GLN CG    HG2    sing N N 139 
GLN CG    HG3    sing N N 140 
GLN CD    OE1    doub N N 141 
GLN CD    NE2    sing N N 142 
GLN NE2   HE21   sing N N 143 
GLN NE2   HE22   sing N N 144 
GLN OXT   HXT    sing N N 145 
GLU N     CA     sing N N 146 
GLU N     H      sing N N 147 
GLU N     H2     sing N N 148 
GLU CA    C      sing N N 149 
GLU CA    CB     sing N N 150 
GLU CA    HA     sing N N 151 
GLU C     O      doub N N 152 
GLU C     OXT    sing N N 153 
GLU CB    CG     sing N N 154 
GLU CB    HB2    sing N N 155 
GLU CB    HB3    sing N N 156 
GLU CG    CD     sing N N 157 
GLU CG    HG2    sing N N 158 
GLU CG    HG3    sing N N 159 
GLU CD    OE1    doub N N 160 
GLU CD    OE2    sing N N 161 
GLU OE2   HE2    sing N N 162 
GLU OXT   HXT    sing N N 163 
GLY N     CA     sing N N 164 
GLY N     H      sing N N 165 
GLY N     H2     sing N N 166 
GLY CA    C      sing N N 167 
GLY CA    HA2    sing N N 168 
GLY CA    HA3    sing N N 169 
GLY C     O      doub N N 170 
GLY C     OXT    sing N N 171 
GLY OXT   HXT    sing N N 172 
HIS N     CA     sing N N 173 
HIS N     H      sing N N 174 
HIS N     H2     sing N N 175 
HIS CA    C      sing N N 176 
HIS CA    CB     sing N N 177 
HIS CA    HA     sing N N 178 
HIS C     O      doub N N 179 
HIS C     OXT    sing N N 180 
HIS CB    CG     sing N N 181 
HIS CB    HB2    sing N N 182 
HIS CB    HB3    sing N N 183 
HIS CG    ND1    sing Y N 184 
HIS CG    CD2    doub Y N 185 
HIS ND1   CE1    doub Y N 186 
HIS ND1   HD1    sing N N 187 
HIS CD2   NE2    sing Y N 188 
HIS CD2   HD2    sing N N 189 
HIS CE1   NE2    sing Y N 190 
HIS CE1   HE1    sing N N 191 
HIS NE2   HE2    sing N N 192 
HIS OXT   HXT    sing N N 193 
HOH O     H1     sing N N 194 
HOH O     H2     sing N N 195 
ILE N     CA     sing N N 196 
ILE N     H      sing N N 197 
ILE N     H2     sing N N 198 
ILE CA    C      sing N N 199 
ILE CA    CB     sing N N 200 
ILE CA    HA     sing N N 201 
ILE C     O      doub N N 202 
ILE C     OXT    sing N N 203 
ILE CB    CG1    sing N N 204 
ILE CB    CG2    sing N N 205 
ILE CB    HB     sing N N 206 
ILE CG1   CD1    sing N N 207 
ILE CG1   HG12   sing N N 208 
ILE CG1   HG13   sing N N 209 
ILE CG2   HG21   sing N N 210 
ILE CG2   HG22   sing N N 211 
ILE CG2   HG23   sing N N 212 
ILE CD1   HD11   sing N N 213 
ILE CD1   HD12   sing N N 214 
ILE CD1   HD13   sing N N 215 
ILE OXT   HXT    sing N N 216 
LEU N     CA     sing N N 217 
LEU N     H      sing N N 218 
LEU N     H2     sing N N 219 
LEU CA    C      sing N N 220 
LEU CA    CB     sing N N 221 
LEU CA    HA     sing N N 222 
LEU C     O      doub N N 223 
LEU C     OXT    sing N N 224 
LEU CB    CG     sing N N 225 
LEU CB    HB2    sing N N 226 
LEU CB    HB3    sing N N 227 
LEU CG    CD1    sing N N 228 
LEU CG    CD2    sing N N 229 
LEU CG    HG     sing N N 230 
LEU CD1   HD11   sing N N 231 
LEU CD1   HD12   sing N N 232 
LEU CD1   HD13   sing N N 233 
LEU CD2   HD21   sing N N 234 
LEU CD2   HD22   sing N N 235 
LEU CD2   HD23   sing N N 236 
LEU OXT   HXT    sing N N 237 
LYS N     CA     sing N N 238 
LYS N     H      sing N N 239 
LYS N     H2     sing N N 240 
LYS CA    C      sing N N 241 
LYS CA    CB     sing N N 242 
LYS CA    HA     sing N N 243 
LYS C     O      doub N N 244 
LYS C     OXT    sing N N 245 
LYS CB    CG     sing N N 246 
LYS CB    HB2    sing N N 247 
LYS CB    HB3    sing N N 248 
LYS CG    CD     sing N N 249 
LYS CG    HG2    sing N N 250 
LYS CG    HG3    sing N N 251 
LYS CD    CE     sing N N 252 
LYS CD    HD2    sing N N 253 
LYS CD    HD3    sing N N 254 
LYS CE    NZ     sing N N 255 
LYS CE    HE2    sing N N 256 
LYS CE    HE3    sing N N 257 
LYS NZ    HZ1    sing N N 258 
LYS NZ    HZ2    sing N N 259 
LYS NZ    HZ3    sing N N 260 
LYS OXT   HXT    sing N N 261 
MET N     CA     sing N N 262 
MET N     H      sing N N 263 
MET N     H2     sing N N 264 
MET CA    C      sing N N 265 
MET CA    CB     sing N N 266 
MET CA    HA     sing N N 267 
MET C     O      doub N N 268 
MET C     OXT    sing N N 269 
MET CB    CG     sing N N 270 
MET CB    HB2    sing N N 271 
MET CB    HB3    sing N N 272 
MET CG    SD     sing N N 273 
MET CG    HG2    sing N N 274 
MET CG    HG3    sing N N 275 
MET SD    CE     sing N N 276 
MET CE    HE1    sing N N 277 
MET CE    HE2    sing N N 278 
MET CE    HE3    sing N N 279 
MET OXT   HXT    sing N N 280 
PHE N     CA     sing N N 281 
PHE N     H      sing N N 282 
PHE N     H2     sing N N 283 
PHE CA    C      sing N N 284 
PHE CA    CB     sing N N 285 
PHE CA    HA     sing N N 286 
PHE C     O      doub N N 287 
PHE C     OXT    sing N N 288 
PHE CB    CG     sing N N 289 
PHE CB    HB2    sing N N 290 
PHE CB    HB3    sing N N 291 
PHE CG    CD1    doub Y N 292 
PHE CG    CD2    sing Y N 293 
PHE CD1   CE1    sing Y N 294 
PHE CD1   HD1    sing N N 295 
PHE CD2   CE2    doub Y N 296 
PHE CD2   HD2    sing N N 297 
PHE CE1   CZ     doub Y N 298 
PHE CE1   HE1    sing N N 299 
PHE CE2   CZ     sing Y N 300 
PHE CE2   HE2    sing N N 301 
PHE CZ    HZ     sing N N 302 
PHE OXT   HXT    sing N N 303 
PRO N     CA     sing N N 304 
PRO N     CD     sing N N 305 
PRO N     H      sing N N 306 
PRO CA    C      sing N N 307 
PRO CA    CB     sing N N 308 
PRO CA    HA     sing N N 309 
PRO C     O      doub N N 310 
PRO C     OXT    sing N N 311 
PRO CB    CG     sing N N 312 
PRO CB    HB2    sing N N 313 
PRO CB    HB3    sing N N 314 
PRO CG    CD     sing N N 315 
PRO CG    HG2    sing N N 316 
PRO CG    HG3    sing N N 317 
PRO CD    HD2    sing N N 318 
PRO CD    HD3    sing N N 319 
PRO OXT   HXT    sing N N 320 
SER N     CA     sing N N 321 
SER N     H      sing N N 322 
SER N     H2     sing N N 323 
SER CA    C      sing N N 324 
SER CA    CB     sing N N 325 
SER CA    HA     sing N N 326 
SER C     O      doub N N 327 
SER C     OXT    sing N N 328 
SER CB    OG     sing N N 329 
SER CB    HB2    sing N N 330 
SER CB    HB3    sing N N 331 
SER OG    HG     sing N N 332 
SER OXT   HXT    sing N N 333 
THR N     CA     sing N N 334 
THR N     H      sing N N 335 
THR N     H2     sing N N 336 
THR CA    C      sing N N 337 
THR CA    CB     sing N N 338 
THR CA    HA     sing N N 339 
THR C     O      doub N N 340 
THR C     OXT    sing N N 341 
THR CB    OG1    sing N N 342 
THR CB    CG2    sing N N 343 
THR CB    HB     sing N N 344 
THR OG1   HG1    sing N N 345 
THR CG2   HG21   sing N N 346 
THR CG2   HG22   sing N N 347 
THR CG2   HG23   sing N N 348 
THR OXT   HXT    sing N N 349 
TRP N     CA     sing N N 350 
TRP N     H      sing N N 351 
TRP N     H2     sing N N 352 
TRP CA    C      sing N N 353 
TRP CA    CB     sing N N 354 
TRP CA    HA     sing N N 355 
TRP C     O      doub N N 356 
TRP C     OXT    sing N N 357 
TRP CB    CG     sing N N 358 
TRP CB    HB2    sing N N 359 
TRP CB    HB3    sing N N 360 
TRP CG    CD1    doub Y N 361 
TRP CG    CD2    sing Y N 362 
TRP CD1   NE1    sing Y N 363 
TRP CD1   HD1    sing N N 364 
TRP CD2   CE2    doub Y N 365 
TRP CD2   CE3    sing Y N 366 
TRP NE1   CE2    sing Y N 367 
TRP NE1   HE1    sing N N 368 
TRP CE2   CZ2    sing Y N 369 
TRP CE3   CZ3    doub Y N 370 
TRP CE3   HE3    sing N N 371 
TRP CZ2   CH2    doub Y N 372 
TRP CZ2   HZ2    sing N N 373 
TRP CZ3   CH2    sing Y N 374 
TRP CZ3   HZ3    sing N N 375 
TRP CH2   HH2    sing N N 376 
TRP OXT   HXT    sing N N 377 
TYR N     CA     sing N N 378 
TYR N     H      sing N N 379 
TYR N     H2     sing N N 380 
TYR CA    C      sing N N 381 
TYR CA    CB     sing N N 382 
TYR CA    HA     sing N N 383 
TYR C     O      doub N N 384 
TYR C     OXT    sing N N 385 
TYR CB    CG     sing N N 386 
TYR CB    HB2    sing N N 387 
TYR CB    HB3    sing N N 388 
TYR CG    CD1    doub Y N 389 
TYR CG    CD2    sing Y N 390 
TYR CD1   CE1    sing Y N 391 
TYR CD1   HD1    sing N N 392 
TYR CD2   CE2    doub Y N 393 
TYR CD2   HD2    sing N N 394 
TYR CE1   CZ     doub Y N 395 
TYR CE1   HE1    sing N N 396 
TYR CE2   CZ     sing Y N 397 
TYR CE2   HE2    sing N N 398 
TYR CZ    OH     sing N N 399 
TYR OH    HH     sing N N 400 
TYR OXT   HXT    sing N N 401 
VAL N     CA     sing N N 402 
VAL N     H      sing N N 403 
VAL N     H2     sing N N 404 
VAL CA    C      sing N N 405 
VAL CA    CB     sing N N 406 
VAL CA    HA     sing N N 407 
VAL C     O      doub N N 408 
VAL C     OXT    sing N N 409 
VAL CB    CG1    sing N N 410 
VAL CB    CG2    sing N N 411 
VAL CB    HB     sing N N 412 
VAL CG1   HG11   sing N N 413 
VAL CG1   HG12   sing N N 414 
VAL CG1   HG13   sing N N 415 
VAL CG2   HG21   sing N N 416 
VAL CG2   HG22   sing N N 417 
VAL CG2   HG23   sing N N 418 
VAL OXT   HXT    sing N N 419 
# 
loop_
_pdbx_entity_nonpoly.entity_id 
_pdbx_entity_nonpoly.name 
_pdbx_entity_nonpoly.comp_id 
2 'MAGNESIUM ION'                                 MG  
3 'DIPHOSPHOMETHYLPHOSPHONIC ACID ADENOSYL ESTER' APC 
4 'CHLORIDE ION'                                  CL  
5 'ACETATE ION'                                   ACT 
6 water                                           HOH 
# 
_pdbx_initial_refinement_model.id               1 
_pdbx_initial_refinement_model.entity_id_list   ? 
_pdbx_initial_refinement_model.type             'experimental model' 
_pdbx_initial_refinement_model.source_name      PDB 
_pdbx_initial_refinement_model.accession_code   1Q0N 
_pdbx_initial_refinement_model.details          'PDB entry 1Q0N' 
# 
